data_3FTB
#
_entry.id   3FTB
#
_cell.length_a   66.556
_cell.length_b   121.663
_cell.length_c   94.185
_cell.angle_alpha   90.00
_cell.angle_beta   90.09
_cell.angle_gamma   90.00
#
_symmetry.space_group_name_H-M   'P 1 21 1'
#
loop_
_entity.id
_entity.type
_entity.pdbx_description
1 polymer 'Histidinol-phosphate aminotransferase'
2 non-polymer 'PHOSPHATE ION'
3 water water
#
_entity_poly.entity_id   1
_entity_poly.type   'polypeptide(L)'
_entity_poly.pdbx_seq_one_letter_code
;MYQKFKGGDLMIHGGDIYTEGVFKGRELLDYSSNINPLGIPKSFLNNIDEGIKNLGVYPDVNYRRLNKSIENYLKLKDIG
IVLGNGASEIIELSISLFEKILIIVPSYAEYEINAKKHGVSVVFSYLDENMCIDYEDIISKIDDVDSVIIGNPNNPNGGL
INKEKFIHVLKLAEEKKKTIIIDEAFIEFTGDPSSSFVGEIKNYSCLFIIRAMTKFFAMPGIRFGYGITNNKEIAAKIKA
KQNPWNINCFAEMAAINCLKDTNYIEESLLWIKKERKRFIEELNKIGFIKRVFSPHANFVLCRLENISGEKLYDSLLKED
IVIRRCCNFIGLDDSFVRFAIKDEKKNTKFLRALKGVENNL
;
_entity_poly.pdbx_strand_id   A,B,D,E
#
# COMPACT_ATOMS: atom_id res chain seq x y z
N LEU A 28 16.47 -16.55 -32.45
CA LEU A 28 17.87 -16.41 -32.06
C LEU A 28 18.20 -17.13 -30.75
N LEU A 29 18.79 -18.33 -30.85
CA LEU A 29 19.34 -19.03 -29.70
C LEU A 29 20.77 -18.56 -29.40
N ASP A 30 20.97 -17.94 -28.24
CA ASP A 30 22.31 -17.51 -27.84
C ASP A 30 23.00 -18.55 -26.94
N TYR A 31 23.90 -19.32 -27.53
CA TYR A 31 24.67 -20.34 -26.84
C TYR A 31 26.00 -19.80 -26.33
N SER A 32 26.21 -18.50 -26.51
CA SER A 32 27.27 -17.79 -25.80
C SER A 32 26.76 -17.21 -24.46
N SER A 33 25.43 -17.24 -24.26
CA SER A 33 24.84 -16.81 -23.00
C SER A 33 24.53 -17.96 -22.04
N ASN A 34 25.01 -17.84 -20.80
CA ASN A 34 24.80 -18.88 -19.80
C ASN A 34 23.88 -18.44 -18.66
N ILE A 35 22.71 -17.94 -19.01
CA ILE A 35 21.71 -17.61 -18.01
C ILE A 35 20.76 -18.79 -17.91
N ASN A 36 20.23 -19.00 -16.70
CA ASN A 36 19.29 -20.08 -16.42
C ASN A 36 18.05 -19.98 -17.31
N PRO A 37 17.70 -21.09 -17.98
CA PRO A 37 16.61 -21.15 -18.95
C PRO A 37 15.24 -21.26 -18.26
N LEU A 38 15.24 -21.73 -17.02
CA LEU A 38 14.01 -21.91 -16.27
C LEU A 38 13.42 -20.59 -15.79
N GLY A 39 13.94 -19.48 -16.32
CA GLY A 39 13.39 -18.16 -16.11
C GLY A 39 13.50 -17.57 -14.71
N ILE A 40 12.88 -16.40 -14.56
CA ILE A 40 12.86 -15.64 -13.31
C ILE A 40 12.09 -16.38 -12.22
N PRO A 41 12.67 -16.45 -11.00
CA PRO A 41 12.00 -17.12 -9.88
C PRO A 41 10.58 -16.60 -9.67
N LYS A 42 9.66 -17.53 -9.46
CA LYS A 42 8.27 -17.18 -9.33
C LYS A 42 8.08 -16.30 -8.09
N SER A 43 9.08 -16.31 -7.21
CA SER A 43 9.00 -15.55 -5.96
C SER A 43 9.35 -14.08 -6.13
N PHE A 44 9.83 -13.72 -7.31
CA PHE A 44 10.12 -12.32 -7.57
C PHE A 44 8.87 -11.59 -8.01
N LEU A 45 8.07 -12.24 -8.85
CA LEU A 45 6.77 -11.73 -9.25
C LEU A 45 5.94 -11.52 -7.99
N ASN A 46 5.88 -12.54 -7.14
CA ASN A 46 5.01 -12.54 -5.97
C ASN A 46 5.28 -11.39 -4.99
N ASN A 47 6.50 -10.86 -5.00
CA ASN A 47 6.85 -9.76 -4.11
C ASN A 47 7.20 -8.47 -4.83
N ILE A 48 6.69 -8.30 -6.05
CA ILE A 48 6.95 -7.09 -6.82
C ILE A 48 6.35 -5.86 -6.13
N ASP A 49 5.30 -6.08 -5.34
CA ASP A 49 4.69 -4.99 -4.59
C ASP A 49 5.70 -4.41 -3.62
N GLU A 50 6.36 -5.29 -2.87
CA GLU A 50 7.40 -4.89 -1.95
C GLU A 50 8.39 -3.98 -2.66
N GLY A 51 8.91 -4.45 -3.79
CA GLY A 51 9.85 -3.69 -4.59
C GLY A 51 9.36 -2.31 -4.98
N ILE A 52 8.17 -2.24 -5.58
CA ILE A 52 7.58 -0.96 -5.97
C ILE A 52 7.40 0.03 -4.81
N LYS A 53 6.96 -0.48 -3.66
CA LYS A 53 6.74 0.35 -2.48
C LYS A 53 8.02 1.10 -2.11
N ASN A 54 9.10 0.34 -2.00
CA ASN A 54 10.37 0.89 -1.56
C ASN A 54 11.03 1.78 -2.62
N LEU A 55 10.40 1.87 -3.80
CA LEU A 55 10.89 2.79 -4.84
C LEU A 55 10.99 4.18 -4.28
N GLY A 56 10.07 4.52 -3.38
CA GLY A 56 9.88 5.88 -2.93
C GLY A 56 10.86 6.32 -1.86
N VAL A 57 11.62 5.38 -1.31
CA VAL A 57 12.57 5.73 -0.25
C VAL A 57 13.95 5.09 -0.44
N TYR A 58 14.95 5.68 0.20
CA TYR A 58 16.29 5.12 0.22
C TYR A 58 16.31 3.83 1.04
N PRO A 59 16.98 2.80 0.53
CA PRO A 59 17.09 1.55 1.30
C PRO A 59 17.87 1.83 2.58
N ASP A 60 17.94 0.87 3.48
CA ASP A 60 18.79 0.97 4.66
C ASP A 60 20.22 1.16 4.17
N VAL A 61 20.91 2.19 4.64
CA VAL A 61 22.30 2.41 4.23
C VAL A 61 23.22 1.26 4.67
N ASN A 62 22.72 0.41 5.57
CA ASN A 62 23.49 -0.76 6.05
C ASN A 62 22.98 -2.09 5.51
N TYR A 63 21.82 -2.08 4.86
CA TYR A 63 21.25 -3.27 4.23
C TYR A 63 21.12 -4.50 5.14
N ARG A 64 20.80 -4.27 6.42
CA ARG A 64 20.74 -5.37 7.40
C ARG A 64 19.82 -6.52 6.99
N ARG A 65 18.65 -6.21 6.45
CA ARG A 65 17.70 -7.26 6.08
C ARG A 65 18.20 -8.06 4.87
N LEU A 66 18.92 -7.40 3.97
CA LEU A 66 19.51 -8.08 2.83
C LEU A 66 20.60 -9.06 3.31
N ASN A 67 21.52 -8.53 4.12
CA ASN A 67 22.61 -9.32 4.64
C ASN A 67 22.14 -10.55 5.41
N LYS A 68 21.04 -10.41 6.16
CA LYS A 68 20.46 -11.52 6.91
C LYS A 68 19.97 -12.65 5.99
N SER A 69 19.42 -12.29 4.83
CA SER A 69 18.95 -13.29 3.89
C SER A 69 20.10 -14.13 3.35
N ILE A 70 21.17 -13.45 2.93
CA ILE A 70 22.39 -14.10 2.47
C ILE A 70 23.00 -14.98 3.58
N GLU A 71 23.07 -14.42 4.79
CA GLU A 71 23.57 -15.18 5.94
C GLU A 71 22.77 -16.45 6.13
N ASN A 72 21.47 -16.37 5.87
CA ASN A 72 20.57 -17.51 6.04
C ASN A 72 20.70 -18.44 4.85
N TYR A 73 21.06 -17.86 3.71
CA TYR A 73 21.22 -18.60 2.49
C TYR A 73 22.48 -19.43 2.60
N LEU A 74 23.51 -18.84 3.19
CA LEU A 74 24.79 -19.51 3.33
C LEU A 74 24.97 -20.19 4.70
N LYS A 75 24.00 -20.01 5.59
CA LYS A 75 24.11 -20.53 6.96
C LYS A 75 25.44 -20.13 7.58
N LEU A 76 25.71 -18.83 7.58
CA LEU A 76 26.93 -18.29 8.19
C LEU A 76 26.64 -16.95 8.84
N LYS A 77 27.17 -16.74 10.03
CA LYS A 77 27.07 -15.47 10.73
C LYS A 77 28.48 -14.92 11.01
N ASP A 78 28.54 -13.67 11.48
CA ASP A 78 29.81 -13.01 11.81
C ASP A 78 30.81 -13.15 10.67
N ILE A 79 30.38 -12.76 9.47
CA ILE A 79 31.23 -12.76 8.28
C ILE A 79 31.18 -11.40 7.62
N GLY A 80 32.21 -11.06 6.88
CA GLY A 80 32.16 -9.87 6.05
C GLY A 80 31.25 -10.15 4.86
N ILE A 81 30.42 -9.16 4.52
CA ILE A 81 29.56 -9.24 3.36
C ILE A 81 29.68 -7.94 2.58
N VAL A 82 29.96 -8.04 1.28
CA VAL A 82 30.06 -6.86 0.44
C VAL A 82 29.04 -6.97 -0.66
N LEU A 83 28.25 -5.91 -0.83
CA LEU A 83 27.17 -5.88 -1.83
C LEU A 83 27.67 -5.20 -3.10
N GLY A 84 27.27 -5.75 -4.24
CA GLY A 84 27.71 -5.19 -5.50
C GLY A 84 26.61 -5.05 -6.52
N ASN A 85 26.68 -3.98 -7.28
CA ASN A 85 25.89 -3.81 -8.48
C ASN A 85 26.37 -4.84 -9.49
N GLY A 86 25.98 -6.10 -9.29
CA GLY A 86 26.47 -7.22 -10.07
C GLY A 86 27.70 -7.84 -9.40
N ALA A 87 28.04 -9.08 -9.76
CA ALA A 87 29.30 -9.66 -9.30
C ALA A 87 30.50 -8.87 -9.86
N SER A 88 30.30 -8.24 -11.01
CA SER A 88 31.34 -7.46 -11.67
C SER A 88 32.05 -6.54 -10.72
N GLU A 89 31.27 -5.86 -9.87
CA GLU A 89 31.82 -4.84 -9.00
C GLU A 89 32.80 -5.47 -8.02
N ILE A 90 32.48 -6.68 -7.59
CA ILE A 90 33.24 -7.36 -6.54
C ILE A 90 34.55 -7.94 -7.07
N ILE A 91 34.50 -8.51 -8.28
CA ILE A 91 35.68 -8.99 -8.97
C ILE A 91 36.71 -7.87 -9.13
N GLU A 92 36.27 -6.78 -9.74
CA GLU A 92 37.12 -5.60 -9.89
C GLU A 92 37.67 -5.12 -8.55
N LEU A 93 36.78 -4.87 -7.59
CA LEU A 93 37.15 -4.28 -6.30
C LEU A 93 38.09 -5.14 -5.47
N SER A 94 37.81 -6.44 -5.41
CA SER A 94 38.68 -7.33 -4.66
C SER A 94 40.06 -7.40 -5.28
N ILE A 95 40.13 -7.26 -6.60
CA ILE A 95 41.41 -7.29 -7.29
C ILE A 95 42.09 -5.91 -7.18
N SER A 96 41.29 -4.88 -7.00
CA SER A 96 41.80 -3.51 -6.86
C SER A 96 42.66 -3.35 -5.61
N LEU A 97 42.58 -4.34 -4.72
CA LEU A 97 43.21 -4.25 -3.40
C LEU A 97 44.68 -4.65 -3.41
N PHE A 98 45.10 -5.39 -4.43
CA PHE A 98 46.46 -5.95 -4.43
C PHE A 98 47.33 -5.40 -5.54
N GLU A 99 48.63 -5.58 -5.38
CA GLU A 99 49.61 -5.08 -6.35
C GLU A 99 50.21 -6.20 -7.23
N LYS A 100 49.73 -7.43 -7.03
CA LYS A 100 50.16 -8.57 -7.84
C LYS A 100 49.27 -9.79 -7.61
N ILE A 101 48.81 -10.41 -8.70
CA ILE A 101 47.92 -11.55 -8.59
C ILE A 101 48.31 -12.71 -9.50
N LEU A 102 48.08 -13.93 -9.04
CA LEU A 102 48.17 -15.12 -9.87
C LEU A 102 46.80 -15.39 -10.48
N ILE A 103 46.69 -15.32 -11.80
CA ILE A 103 45.43 -15.66 -12.46
C ILE A 103 45.55 -17.03 -13.10
N ILE A 104 44.68 -17.94 -12.67
CA ILE A 104 44.61 -19.26 -13.26
C ILE A 104 43.86 -19.11 -14.57
N VAL A 105 44.42 -19.67 -15.63
CA VAL A 105 43.96 -19.36 -16.97
C VAL A 105 44.15 -20.63 -17.85
N PRO A 106 43.27 -20.86 -18.85
CA PRO A 106 42.14 -20.02 -19.28
C PRO A 106 41.22 -19.60 -18.12
N SER A 107 40.58 -18.44 -18.25
CA SER A 107 39.57 -18.02 -17.28
C SER A 107 38.75 -16.83 -17.78
N TYR A 108 37.72 -16.48 -17.04
CA TYR A 108 36.86 -15.34 -17.36
C TYR A 108 37.70 -14.08 -17.59
N ALA A 109 37.55 -13.49 -18.78
CA ALA A 109 38.32 -12.34 -19.23
C ALA A 109 38.46 -11.24 -18.18
N GLU A 110 37.39 -10.99 -17.42
CA GLU A 110 37.35 -9.90 -16.43
C GLU A 110 38.43 -9.94 -15.32
N TYR A 111 38.97 -11.11 -15.00
CA TYR A 111 40.01 -11.13 -13.97
C TYR A 111 41.18 -10.23 -14.39
N GLU A 112 41.74 -10.48 -15.58
CA GLU A 112 42.90 -9.74 -16.10
C GLU A 112 42.58 -8.32 -16.58
N ILE A 113 41.40 -8.14 -17.15
CA ILE A 113 40.94 -6.82 -17.55
C ILE A 113 41.06 -5.89 -16.35
N ASN A 114 40.42 -6.29 -15.26
CA ASN A 114 40.36 -5.46 -14.05
C ASN A 114 41.73 -5.25 -13.41
N ALA A 115 42.53 -6.30 -13.38
CA ALA A 115 43.90 -6.19 -12.92
C ALA A 115 44.61 -5.03 -13.62
N LYS A 116 44.70 -5.10 -14.95
CA LYS A 116 45.25 -4.01 -15.74
C LYS A 116 44.58 -2.69 -15.41
N LYS A 117 43.25 -2.73 -15.24
CA LYS A 117 42.46 -1.54 -14.90
C LYS A 117 42.91 -0.87 -13.60
N HIS A 118 43.58 -1.62 -12.73
CA HIS A 118 43.98 -1.10 -11.43
C HIS A 118 45.48 -1.23 -11.18
N GLY A 119 46.25 -1.46 -12.23
CA GLY A 119 47.71 -1.55 -12.12
C GLY A 119 48.26 -2.73 -11.34
N VAL A 120 47.49 -3.81 -11.24
CA VAL A 120 47.94 -5.00 -10.54
C VAL A 120 48.87 -5.82 -11.43
N SER A 121 49.97 -6.31 -10.85
CA SER A 121 50.88 -7.20 -11.58
C SER A 121 50.24 -8.57 -11.79
N VAL A 122 50.44 -9.13 -12.96
CA VAL A 122 49.82 -10.41 -13.31
C VAL A 122 50.82 -11.52 -13.53
N VAL A 123 50.56 -12.65 -12.88
CA VAL A 123 51.34 -13.86 -13.04
C VAL A 123 50.36 -14.97 -13.39
N PHE A 124 50.63 -15.75 -14.44
CA PHE A 124 49.68 -16.77 -14.88
C PHE A 124 49.99 -18.19 -14.38
N SER A 125 48.93 -18.95 -14.11
CA SER A 125 49.05 -20.39 -13.92
C SER A 125 48.09 -21.09 -14.88
N TYR A 126 48.64 -21.94 -15.74
CA TYR A 126 47.85 -22.55 -16.81
C TYR A 126 47.27 -23.90 -16.43
N LEU A 127 45.97 -24.09 -16.71
CA LEU A 127 45.40 -25.43 -16.70
C LEU A 127 46.18 -26.30 -17.67
N ASP A 128 46.34 -27.57 -17.33
CA ASP A 128 47.07 -28.48 -18.19
C ASP A 128 46.26 -28.84 -19.44
N GLU A 129 46.69 -29.88 -20.16
CA GLU A 129 46.03 -30.28 -21.40
C GLU A 129 44.60 -30.79 -21.17
N ASN A 130 44.33 -31.27 -19.96
CA ASN A 130 43.02 -31.83 -19.63
C ASN A 130 42.07 -30.81 -18.98
N MET A 131 42.51 -29.55 -18.98
CA MET A 131 41.83 -28.46 -18.26
C MET A 131 41.79 -28.72 -16.75
N CYS A 132 42.89 -29.29 -16.23
CA CYS A 132 43.09 -29.48 -14.79
C CYS A 132 44.01 -28.44 -14.22
N ILE A 133 43.67 -27.95 -13.03
CA ILE A 133 44.53 -27.03 -12.28
C ILE A 133 45.90 -27.67 -12.07
N ASP A 134 46.94 -26.86 -12.19
CA ASP A 134 48.28 -27.29 -11.81
C ASP A 134 48.51 -26.88 -10.35
N TYR A 135 47.92 -27.62 -9.43
CA TYR A 135 47.95 -27.23 -8.01
C TYR A 135 49.37 -27.00 -7.55
N GLU A 136 50.26 -27.86 -7.98
CA GLU A 136 51.67 -27.78 -7.60
C GLU A 136 52.32 -26.52 -8.13
N ASP A 137 51.77 -25.97 -9.22
CA ASP A 137 52.25 -24.71 -9.77
C ASP A 137 51.73 -23.52 -8.98
N ILE A 138 50.45 -23.56 -8.63
CA ILE A 138 49.88 -22.53 -7.76
C ILE A 138 50.74 -22.44 -6.50
N ILE A 139 51.04 -23.59 -5.91
CA ILE A 139 51.93 -23.66 -4.76
C ILE A 139 53.26 -22.97 -5.04
N SER A 140 53.93 -23.38 -6.12
CA SER A 140 55.27 -22.92 -6.43
C SER A 140 55.33 -21.44 -6.82
N LYS A 141 54.17 -20.78 -6.83
CA LYS A 141 54.09 -19.38 -7.24
C LYS A 141 53.53 -18.48 -6.14
N ILE A 142 53.06 -19.08 -5.05
CA ILE A 142 52.28 -18.33 -4.08
C ILE A 142 53.08 -17.36 -3.22
N ASP A 143 54.40 -17.48 -3.20
CA ASP A 143 55.26 -16.45 -2.61
C ASP A 143 55.60 -15.35 -3.62
N ASP A 144 55.25 -15.55 -4.88
CA ASP A 144 55.53 -14.57 -5.92
C ASP A 144 54.47 -13.46 -5.99
N VAL A 145 53.32 -13.72 -5.37
CA VAL A 145 52.17 -12.84 -5.52
C VAL A 145 51.55 -12.45 -4.18
N ASP A 146 50.60 -11.52 -4.23
CA ASP A 146 49.89 -11.08 -3.04
C ASP A 146 48.55 -11.78 -2.95
N SER A 147 48.11 -12.34 -4.07
CA SER A 147 46.79 -12.94 -4.17
C SER A 147 46.63 -13.92 -5.35
N VAL A 148 45.56 -14.71 -5.29
CA VAL A 148 45.18 -15.63 -6.36
C VAL A 148 43.70 -15.41 -6.62
N ILE A 149 43.28 -15.52 -7.87
CA ILE A 149 41.85 -15.57 -8.22
C ILE A 149 41.61 -16.78 -9.14
N ILE A 150 40.64 -17.58 -8.77
CA ILE A 150 40.41 -18.87 -9.42
C ILE A 150 38.90 -19.14 -9.45
N GLY A 151 38.38 -19.61 -10.58
CA GLY A 151 36.97 -19.86 -10.72
C GLY A 151 36.55 -21.23 -10.19
N ASN A 152 35.39 -21.27 -9.56
CA ASN A 152 34.84 -22.51 -9.07
C ASN A 152 33.33 -22.55 -9.24
N PRO A 153 32.84 -23.12 -10.37
CA PRO A 153 33.65 -23.73 -11.44
C PRO A 153 34.20 -22.70 -12.42
N ASN A 154 35.26 -23.03 -13.12
CA ASN A 154 35.88 -22.09 -14.05
C ASN A 154 35.28 -22.02 -15.46
N ASN A 155 34.98 -20.79 -15.89
CA ASN A 155 34.63 -20.45 -17.25
C ASN A 155 35.93 -20.29 -18.06
N PRO A 156 36.10 -21.04 -19.17
CA PRO A 156 35.19 -21.80 -20.03
C PRO A 156 35.09 -23.32 -19.83
N ASN A 157 35.97 -23.92 -19.03
CA ASN A 157 36.03 -25.38 -19.02
C ASN A 157 35.15 -26.04 -17.98
N GLY A 158 34.49 -25.23 -17.16
CA GLY A 158 33.58 -25.72 -16.14
C GLY A 158 34.19 -26.60 -15.06
N GLY A 159 35.47 -26.37 -14.77
CA GLY A 159 36.16 -27.18 -13.78
C GLY A 159 35.94 -26.73 -12.35
N LEU A 160 35.71 -27.68 -11.46
CA LEU A 160 35.60 -27.41 -10.02
C LEU A 160 36.95 -27.59 -9.34
N ILE A 161 37.27 -26.72 -8.37
CA ILE A 161 38.47 -26.86 -7.56
C ILE A 161 38.41 -28.08 -6.63
N ASN A 162 39.28 -29.05 -6.87
CA ASN A 162 39.48 -30.22 -6.00
C ASN A 162 39.78 -29.78 -4.58
N LYS A 163 38.84 -30.01 -3.67
CA LYS A 163 39.01 -29.53 -2.30
C LYS A 163 40.23 -30.15 -1.66
N GLU A 164 40.36 -31.47 -1.72
CA GLU A 164 41.49 -32.14 -1.09
C GLU A 164 42.87 -31.58 -1.51
N LYS A 165 43.09 -31.40 -2.82
CA LYS A 165 44.37 -30.90 -3.33
C LYS A 165 44.61 -29.43 -3.03
N PHE A 166 43.53 -28.64 -3.04
CA PHE A 166 43.63 -27.19 -2.85
C PHE A 166 43.85 -26.83 -1.39
N ILE A 167 43.53 -27.76 -0.47
CA ILE A 167 43.69 -27.49 0.95
C ILE A 167 45.13 -27.14 1.28
N HIS A 168 46.06 -27.73 0.52
CA HIS A 168 47.46 -27.39 0.67
C HIS A 168 47.72 -25.94 0.25
N VAL A 169 46.98 -25.48 -0.75
CA VAL A 169 47.04 -24.08 -1.13
C VAL A 169 46.41 -23.21 -0.03
N LEU A 170 45.24 -23.61 0.46
CA LEU A 170 44.55 -22.87 1.48
C LEU A 170 45.40 -22.74 2.74
N LYS A 171 45.97 -23.85 3.18
CA LYS A 171 46.82 -23.87 4.37
C LYS A 171 48.07 -23.01 4.24
N LEU A 172 48.62 -22.89 3.03
CA LEU A 172 49.77 -22.01 2.79
C LEU A 172 49.36 -20.54 2.70
N ALA A 173 48.27 -20.26 1.98
CA ALA A 173 47.76 -18.89 1.88
C ALA A 173 47.51 -18.32 3.28
N GLU A 174 46.68 -19.01 4.06
CA GLU A 174 46.42 -18.67 5.45
C GLU A 174 47.71 -18.30 6.16
N GLU A 175 48.70 -19.19 6.07
CA GLU A 175 49.99 -18.97 6.73
C GLU A 175 50.73 -17.72 6.27
N LYS A 176 50.58 -17.39 4.99
CA LYS A 176 51.40 -16.34 4.37
C LYS A 176 50.67 -15.00 4.26
N LYS A 177 49.50 -14.90 4.90
CA LYS A 177 48.71 -13.68 4.85
C LYS A 177 48.38 -13.28 3.41
N LYS A 178 48.43 -14.30 2.53
CA LYS A 178 48.07 -14.13 1.13
C LYS A 178 46.53 -14.19 1.02
N THR A 179 45.97 -13.58 -0.01
CA THR A 179 44.53 -13.64 -0.19
C THR A 179 44.14 -14.46 -1.42
N ILE A 180 43.18 -15.37 -1.26
CA ILE A 180 42.73 -16.16 -2.40
C ILE A 180 41.25 -15.87 -2.70
N ILE A 181 41.00 -15.37 -3.92
CA ILE A 181 39.66 -14.95 -4.35
C ILE A 181 39.01 -16.00 -5.24
N ILE A 182 37.92 -16.59 -4.77
CA ILE A 182 37.24 -17.64 -5.52
C ILE A 182 35.90 -17.20 -6.08
N ASP A 183 35.84 -17.09 -7.41
CA ASP A 183 34.62 -16.71 -8.11
C ASP A 183 33.67 -17.91 -8.26
N GLU A 184 32.58 -17.89 -7.48
CA GLU A 184 31.65 -19.01 -7.45
C GLU A 184 30.27 -18.66 -8.00
N ALA A 185 30.25 -17.84 -9.04
CA ALA A 185 29.00 -17.31 -9.57
C ALA A 185 28.16 -18.41 -10.20
N PHE A 186 28.82 -19.53 -10.54
CA PHE A 186 28.16 -20.64 -11.19
C PHE A 186 27.95 -21.80 -10.22
N ILE A 187 28.65 -21.75 -9.09
CA ILE A 187 28.68 -22.87 -8.15
C ILE A 187 27.28 -23.43 -7.86
N GLU A 188 26.25 -22.66 -8.22
CA GLU A 188 24.89 -23.04 -7.92
C GLU A 188 24.50 -24.31 -8.66
N PHE A 189 25.08 -24.46 -9.85
CA PHE A 189 24.63 -25.43 -10.83
C PHE A 189 25.15 -26.83 -10.52
N THR A 190 25.88 -26.96 -9.42
CA THR A 190 26.38 -28.24 -8.93
C THR A 190 25.43 -28.87 -7.91
N GLY A 191 24.91 -28.05 -7.00
CA GLY A 191 23.98 -28.52 -5.98
C GLY A 191 24.66 -29.03 -4.73
N ASP A 192 25.86 -29.59 -4.89
CA ASP A 192 26.66 -30.04 -3.77
C ASP A 192 27.29 -28.85 -3.06
N PRO A 193 26.77 -28.54 -1.87
CA PRO A 193 27.29 -27.49 -1.02
C PRO A 193 28.72 -27.76 -0.70
N SER A 194 29.11 -28.98 -0.91
CA SER A 194 30.49 -29.24 -0.67
C SER A 194 31.36 -28.89 -1.85
N SER A 195 30.75 -28.42 -2.95
CA SER A 195 31.48 -27.92 -4.11
C SER A 195 31.95 -26.49 -3.92
N SER A 196 31.23 -25.72 -3.11
CA SER A 196 31.66 -24.37 -2.74
C SER A 196 32.62 -24.40 -1.55
N PHE A 197 33.49 -23.42 -1.50
CA PHE A 197 34.39 -23.25 -0.36
C PHE A 197 33.72 -22.42 0.73
N VAL A 198 32.45 -22.08 0.55
CA VAL A 198 31.77 -21.26 1.55
C VAL A 198 31.84 -21.91 2.94
N GLY A 199 31.74 -23.23 2.98
CA GLY A 199 31.83 -23.96 4.24
C GLY A 199 33.23 -24.02 4.81
N GLU A 200 34.16 -23.34 4.13
CA GLU A 200 35.55 -23.24 4.56
C GLU A 200 35.88 -21.85 5.07
N ILE A 201 34.91 -20.94 4.99
CA ILE A 201 35.11 -19.52 5.30
C ILE A 201 35.65 -19.28 6.72
N LYS A 202 35.13 -20.04 7.68
CA LYS A 202 35.53 -19.88 9.07
C LYS A 202 36.97 -20.36 9.34
N ASN A 203 37.39 -21.38 8.61
CA ASN A 203 38.68 -22.00 8.86
C ASN A 203 39.81 -21.24 8.20
N TYR A 204 39.48 -20.34 7.28
CA TYR A 204 40.49 -19.59 6.54
C TYR A 204 40.01 -18.17 6.25
N SER A 205 40.70 -17.18 6.80
CA SER A 205 40.41 -15.80 6.40
C SER A 205 41.34 -15.27 5.30
N CYS A 206 41.90 -16.17 4.52
CA CYS A 206 42.55 -15.84 3.25
C CYS A 206 41.50 -15.95 2.15
N LEU A 207 40.49 -16.80 2.39
CA LEU A 207 39.41 -17.00 1.45
C LEU A 207 38.55 -15.76 1.27
N PHE A 208 38.36 -15.37 0.03
CA PHE A 208 37.33 -14.40 -0.32
C PHE A 208 36.49 -15.02 -1.45
N ILE A 209 35.19 -15.18 -1.21
CA ILE A 209 34.31 -15.81 -2.20
C ILE A 209 33.39 -14.81 -2.87
N ILE A 210 33.21 -14.95 -4.18
CA ILE A 210 32.28 -14.14 -4.94
C ILE A 210 31.09 -14.98 -5.41
N ARG A 211 29.89 -14.61 -4.99
CA ARG A 211 28.69 -15.25 -5.50
C ARG A 211 27.90 -14.28 -6.37
N ALA A 212 26.89 -14.78 -7.07
CA ALA A 212 26.03 -13.95 -7.89
C ALA A 212 24.65 -14.57 -8.04
N MET A 213 23.65 -13.71 -8.23
CA MET A 213 22.27 -14.14 -8.50
C MET A 213 22.00 -14.00 -9.98
N THR A 214 23.03 -13.61 -10.72
CA THR A 214 22.94 -13.24 -12.13
C THR A 214 22.79 -14.42 -13.09
N LYS A 215 23.52 -15.50 -12.84
CA LYS A 215 23.48 -16.64 -13.73
C LYS A 215 22.42 -17.63 -13.28
N PHE A 216 22.60 -18.18 -12.08
CA PHE A 216 21.73 -19.24 -11.56
C PHE A 216 20.27 -18.83 -11.28
N PHE A 217 20.07 -17.56 -10.93
CA PHE A 217 18.74 -17.07 -10.60
C PHE A 217 18.10 -16.29 -11.74
N ALA A 218 18.77 -16.33 -12.90
CA ALA A 218 18.22 -15.85 -14.17
C ALA A 218 17.94 -14.35 -14.23
N MET A 219 18.52 -13.59 -13.29
CA MET A 219 18.22 -12.16 -13.18
C MET A 219 19.43 -11.24 -13.39
N PRO A 220 19.98 -11.18 -14.63
CA PRO A 220 21.09 -10.26 -14.86
C PRO A 220 20.74 -8.75 -14.85
N GLY A 221 19.52 -8.40 -15.25
CA GLY A 221 19.13 -7.00 -15.33
C GLY A 221 18.94 -6.32 -13.98
N ILE A 222 19.03 -7.11 -12.92
CA ILE A 222 18.81 -6.59 -11.58
C ILE A 222 20.13 -6.09 -10.98
N ARG A 223 21.23 -6.67 -11.46
CA ARG A 223 22.58 -6.23 -11.10
C ARG A 223 22.88 -6.52 -9.64
N PHE A 224 23.14 -7.78 -9.31
CA PHE A 224 23.44 -8.13 -7.92
C PHE A 224 24.39 -9.31 -7.72
N GLY A 225 25.53 -9.04 -7.10
CA GLY A 225 26.46 -10.07 -6.69
C GLY A 225 26.97 -9.79 -5.29
N TYR A 226 27.58 -10.78 -4.63
CA TYR A 226 28.08 -10.56 -3.27
C TYR A 226 29.43 -11.17 -2.91
N GLY A 227 30.05 -10.60 -1.88
CA GLY A 227 31.30 -11.11 -1.34
C GLY A 227 31.12 -11.73 0.04
N ILE A 228 31.85 -12.81 0.30
CA ILE A 228 31.72 -13.60 1.52
C ILE A 228 33.11 -13.87 2.10
N THR A 229 33.39 -13.40 3.31
CA THR A 229 34.72 -13.59 3.91
C THR A 229 34.71 -13.42 5.43
N ASN A 230 35.52 -14.21 6.11
CA ASN A 230 35.74 -14.05 7.54
C ASN A 230 36.71 -12.90 7.80
N ASN A 231 37.34 -12.41 6.75
CA ASN A 231 38.29 -11.32 6.87
C ASN A 231 37.58 -9.97 6.95
N LYS A 232 36.94 -9.72 8.08
CA LYS A 232 36.20 -8.49 8.29
C LYS A 232 36.92 -7.23 7.81
N GLU A 233 38.25 -7.20 7.93
CA GLU A 233 38.99 -6.01 7.52
C GLU A 233 39.03 -5.80 6.00
N ILE A 234 39.00 -6.89 5.25
CA ILE A 234 39.04 -6.80 3.79
C ILE A 234 37.68 -6.38 3.23
N ALA A 235 36.62 -6.65 3.99
CA ALA A 235 35.29 -6.16 3.63
C ALA A 235 35.18 -4.66 3.94
N ALA A 236 35.74 -4.27 5.08
CA ALA A 236 35.79 -2.86 5.43
C ALA A 236 36.53 -2.07 4.36
N LYS A 237 37.58 -2.66 3.82
CA LYS A 237 38.38 -1.99 2.80
C LYS A 237 37.65 -1.85 1.45
N ILE A 238 36.83 -2.87 1.12
CA ILE A 238 36.06 -2.84 -0.10
C ILE A 238 34.88 -1.89 0.02
N LYS A 239 34.29 -1.84 1.22
CA LYS A 239 33.18 -0.92 1.50
C LYS A 239 33.71 0.49 1.44
N ALA A 240 34.87 0.70 2.04
CA ALA A 240 35.55 2.00 2.01
C ALA A 240 35.72 2.54 0.60
N LYS A 241 35.75 1.64 -0.38
CA LYS A 241 35.92 2.04 -1.78
C LYS A 241 34.58 2.35 -2.45
N GLN A 242 33.52 1.71 -2.00
CA GLN A 242 32.23 1.78 -2.69
C GLN A 242 31.45 3.08 -2.42
N ASN A 243 30.22 3.08 -2.93
CA ASN A 243 29.30 4.18 -2.69
C ASN A 243 28.05 3.68 -1.98
N PRO A 244 27.65 4.36 -0.90
CA PRO A 244 26.44 4.01 -0.14
C PRO A 244 25.23 3.92 -1.07
N TRP A 245 24.23 3.15 -0.66
CA TRP A 245 23.12 2.75 -1.53
C TRP A 245 23.46 2.32 -2.98
N ASN A 246 24.50 1.52 -3.16
CA ASN A 246 24.84 1.06 -4.51
C ASN A 246 23.89 -0.02 -5.04
N ILE A 247 22.98 -0.47 -4.19
CA ILE A 247 22.08 -1.58 -4.50
C ILE A 247 20.64 -1.09 -4.65
N ASN A 248 20.10 -1.11 -5.86
CA ASN A 248 18.72 -0.69 -6.08
C ASN A 248 17.71 -1.56 -5.32
N CYS A 249 16.48 -1.05 -5.17
CA CYS A 249 15.48 -1.70 -4.32
C CYS A 249 14.96 -3.06 -4.82
N PHE A 250 14.88 -3.25 -6.14
CA PHE A 250 14.42 -4.51 -6.70
C PHE A 250 15.47 -5.60 -6.47
N ALA A 251 16.72 -5.25 -6.72
CA ALA A 251 17.85 -6.12 -6.43
C ALA A 251 17.72 -6.59 -4.99
N GLU A 252 17.54 -5.64 -4.08
CA GLU A 252 17.34 -5.95 -2.67
C GLU A 252 16.16 -6.90 -2.48
N MET A 253 15.05 -6.61 -3.16
CA MET A 253 13.86 -7.44 -3.05
C MET A 253 14.11 -8.87 -3.52
N ALA A 254 14.90 -9.02 -4.59
CA ALA A 254 15.23 -10.34 -5.09
C ALA A 254 16.08 -11.13 -4.11
N ALA A 255 17.18 -10.53 -3.67
CA ALA A 255 18.07 -11.16 -2.69
C ALA A 255 17.37 -11.55 -1.40
N ILE A 256 16.26 -10.87 -1.11
CA ILE A 256 15.55 -11.11 0.15
C ILE A 256 14.50 -12.23 0.01
N ASN A 257 13.92 -12.32 -1.19
CA ASN A 257 12.80 -13.24 -1.44
C ASN A 257 13.14 -14.46 -2.30
N CYS A 258 14.21 -14.36 -3.08
CA CYS A 258 14.53 -15.38 -4.07
C CYS A 258 15.53 -16.42 -3.59
N LEU A 259 16.35 -16.08 -2.60
CA LEU A 259 17.33 -17.04 -2.08
C LEU A 259 16.70 -18.11 -1.17
N LYS A 260 15.48 -17.84 -0.72
CA LYS A 260 14.72 -18.77 0.13
C LYS A 260 13.92 -19.68 -0.75
N ASP A 261 13.78 -19.29 -2.02
CA ASP A 261 13.01 -20.00 -3.02
C ASP A 261 13.58 -21.39 -3.32
N THR A 262 13.47 -22.28 -2.34
CA THR A 262 14.02 -23.64 -2.47
C THR A 262 13.42 -24.41 -3.63
N ASN A 263 12.16 -24.14 -3.97
CA ASN A 263 11.51 -24.87 -5.05
C ASN A 263 11.85 -24.37 -6.47
N TYR A 264 12.43 -23.18 -6.55
CA TYR A 264 13.01 -22.71 -7.80
C TYR A 264 14.38 -23.34 -7.91
N ILE A 265 15.06 -23.43 -6.78
CA ILE A 265 16.40 -24.02 -6.73
C ILE A 265 16.42 -25.53 -7.00
N GLU A 266 15.32 -26.24 -6.71
CA GLU A 266 15.30 -27.69 -6.88
C GLU A 266 14.83 -28.11 -8.26
N GLU A 267 13.91 -27.32 -8.81
CA GLU A 267 13.41 -27.54 -10.15
C GLU A 267 14.56 -27.28 -11.13
N SER A 268 15.46 -26.39 -10.73
CA SER A 268 16.61 -26.01 -11.54
C SER A 268 17.68 -27.11 -11.55
N LEU A 269 18.07 -27.59 -10.36
CA LEU A 269 18.95 -28.74 -10.25
C LEU A 269 18.38 -29.92 -11.04
N LEU A 270 17.07 -30.12 -10.93
CA LEU A 270 16.38 -31.17 -11.67
C LEU A 270 16.72 -31.04 -13.15
N TRP A 271 16.89 -29.79 -13.58
CA TRP A 271 17.16 -29.52 -14.97
C TRP A 271 18.57 -29.97 -15.37
N ILE A 272 19.60 -29.23 -14.95
CA ILE A 272 20.97 -29.51 -15.43
C ILE A 272 21.52 -30.88 -15.09
N LYS A 273 21.07 -31.46 -13.99
CA LYS A 273 21.53 -32.80 -13.64
C LYS A 273 21.32 -33.73 -14.83
N LYS A 274 20.05 -33.86 -15.24
CA LYS A 274 19.68 -34.63 -16.43
C LYS A 274 20.22 -34.03 -17.71
N GLU A 275 19.75 -32.84 -18.05
CA GLU A 275 20.07 -32.22 -19.33
C GLU A 275 21.58 -32.14 -19.58
N ARG A 276 22.35 -31.73 -18.57
CA ARG A 276 23.79 -31.63 -18.76
C ARG A 276 24.35 -32.98 -19.19
N LYS A 277 23.86 -34.04 -18.54
CA LYS A 277 24.33 -35.40 -18.81
C LYS A 277 24.01 -35.84 -20.23
N ARG A 278 22.80 -35.51 -20.70
CA ARG A 278 22.38 -35.88 -22.05
C ARG A 278 23.11 -35.05 -23.09
N PHE A 279 23.06 -33.73 -22.91
CA PHE A 279 23.70 -32.79 -23.82
C PHE A 279 25.12 -33.28 -24.19
N ILE A 280 25.88 -33.68 -23.18
CA ILE A 280 27.26 -34.10 -23.38
C ILE A 280 27.37 -35.42 -24.15
N GLU A 281 26.35 -36.28 -24.03
CA GLU A 281 26.38 -37.55 -24.77
C GLU A 281 26.06 -37.30 -26.22
N GLU A 282 25.10 -36.42 -26.46
CA GLU A 282 24.79 -35.99 -27.82
C GLU A 282 25.97 -35.27 -28.49
N LEU A 283 26.67 -34.41 -27.75
CA LEU A 283 27.83 -33.69 -28.31
C LEU A 283 28.93 -34.68 -28.64
N ASN A 284 29.00 -35.75 -27.87
CA ASN A 284 30.09 -36.72 -28.02
C ASN A 284 29.96 -37.52 -29.32
N LYS A 285 28.74 -37.55 -29.85
CA LYS A 285 28.44 -38.25 -31.10
C LYS A 285 28.80 -37.41 -32.32
N ILE A 286 28.83 -36.09 -32.15
CA ILE A 286 29.08 -35.18 -33.27
C ILE A 286 30.51 -35.29 -33.78
N GLY A 287 30.67 -35.42 -35.10
CA GLY A 287 31.94 -35.79 -35.69
C GLY A 287 33.09 -34.80 -35.56
N PHE A 288 32.79 -33.52 -35.67
CA PHE A 288 33.84 -32.51 -35.53
C PHE A 288 34.10 -32.22 -34.07
N ILE A 289 33.19 -32.68 -33.21
CA ILE A 289 33.42 -32.62 -31.77
C ILE A 289 34.44 -33.68 -31.38
N LYS A 290 35.70 -33.24 -31.31
CA LYS A 290 36.84 -34.11 -31.04
C LYS A 290 36.92 -34.49 -29.57
N ARG A 291 36.65 -33.52 -28.71
CA ARG A 291 36.61 -33.76 -27.27
C ARG A 291 35.67 -32.81 -26.55
N VAL A 292 34.85 -33.39 -25.67
CA VAL A 292 34.03 -32.64 -24.74
C VAL A 292 34.68 -32.69 -23.34
N PHE A 293 35.04 -31.53 -22.81
CA PHE A 293 35.52 -31.42 -21.43
C PHE A 293 34.34 -31.44 -20.46
N SER A 294 34.46 -32.22 -19.39
CA SER A 294 33.35 -32.40 -18.45
C SER A 294 33.03 -31.16 -17.61
N PRO A 295 31.78 -30.67 -17.72
CA PRO A 295 31.31 -29.44 -17.08
C PRO A 295 30.71 -29.71 -15.71
N HIS A 296 30.61 -28.67 -14.89
CA HIS A 296 29.94 -28.82 -13.60
C HIS A 296 28.94 -27.72 -13.36
N ALA A 297 28.72 -26.90 -14.38
CA ALA A 297 27.69 -25.87 -14.37
C ALA A 297 26.82 -25.97 -15.62
N ASN A 298 26.38 -24.83 -16.14
CA ASN A 298 25.51 -24.84 -17.33
C ASN A 298 26.20 -24.45 -18.65
N PHE A 299 27.41 -24.96 -18.85
CA PHE A 299 28.13 -24.79 -20.11
C PHE A 299 29.17 -25.89 -20.30
N VAL A 300 29.61 -26.08 -21.53
CA VAL A 300 30.51 -27.16 -21.91
C VAL A 300 31.58 -26.69 -22.91
N LEU A 301 32.86 -27.01 -22.66
CA LEU A 301 33.96 -26.65 -23.58
C LEU A 301 34.34 -27.79 -24.53
N CYS A 302 34.17 -27.54 -25.82
CA CYS A 302 34.45 -28.55 -26.84
C CYS A 302 35.72 -28.23 -27.67
N ARG A 303 36.55 -29.25 -27.86
CA ARG A 303 37.66 -29.19 -28.80
C ARG A 303 37.16 -29.69 -30.16
N LEU A 304 37.54 -29.02 -31.23
CA LEU A 304 37.03 -29.33 -32.58
C LEU A 304 38.08 -29.92 -33.50
N GLU A 305 37.68 -30.27 -34.72
CA GLU A 305 38.53 -30.99 -35.67
C GLU A 305 38.02 -30.87 -37.11
N ASN A 306 38.89 -30.41 -38.00
CA ASN A 306 38.51 -30.22 -39.40
C ASN A 306 37.54 -29.06 -39.59
N ILE A 307 37.62 -28.09 -38.69
CA ILE A 307 36.74 -26.93 -38.70
C ILE A 307 37.15 -25.99 -37.56
N SER A 308 37.15 -24.70 -37.86
CA SER A 308 37.50 -23.67 -36.89
C SER A 308 36.27 -23.14 -36.18
N GLY A 309 36.46 -22.64 -34.96
CA GLY A 309 35.38 -22.05 -34.20
C GLY A 309 34.77 -20.86 -34.91
N GLU A 310 35.56 -20.17 -35.72
CA GLU A 310 35.05 -19.07 -36.52
C GLU A 310 34.22 -19.62 -37.66
N LYS A 311 34.69 -20.71 -38.26
CA LYS A 311 33.96 -21.33 -39.35
C LYS A 311 32.67 -21.93 -38.81
N LEU A 312 32.79 -22.67 -37.72
CA LEU A 312 31.60 -23.19 -37.05
C LEU A 312 30.69 -22.04 -36.63
N TYR A 313 31.23 -21.03 -35.95
CA TYR A 313 30.49 -19.84 -35.54
C TYR A 313 29.72 -19.19 -36.69
N ASP A 314 30.45 -18.90 -37.78
CA ASP A 314 29.87 -18.21 -38.95
C ASP A 314 28.83 -19.06 -39.66
N SER A 315 28.93 -20.38 -39.52
CA SER A 315 27.91 -21.28 -40.03
C SER A 315 26.62 -21.19 -39.21
N LEU A 316 26.74 -21.42 -37.90
CA LEU A 316 25.60 -21.37 -37.00
C LEU A 316 24.93 -19.99 -36.95
N LEU A 317 25.71 -18.94 -37.14
CA LEU A 317 25.14 -17.60 -37.10
C LEU A 317 24.08 -17.52 -38.20
N LYS A 318 24.40 -18.13 -39.35
CA LYS A 318 23.48 -18.21 -40.47
C LYS A 318 22.10 -18.72 -40.04
N GLU A 319 22.08 -19.53 -38.98
CA GLU A 319 20.86 -20.17 -38.49
C GLU A 319 20.34 -19.49 -37.23
N ASP A 320 20.84 -18.28 -36.98
CA ASP A 320 20.47 -17.54 -35.76
C ASP A 320 20.82 -18.33 -34.52
N ILE A 321 21.98 -18.98 -34.56
CA ILE A 321 22.54 -19.60 -33.37
C ILE A 321 23.93 -19.02 -33.11
N VAL A 322 24.13 -18.52 -31.89
CA VAL A 322 25.41 -17.94 -31.52
C VAL A 322 26.15 -18.90 -30.62
N ILE A 323 27.44 -19.10 -30.88
CA ILE A 323 28.29 -19.83 -29.94
C ILE A 323 29.40 -18.91 -29.42
N ARG A 324 30.27 -19.47 -28.59
CA ARG A 324 31.38 -18.70 -28.05
C ARG A 324 32.69 -19.23 -28.59
N ARG A 325 33.30 -18.44 -29.47
CA ARG A 325 34.64 -18.71 -29.95
C ARG A 325 35.60 -18.41 -28.82
N CYS A 326 36.44 -19.38 -28.50
CA CYS A 326 37.32 -19.24 -27.36
C CYS A 326 38.67 -18.67 -27.73
N CYS A 327 38.71 -17.98 -28.87
CA CYS A 327 39.94 -17.38 -29.39
C CYS A 327 40.64 -16.50 -28.36
N ASN A 328 39.87 -15.59 -27.74
CA ASN A 328 40.41 -14.57 -26.84
C ASN A 328 40.61 -15.00 -25.38
N PHE A 329 40.51 -16.30 -25.11
CA PHE A 329 40.92 -16.87 -23.82
C PHE A 329 42.41 -17.22 -23.87
N ILE A 330 43.12 -16.92 -22.80
CA ILE A 330 44.55 -17.22 -22.73
C ILE A 330 44.81 -18.72 -22.52
N GLY A 331 45.36 -19.34 -23.56
CA GLY A 331 45.61 -20.77 -23.53
C GLY A 331 44.79 -21.52 -24.56
N LEU A 332 43.73 -20.88 -25.05
CA LEU A 332 42.84 -21.52 -26.01
C LEU A 332 42.94 -20.91 -27.42
N ASP A 333 42.81 -21.76 -28.44
CA ASP A 333 42.87 -21.31 -29.83
C ASP A 333 41.50 -21.45 -30.50
N ASP A 334 41.48 -21.49 -31.84
CA ASP A 334 40.21 -21.47 -32.58
C ASP A 334 39.55 -22.84 -32.69
N SER A 335 40.21 -23.87 -32.17
CA SER A 335 39.63 -25.20 -32.15
C SER A 335 38.72 -25.36 -30.94
N PHE A 336 38.87 -24.50 -29.93
CA PHE A 336 37.99 -24.53 -28.76
C PHE A 336 36.80 -23.60 -28.97
N VAL A 337 35.64 -24.06 -28.57
CA VAL A 337 34.41 -23.27 -28.62
C VAL A 337 33.63 -23.60 -27.36
N ARG A 338 32.79 -22.68 -26.90
CA ARG A 338 32.01 -22.89 -25.67
C ARG A 338 30.51 -22.85 -25.99
N PHE A 339 29.78 -23.82 -25.49
CA PHE A 339 28.33 -23.86 -25.70
C PHE A 339 27.61 -23.76 -24.36
N ALA A 340 26.50 -23.03 -24.36
CA ALA A 340 25.66 -23.00 -23.17
C ALA A 340 24.86 -24.29 -23.10
N ILE A 341 24.38 -24.62 -21.90
CA ILE A 341 23.50 -25.76 -21.72
C ILE A 341 22.17 -25.21 -21.22
N LYS A 342 21.14 -25.32 -22.06
CA LYS A 342 19.82 -24.80 -21.75
C LYS A 342 18.87 -25.94 -21.49
N ASP A 343 17.59 -25.70 -21.75
CA ASP A 343 16.57 -26.74 -21.67
C ASP A 343 16.61 -27.68 -22.89
N GLU A 344 16.12 -28.91 -22.69
CA GLU A 344 16.15 -29.95 -23.71
C GLU A 344 15.66 -29.50 -25.10
N LYS A 345 14.59 -28.71 -25.15
CA LYS A 345 14.02 -28.29 -26.42
C LYS A 345 14.96 -27.42 -27.26
N LYS A 346 15.50 -26.37 -26.65
CA LYS A 346 16.48 -25.52 -27.32
C LYS A 346 17.76 -26.30 -27.67
N ASN A 347 18.15 -27.20 -26.77
CA ASN A 347 19.35 -28.02 -26.92
C ASN A 347 19.26 -29.00 -28.09
N THR A 348 18.11 -29.64 -28.25
CA THR A 348 17.93 -30.57 -29.35
C THR A 348 17.95 -29.80 -30.66
N LYS A 349 17.35 -28.61 -30.66
CA LYS A 349 17.38 -27.74 -31.83
C LYS A 349 18.83 -27.39 -32.16
N PHE A 350 19.55 -26.91 -31.14
CA PHE A 350 20.97 -26.61 -31.25
C PHE A 350 21.79 -27.74 -31.93
N LEU A 351 21.65 -28.95 -31.38
CA LEU A 351 22.40 -30.12 -31.84
C LEU A 351 22.02 -30.48 -33.28
N ARG A 352 20.75 -30.34 -33.61
CA ARG A 352 20.29 -30.65 -34.95
C ARG A 352 20.83 -29.68 -35.99
N ALA A 353 21.41 -28.57 -35.54
CA ALA A 353 22.12 -27.67 -36.44
C ALA A 353 23.59 -28.10 -36.55
N LEU A 354 24.15 -28.53 -35.42
CA LEU A 354 25.52 -29.04 -35.36
C LEU A 354 25.65 -30.24 -36.29
N LYS A 355 24.59 -31.04 -36.32
CA LYS A 355 24.51 -32.19 -37.19
C LYS A 355 24.45 -31.78 -38.68
N GLY A 356 23.67 -30.75 -38.98
CA GLY A 356 23.58 -30.26 -40.34
C GLY A 356 24.93 -29.73 -40.81
N VAL A 357 25.69 -29.16 -39.90
CA VAL A 357 27.03 -28.71 -40.23
C VAL A 357 27.91 -29.92 -40.53
N GLU A 358 27.89 -30.90 -39.62
CA GLU A 358 28.67 -32.13 -39.79
C GLU A 358 28.31 -32.78 -41.13
N ASN A 359 27.01 -32.97 -41.36
CA ASN A 359 26.51 -33.43 -42.66
C ASN A 359 27.11 -32.67 -43.83
N ASN A 360 27.13 -31.35 -43.72
CA ASN A 360 27.61 -30.52 -44.81
C ASN A 360 29.13 -30.37 -44.80
N LEU A 361 29.79 -31.15 -43.96
CA LEU A 361 31.23 -31.03 -43.79
C LEU A 361 31.97 -31.97 -44.74
N LEU B 28 5.69 8.00 9.74
CA LEU B 28 6.42 9.15 10.26
C LEU B 28 6.31 10.33 9.30
N LEU B 29 6.67 11.51 9.77
CA LEU B 29 6.73 12.69 8.93
C LEU B 29 8.19 13.10 8.76
N ASP B 30 8.82 12.65 7.68
CA ASP B 30 10.26 12.90 7.53
C ASP B 30 10.53 14.15 6.67
N TYR B 31 10.58 15.29 7.36
CA TYR B 31 10.84 16.61 6.76
C TYR B 31 12.35 16.84 6.62
N SER B 32 13.12 15.77 6.81
CA SER B 32 14.55 15.77 6.47
C SER B 32 14.79 15.19 5.07
N SER B 33 13.78 14.51 4.54
CA SER B 33 13.88 13.88 3.21
C SER B 33 13.16 14.69 2.13
N ASN B 34 13.87 14.94 1.02
CA ASN B 34 13.36 15.83 -0.01
C ASN B 34 12.91 15.15 -1.33
N ILE B 35 12.21 14.03 -1.21
CA ILE B 35 11.69 13.33 -2.38
C ILE B 35 10.35 13.92 -2.82
N ASN B 36 10.18 14.14 -4.12
CA ASN B 36 8.89 14.58 -4.67
C ASN B 36 7.75 13.75 -4.06
N PRO B 37 6.79 14.44 -3.43
CA PRO B 37 5.66 13.88 -2.63
C PRO B 37 4.51 13.32 -3.43
N LEU B 38 4.48 13.56 -4.75
CA LEU B 38 3.35 13.15 -5.58
C LEU B 38 3.29 11.65 -5.84
N GLY B 39 4.41 10.96 -5.60
CA GLY B 39 4.49 9.52 -5.82
C GLY B 39 5.11 9.16 -7.18
N ILE B 40 5.29 7.87 -7.41
CA ILE B 40 5.84 7.38 -8.67
C ILE B 40 5.07 7.93 -9.88
N PRO B 41 5.79 8.26 -10.98
CA PRO B 41 5.10 8.59 -12.23
C PRO B 41 4.37 7.35 -12.78
N LYS B 42 3.17 7.55 -13.32
CA LYS B 42 2.41 6.42 -13.83
C LYS B 42 3.16 5.75 -14.99
N SER B 43 3.87 6.55 -15.78
CA SER B 43 4.70 6.02 -16.85
C SER B 43 5.64 4.91 -16.37
N PHE B 44 5.81 4.78 -15.06
CA PHE B 44 6.64 3.69 -14.53
C PHE B 44 5.84 2.40 -14.31
N LEU B 45 4.75 2.50 -13.54
CA LEU B 45 3.88 1.34 -13.34
C LEU B 45 3.32 0.90 -14.68
N ASN B 46 2.92 1.87 -15.49
CA ASN B 46 2.33 1.64 -16.81
C ASN B 46 3.23 0.95 -17.82
N ASN B 47 4.46 0.66 -17.43
CA ASN B 47 5.39 -0.02 -18.31
C ASN B 47 6.25 -1.04 -17.57
N ILE B 48 5.78 -1.44 -16.39
CA ILE B 48 6.51 -2.37 -15.54
C ILE B 48 6.92 -3.65 -16.26
N ASP B 49 6.02 -4.16 -17.11
CA ASP B 49 6.29 -5.37 -17.87
C ASP B 49 7.60 -5.29 -18.66
N GLU B 50 7.98 -4.09 -19.05
CA GLU B 50 9.22 -3.91 -19.81
C GLU B 50 10.44 -3.99 -18.88
N GLY B 51 10.23 -3.72 -17.60
CA GLY B 51 11.31 -3.87 -16.65
C GLY B 51 11.53 -5.34 -16.33
N ILE B 52 10.43 -6.05 -16.13
CA ILE B 52 10.45 -7.47 -15.78
C ILE B 52 10.90 -8.36 -16.96
N LYS B 53 10.64 -7.88 -18.18
CA LYS B 53 11.02 -8.62 -19.37
C LYS B 53 12.54 -8.63 -19.53
N ASN B 54 13.15 -7.49 -19.24
CA ASN B 54 14.58 -7.34 -19.46
C ASN B 54 15.41 -7.88 -18.30
N LEU B 55 14.72 -8.47 -17.32
CA LEU B 55 15.39 -9.10 -16.20
C LEU B 55 16.31 -10.24 -16.64
N GLY B 56 15.88 -10.97 -17.66
CA GLY B 56 16.60 -12.14 -18.11
C GLY B 56 17.69 -11.88 -19.15
N VAL B 57 18.06 -10.60 -19.32
CA VAL B 57 19.14 -10.25 -20.22
C VAL B 57 20.04 -9.16 -19.60
N TYR B 58 21.25 -9.02 -20.14
CA TYR B 58 22.11 -7.89 -19.83
C TYR B 58 21.63 -6.71 -20.69
N PRO B 59 21.56 -5.51 -20.12
CA PRO B 59 21.14 -4.36 -20.92
C PRO B 59 22.12 -4.15 -22.06
N ASP B 60 21.71 -3.37 -23.07
CA ASP B 60 22.65 -2.93 -24.09
C ASP B 60 23.77 -2.17 -23.40
N VAL B 61 24.95 -2.77 -23.35
CA VAL B 61 26.10 -2.15 -22.70
C VAL B 61 26.41 -0.76 -23.27
N ASN B 62 25.69 -0.40 -24.33
CA ASN B 62 25.83 0.91 -24.95
C ASN B 62 24.74 1.84 -24.42
N TYR B 63 23.72 1.24 -23.83
CA TYR B 63 22.56 1.98 -23.34
C TYR B 63 22.13 3.02 -24.36
N ARG B 64 21.73 2.54 -25.54
CA ARG B 64 21.39 3.42 -26.63
C ARG B 64 20.01 4.03 -26.45
N ARG B 65 19.04 3.22 -26.09
CA ARG B 65 17.69 3.72 -25.85
C ARG B 65 17.64 4.67 -24.65
N LEU B 66 18.39 4.33 -23.60
CA LEU B 66 18.50 5.21 -22.45
C LEU B 66 19.09 6.53 -22.90
N ASN B 67 20.28 6.48 -23.51
CA ASN B 67 20.98 7.67 -23.99
C ASN B 67 20.13 8.56 -24.89
N LYS B 68 19.43 7.95 -25.82
CA LYS B 68 18.55 8.71 -26.69
C LYS B 68 17.55 9.46 -25.81
N SER B 69 17.02 8.79 -24.79
CA SER B 69 16.01 9.40 -23.95
C SER B 69 16.49 10.66 -23.23
N ILE B 70 17.73 10.62 -22.75
CA ILE B 70 18.31 11.77 -22.06
C ILE B 70 18.52 12.94 -23.02
N GLU B 71 19.02 12.64 -24.22
CA GLU B 71 19.16 13.64 -25.27
C GLU B 71 17.81 14.27 -25.59
N ASN B 72 16.80 13.43 -25.77
CA ASN B 72 15.44 13.87 -26.08
C ASN B 72 14.96 14.78 -24.98
N TYR B 73 15.03 14.27 -23.76
CA TYR B 73 14.63 15.02 -22.58
C TYR B 73 15.26 16.41 -22.50
N LEU B 74 16.58 16.45 -22.48
CA LEU B 74 17.31 17.72 -22.41
C LEU B 74 17.29 18.49 -23.73
N LYS B 75 16.80 17.86 -24.79
CA LYS B 75 16.81 18.42 -26.14
C LYS B 75 18.23 18.74 -26.60
N LEU B 76 19.14 17.78 -26.41
CA LEU B 76 20.53 17.95 -26.84
C LEU B 76 21.02 16.70 -27.56
N LYS B 77 21.82 16.91 -28.59
CA LYS B 77 22.43 15.81 -29.32
C LYS B 77 23.94 15.97 -29.28
N ASP B 78 24.64 14.88 -29.56
CA ASP B 78 26.10 14.92 -29.73
C ASP B 78 26.76 15.45 -28.46
N ILE B 79 26.47 14.80 -27.34
CA ILE B 79 27.03 15.20 -26.06
C ILE B 79 27.67 14.02 -25.33
N GLY B 80 28.41 14.32 -24.26
CA GLY B 80 28.93 13.29 -23.37
C GLY B 80 27.95 13.02 -22.25
N ILE B 81 27.52 11.77 -22.13
CA ILE B 81 26.59 11.38 -21.09
C ILE B 81 27.18 10.34 -20.14
N VAL B 82 27.42 10.74 -18.89
CA VAL B 82 27.74 9.77 -17.86
C VAL B 82 26.46 9.31 -17.18
N LEU B 83 26.38 8.02 -16.89
CA LEU B 83 25.19 7.42 -16.30
C LEU B 83 25.58 6.79 -14.98
N GLY B 84 24.90 7.18 -13.91
CA GLY B 84 25.28 6.76 -12.58
C GLY B 84 24.24 5.90 -11.88
N ASN B 85 24.74 4.91 -11.16
CA ASN B 85 23.95 4.12 -10.23
C ASN B 85 23.71 5.00 -8.99
N GLY B 86 22.85 6.01 -9.16
CA GLY B 86 22.74 7.11 -8.24
C GLY B 86 23.56 8.29 -8.75
N ALA B 87 23.06 9.51 -8.63
CA ALA B 87 23.81 10.68 -9.07
C ALA B 87 24.98 10.97 -8.14
N SER B 88 25.02 10.25 -7.02
CA SER B 88 26.12 10.34 -6.08
C SER B 88 27.38 9.76 -6.71
N GLU B 89 27.21 8.73 -7.53
CA GLU B 89 28.32 8.12 -8.23
C GLU B 89 28.93 9.16 -9.16
N ILE B 90 28.06 9.99 -9.73
CA ILE B 90 28.51 10.99 -10.70
C ILE B 90 29.30 12.11 -10.02
N ILE B 91 28.87 12.47 -8.82
CA ILE B 91 29.57 13.43 -7.99
C ILE B 91 30.94 12.90 -7.61
N GLU B 92 30.99 11.71 -7.00
CA GLU B 92 32.25 11.09 -6.59
C GLU B 92 33.19 10.96 -7.76
N LEU B 93 32.73 10.39 -8.87
CA LEU B 93 33.61 10.15 -9.99
C LEU B 93 34.12 11.44 -10.59
N SER B 94 33.22 12.33 -10.98
CA SER B 94 33.63 13.61 -11.53
C SER B 94 34.74 14.27 -10.71
N ILE B 95 34.49 14.43 -9.41
CA ILE B 95 35.43 15.11 -8.53
C ILE B 95 36.81 14.44 -8.52
N SER B 96 36.82 13.11 -8.56
CA SER B 96 38.05 12.32 -8.42
C SER B 96 39.08 12.62 -9.51
N LEU B 97 38.59 13.10 -10.66
CA LEU B 97 39.43 13.45 -11.81
C LEU B 97 40.42 14.58 -11.53
N PHE B 98 40.31 15.22 -10.38
CA PHE B 98 41.06 16.45 -10.16
C PHE B 98 42.06 16.39 -8.99
N GLU B 99 42.85 17.44 -8.89
CA GLU B 99 43.83 17.57 -7.82
C GLU B 99 43.34 18.53 -6.75
N LYS B 100 42.81 19.67 -7.18
CA LYS B 100 42.37 20.71 -6.26
C LYS B 100 41.01 21.25 -6.68
N ILE B 101 40.09 21.42 -5.73
CA ILE B 101 38.71 21.75 -6.07
C ILE B 101 38.09 22.84 -5.22
N LEU B 102 37.49 23.83 -5.86
CA LEU B 102 36.69 24.84 -5.17
C LEU B 102 35.33 24.24 -4.81
N ILE B 103 34.97 24.31 -3.53
CA ILE B 103 33.66 23.88 -3.08
C ILE B 103 32.93 25.04 -2.40
N ILE B 104 31.84 25.47 -3.00
CA ILE B 104 31.01 26.51 -2.40
C ILE B 104 30.28 25.92 -1.20
N VAL B 105 30.37 26.60 -0.08
CA VAL B 105 29.94 26.04 1.20
C VAL B 105 28.99 27.04 1.91
N PRO B 106 28.01 26.54 2.69
CA PRO B 106 27.68 25.12 2.89
C PRO B 106 27.07 24.52 1.63
N SER B 107 27.14 23.19 1.55
CA SER B 107 26.62 22.45 0.43
C SER B 107 26.50 20.98 0.81
N TYR B 108 25.80 20.23 -0.03
CA TYR B 108 25.68 18.77 0.08
C TYR B 108 26.97 18.16 0.65
N ALA B 109 26.86 17.58 1.84
CA ALA B 109 28.01 17.05 2.59
C ALA B 109 28.90 16.13 1.76
N GLU B 110 28.31 15.56 0.72
CA GLU B 110 28.99 14.56 -0.06
C GLU B 110 30.13 15.11 -0.95
N TYR B 111 30.03 16.36 -1.41
CA TYR B 111 31.09 16.92 -2.26
C TYR B 111 32.45 16.78 -1.56
N GLU B 112 32.52 17.27 -0.33
CA GLU B 112 33.74 17.26 0.45
C GLU B 112 34.15 15.83 0.82
N ILE B 113 33.16 15.00 1.12
CA ILE B 113 33.39 13.62 1.50
C ILE B 113 34.14 12.91 0.39
N ASN B 114 33.65 13.11 -0.83
CA ASN B 114 34.30 12.56 -2.01
C ASN B 114 35.69 13.15 -2.21
N ALA B 115 35.78 14.47 -2.09
CA ALA B 115 37.05 15.16 -2.30
C ALA B 115 38.15 14.55 -1.42
N LYS B 116 37.91 14.45 -0.12
CA LYS B 116 38.93 13.87 0.75
C LYS B 116 39.00 12.34 0.62
N LYS B 117 37.91 11.74 0.16
CA LYS B 117 37.90 10.31 -0.12
C LYS B 117 38.87 9.98 -1.26
N HIS B 118 39.05 10.94 -2.16
CA HIS B 118 39.93 10.77 -3.30
C HIS B 118 41.18 11.62 -3.22
N GLY B 119 41.47 12.14 -2.02
CA GLY B 119 42.67 12.93 -1.78
C GLY B 119 42.79 14.11 -2.74
N VAL B 120 41.66 14.71 -3.04
CA VAL B 120 41.61 15.92 -3.86
C VAL B 120 41.56 17.10 -2.91
N SER B 121 42.50 18.03 -3.06
CA SER B 121 42.56 19.18 -2.16
C SER B 121 41.32 20.04 -2.31
N VAL B 122 40.83 20.53 -1.19
CA VAL B 122 39.61 21.31 -1.17
C VAL B 122 39.86 22.74 -0.76
N VAL B 123 39.42 23.67 -1.60
CA VAL B 123 39.36 25.06 -1.24
C VAL B 123 37.89 25.41 -1.03
N PHE B 124 37.59 26.15 0.04
CA PHE B 124 36.23 26.54 0.36
C PHE B 124 35.90 27.96 -0.10
N SER B 125 34.67 28.15 -0.55
CA SER B 125 34.13 29.46 -0.84
C SER B 125 32.79 29.58 -0.10
N TYR B 126 32.62 30.63 0.68
CA TYR B 126 31.45 30.77 1.55
C TYR B 126 30.34 31.63 0.95
N LEU B 127 29.11 31.16 1.11
CA LEU B 127 27.94 31.98 0.85
C LEU B 127 27.99 33.14 1.83
N ASP B 128 27.41 34.27 1.46
CA ASP B 128 27.34 35.40 2.38
C ASP B 128 26.19 35.27 3.38
N GLU B 129 26.00 36.30 4.19
CA GLU B 129 24.94 36.35 5.19
C GLU B 129 23.59 35.93 4.65
N ASN B 130 23.36 36.22 3.37
CA ASN B 130 22.06 35.98 2.75
C ASN B 130 21.99 34.66 1.99
N MET B 131 22.92 33.74 2.30
CA MET B 131 23.05 32.45 1.60
C MET B 131 23.24 32.62 0.10
N CYS B 132 23.82 33.76 -0.28
CA CYS B 132 24.08 34.07 -1.67
C CYS B 132 25.54 33.75 -2.02
N ILE B 133 25.75 33.43 -3.29
CA ILE B 133 27.06 33.07 -3.83
C ILE B 133 27.98 34.27 -4.03
N ASP B 134 29.18 34.23 -3.47
CA ASP B 134 30.14 35.31 -3.70
C ASP B 134 30.90 35.09 -5.01
N TYR B 135 30.32 35.57 -6.11
CA TYR B 135 30.90 35.36 -7.44
C TYR B 135 32.29 35.98 -7.57
N GLU B 136 32.52 37.05 -6.83
CA GLU B 136 33.83 37.73 -6.81
C GLU B 136 34.89 36.91 -6.09
N ASP B 137 34.50 36.25 -5.00
CA ASP B 137 35.39 35.34 -4.30
C ASP B 137 35.79 34.19 -5.22
N ILE B 138 34.80 33.64 -5.93
CA ILE B 138 35.04 32.58 -6.90
C ILE B 138 36.01 33.05 -7.98
N ILE B 139 35.76 34.23 -8.55
CA ILE B 139 36.61 34.77 -9.59
C ILE B 139 38.09 34.79 -9.19
N SER B 140 38.35 35.09 -7.92
CA SER B 140 39.73 35.28 -7.45
C SER B 140 40.40 33.96 -7.12
N LYS B 141 39.60 32.98 -6.75
CA LYS B 141 40.16 31.70 -6.33
C LYS B 141 40.32 30.75 -7.51
N ILE B 142 39.79 31.15 -8.66
CA ILE B 142 39.79 30.27 -9.84
C ILE B 142 41.18 29.84 -10.29
N ASP B 143 42.14 30.76 -10.33
CA ASP B 143 43.50 30.42 -10.79
C ASP B 143 44.22 29.41 -9.88
N ASP B 144 43.57 29.00 -8.80
CA ASP B 144 44.23 28.14 -7.80
C ASP B 144 43.57 26.77 -7.65
N VAL B 145 42.65 26.45 -8.56
CA VAL B 145 41.94 25.17 -8.50
C VAL B 145 41.77 24.55 -9.90
N ASP B 146 41.51 23.24 -9.94
CA ASP B 146 41.31 22.52 -11.19
C ASP B 146 39.84 22.48 -11.59
N SER B 147 38.97 22.67 -10.60
CA SER B 147 37.54 22.58 -10.82
C SER B 147 36.75 23.34 -9.76
N VAL B 148 35.47 23.57 -10.05
CA VAL B 148 34.55 24.16 -9.10
C VAL B 148 33.34 23.23 -9.02
N ILE B 149 32.80 23.04 -7.82
CA ILE B 149 31.51 22.36 -7.71
C ILE B 149 30.51 23.18 -6.90
N ILE B 150 29.29 23.28 -7.42
CA ILE B 150 28.33 24.21 -6.87
C ILE B 150 26.91 23.72 -7.12
N GLY B 151 26.02 23.94 -6.13
CA GLY B 151 24.64 23.53 -6.23
C GLY B 151 23.78 24.52 -7.00
N ASN B 152 22.76 24.01 -7.69
CA ASN B 152 21.85 24.84 -8.48
C ASN B 152 20.47 24.19 -8.63
N PRO B 153 19.55 24.42 -7.68
CA PRO B 153 19.73 25.23 -6.48
C PRO B 153 20.56 24.50 -5.43
N ASN B 154 21.07 25.24 -4.45
CA ASN B 154 21.97 24.68 -3.45
C ASN B 154 21.24 24.00 -2.30
N ASN B 155 21.83 22.92 -1.78
CA ASN B 155 21.43 22.30 -0.51
C ASN B 155 22.37 22.86 0.56
N PRO B 156 21.83 23.54 1.58
CA PRO B 156 20.44 23.48 2.05
C PRO B 156 19.57 24.71 1.79
N ASN B 157 20.14 25.83 1.34
CA ASN B 157 19.39 27.09 1.27
C ASN B 157 18.32 27.10 0.15
N GLY B 158 18.64 26.49 -0.99
CA GLY B 158 17.69 26.42 -2.08
C GLY B 158 17.96 27.48 -3.13
N GLY B 159 19.04 28.23 -2.94
CA GLY B 159 19.43 29.25 -3.90
C GLY B 159 19.96 28.74 -5.24
N LEU B 160 19.51 29.39 -6.30
CA LEU B 160 19.96 29.12 -7.67
C LEU B 160 21.18 29.96 -8.02
N ILE B 161 22.03 29.44 -8.90
CA ILE B 161 23.13 30.25 -9.43
C ILE B 161 22.52 31.39 -10.26
N ASN B 162 23.12 32.58 -10.21
CA ASN B 162 22.67 33.64 -11.10
C ASN B 162 23.42 33.53 -12.40
N LYS B 163 22.79 32.86 -13.36
CA LYS B 163 23.44 32.52 -14.61
C LYS B 163 24.05 33.77 -15.26
N GLU B 164 23.49 34.92 -14.94
CA GLU B 164 23.96 36.20 -15.51
C GLU B 164 25.27 36.67 -14.87
N LYS B 165 25.38 36.53 -13.54
CA LYS B 165 26.62 36.83 -12.82
C LYS B 165 27.67 35.72 -12.96
N PHE B 166 27.19 34.50 -13.24
CA PHE B 166 28.06 33.32 -13.28
C PHE B 166 28.71 33.15 -14.65
N ILE B 167 28.06 33.67 -15.69
CA ILE B 167 28.63 33.63 -17.05
C ILE B 167 30.04 34.22 -17.05
N HIS B 168 30.30 35.13 -16.11
CA HIS B 168 31.63 35.71 -15.97
C HIS B 168 32.60 34.73 -15.35
N VAL B 169 32.08 33.75 -14.61
CA VAL B 169 32.93 32.66 -14.13
C VAL B 169 33.22 31.70 -15.27
N LEU B 170 32.15 31.24 -15.93
CA LEU B 170 32.26 30.33 -17.06
C LEU B 170 33.27 30.84 -18.10
N LYS B 171 33.16 32.12 -18.44
CA LYS B 171 34.12 32.75 -19.34
C LYS B 171 35.56 32.49 -18.88
N LEU B 172 35.79 32.56 -17.58
CA LEU B 172 37.14 32.33 -17.05
C LEU B 172 37.61 30.88 -17.06
N ALA B 173 36.72 29.96 -16.70
CA ALA B 173 37.10 28.55 -16.65
C ALA B 173 37.21 27.96 -18.08
N GLU B 174 36.49 28.56 -19.01
CA GLU B 174 36.59 28.19 -20.41
C GLU B 174 38.00 28.49 -20.91
N GLU B 175 38.44 29.74 -20.72
CA GLU B 175 39.73 30.17 -21.23
C GLU B 175 40.92 29.50 -20.52
N LYS B 176 40.71 29.10 -19.26
CA LYS B 176 41.82 28.57 -18.48
C LYS B 176 41.74 27.07 -18.26
N LYS B 177 40.85 26.42 -18.96
CA LYS B 177 40.68 24.97 -19.01
C LYS B 177 40.44 24.39 -17.62
N LYS B 178 39.66 25.02 -16.81
CA LYS B 178 39.16 24.45 -15.55
C LYS B 178 37.79 23.83 -15.83
N THR B 179 37.37 22.87 -15.03
CA THR B 179 36.05 22.28 -15.20
C THR B 179 35.13 22.82 -14.09
N ILE B 180 33.86 23.04 -14.41
CA ILE B 180 32.95 23.51 -13.39
C ILE B 180 31.74 22.58 -13.33
N ILE B 181 31.74 21.79 -12.26
CA ILE B 181 30.72 20.79 -12.00
C ILE B 181 29.52 21.49 -11.38
N ILE B 182 28.36 21.31 -11.98
CA ILE B 182 27.14 21.92 -11.45
C ILE B 182 26.16 20.84 -11.09
N ASP B 183 25.84 20.73 -9.80
CA ASP B 183 24.90 19.73 -9.33
C ASP B 183 23.47 20.25 -9.47
N GLU B 184 22.76 19.74 -10.46
CA GLU B 184 21.37 20.13 -10.70
C GLU B 184 20.38 19.06 -10.28
N ALA B 185 20.67 18.38 -9.18
CA ALA B 185 19.78 17.35 -8.63
C ALA B 185 18.39 17.85 -8.29
N PHE B 186 18.25 19.15 -8.05
CA PHE B 186 16.98 19.77 -7.64
C PHE B 186 16.42 20.75 -8.66
N ILE B 187 16.95 20.72 -9.88
CA ILE B 187 16.68 21.77 -10.86
C ILE B 187 15.32 21.65 -11.53
N GLU B 188 14.82 20.43 -11.73
CA GLU B 188 13.52 20.30 -12.38
C GLU B 188 12.40 20.82 -11.49
N PHE B 189 12.75 21.16 -10.25
CA PHE B 189 11.80 21.67 -9.26
C PHE B 189 11.39 23.12 -9.50
N THR B 190 12.23 23.87 -10.22
CA THR B 190 11.83 25.19 -10.68
C THR B 190 11.02 25.04 -11.98
N GLY B 191 11.17 23.89 -12.63
CA GLY B 191 10.38 23.51 -13.79
C GLY B 191 10.47 24.55 -14.89
N ASP B 192 11.45 25.46 -14.77
CA ASP B 192 11.84 26.58 -15.69
C ASP B 192 13.23 26.51 -16.25
N PRO B 193 13.33 26.35 -17.56
CA PRO B 193 14.58 26.02 -18.26
C PRO B 193 15.76 27.00 -18.32
N SER B 194 15.59 28.29 -18.23
CA SER B 194 16.80 29.08 -18.34
C SER B 194 17.57 28.99 -17.05
N SER B 195 16.96 28.40 -16.06
CA SER B 195 17.57 28.27 -14.77
C SER B 195 18.68 27.27 -14.73
N SER B 196 18.56 26.25 -15.54
CA SER B 196 19.59 25.25 -15.57
C SER B 196 20.62 25.58 -16.64
N PHE B 197 21.79 25.08 -16.44
CA PHE B 197 22.90 25.31 -17.33
C PHE B 197 23.08 24.22 -18.38
N VAL B 198 22.08 23.36 -18.56
CA VAL B 198 22.14 22.42 -19.68
C VAL B 198 22.20 23.27 -20.94
N GLY B 199 21.43 24.37 -20.92
CA GLY B 199 21.35 25.27 -22.05
C GLY B 199 22.67 25.87 -22.51
N GLU B 200 23.69 25.87 -21.64
CA GLU B 200 25.00 26.43 -21.98
C GLU B 200 26.08 25.36 -22.21
N ILE B 201 25.66 24.10 -22.27
CA ILE B 201 26.56 22.99 -22.54
C ILE B 201 27.29 23.21 -23.87
N LYS B 202 26.52 23.52 -24.90
CA LYS B 202 27.08 23.76 -26.22
C LYS B 202 28.04 24.95 -26.25
N ASN B 203 27.79 25.94 -25.38
CA ASN B 203 28.62 27.14 -25.28
C ASN B 203 29.91 26.96 -24.47
N TYR B 204 29.82 26.29 -23.33
CA TYR B 204 30.97 26.12 -22.44
C TYR B 204 31.35 24.64 -22.25
N SER B 205 32.58 24.30 -22.65
CA SER B 205 33.05 22.92 -22.52
C SER B 205 33.45 22.59 -21.09
N CYS B 206 33.79 23.62 -20.31
CA CYS B 206 34.17 23.44 -18.91
C CYS B 206 33.06 22.82 -18.05
N LEU B 207 31.84 22.96 -18.52
CA LEU B 207 30.66 22.54 -17.76
C LEU B 207 30.42 21.03 -17.70
N PHE B 208 30.40 20.49 -16.50
CA PHE B 208 29.90 19.12 -16.32
C PHE B 208 28.63 19.21 -15.46
N ILE B 209 27.47 19.07 -16.10
CA ILE B 209 26.16 19.16 -15.43
C ILE B 209 25.65 17.78 -14.95
N ILE B 210 25.32 17.68 -13.67
CA ILE B 210 24.78 16.43 -13.11
C ILE B 210 23.27 16.55 -12.84
N ARG B 211 22.50 15.60 -13.37
CA ARG B 211 21.06 15.51 -13.09
C ARG B 211 20.76 14.21 -12.32
N ALA B 212 19.54 14.06 -11.83
CA ALA B 212 19.14 12.81 -11.17
C ALA B 212 17.64 12.59 -11.32
N MET B 213 17.20 11.36 -11.04
CA MET B 213 15.78 11.01 -11.11
C MET B 213 15.23 10.76 -9.71
N THR B 214 16.14 10.81 -8.74
CA THR B 214 15.81 10.49 -7.34
C THR B 214 14.79 11.46 -6.73
N LYS B 215 15.12 12.74 -6.76
CA LYS B 215 14.36 13.74 -6.07
C LYS B 215 13.03 14.02 -6.73
N PHE B 216 13.09 14.53 -7.97
CA PHE B 216 11.90 15.02 -8.65
C PHE B 216 10.96 13.94 -9.22
N PHE B 217 11.51 12.82 -9.67
CA PHE B 217 10.70 11.74 -10.21
C PHE B 217 10.34 10.70 -9.16
N ALA B 218 10.77 10.96 -7.92
CA ALA B 218 10.38 10.23 -6.71
C ALA B 218 10.80 8.75 -6.61
N MET B 219 11.98 8.43 -7.13
CA MET B 219 12.42 7.03 -7.19
C MET B 219 13.86 6.82 -6.67
N PRO B 220 14.10 7.05 -5.37
CA PRO B 220 15.44 6.85 -4.79
C PRO B 220 15.91 5.39 -4.91
N GLY B 221 15.02 4.45 -4.59
CA GLY B 221 15.35 3.03 -4.63
C GLY B 221 15.81 2.51 -5.98
N ILE B 222 15.47 3.20 -7.05
CA ILE B 222 15.82 2.69 -8.38
C ILE B 222 17.28 2.97 -8.76
N ARG B 223 17.91 3.87 -8.00
CA ARG B 223 19.34 4.18 -8.13
C ARG B 223 19.75 4.68 -9.51
N PHE B 224 19.37 5.91 -9.85
CA PHE B 224 19.72 6.44 -11.19
C PHE B 224 20.00 7.93 -11.25
N GLY B 225 21.13 8.26 -11.87
CA GLY B 225 21.44 9.63 -12.22
C GLY B 225 22.24 9.70 -13.49
N TYR B 226 22.60 10.91 -13.90
CA TYR B 226 23.43 11.09 -15.08
C TYR B 226 24.20 12.41 -15.04
N GLY B 227 25.26 12.50 -15.85
CA GLY B 227 26.12 13.66 -15.94
C GLY B 227 26.28 14.05 -17.39
N ILE B 228 26.19 15.35 -17.69
CA ILE B 228 26.29 15.86 -19.07
C ILE B 228 27.45 16.82 -19.25
N THR B 229 27.96 16.91 -20.47
CA THR B 229 29.07 17.80 -20.81
C THR B 229 29.19 17.86 -22.32
N ASN B 230 29.71 18.97 -22.83
CA ASN B 230 30.02 18.97 -24.24
C ASN B 230 31.45 18.48 -24.43
N ASN B 231 32.26 18.59 -23.38
CA ASN B 231 33.60 18.03 -23.36
C ASN B 231 33.56 16.51 -23.26
N LYS B 232 33.96 15.83 -24.33
CA LYS B 232 33.84 14.38 -24.38
C LYS B 232 34.93 13.60 -23.64
N GLU B 233 36.16 14.13 -23.58
CA GLU B 233 37.22 13.45 -22.85
C GLU B 233 36.85 13.28 -21.38
N ILE B 234 36.18 14.28 -20.83
CA ILE B 234 35.69 14.22 -19.47
C ILE B 234 34.70 13.08 -19.36
N ALA B 235 33.81 13.00 -20.34
CA ALA B 235 32.79 11.94 -20.34
C ALA B 235 33.46 10.55 -20.45
N ALA B 236 34.50 10.45 -21.26
CA ALA B 236 35.22 9.21 -21.47
C ALA B 236 36.04 8.85 -20.24
N LYS B 237 36.83 9.80 -19.77
CA LYS B 237 37.75 9.56 -18.67
C LYS B 237 36.99 9.10 -17.44
N ILE B 238 35.73 9.52 -17.35
CA ILE B 238 34.86 9.13 -16.25
C ILE B 238 34.34 7.70 -16.37
N LYS B 239 34.03 7.29 -17.60
CA LYS B 239 33.48 5.95 -17.82
C LYS B 239 34.57 4.89 -17.74
N ALA B 240 35.80 5.31 -17.98
CA ALA B 240 36.94 4.42 -17.85
C ALA B 240 37.12 3.99 -16.39
N LYS B 241 36.32 4.57 -15.51
CA LYS B 241 36.40 4.28 -14.09
C LYS B 241 35.16 3.53 -13.57
N GLN B 242 34.22 3.28 -14.47
CA GLN B 242 32.97 2.62 -14.12
C GLN B 242 33.01 1.17 -14.58
N ASN B 243 32.04 0.38 -14.13
CA ASN B 243 31.88 -0.98 -14.63
C ASN B 243 30.84 -1.06 -15.75
N PRO B 244 31.02 -2.02 -16.66
CA PRO B 244 30.04 -2.24 -17.73
C PRO B 244 28.74 -2.73 -17.13
N TRP B 245 27.62 -2.33 -17.71
CA TRP B 245 26.32 -2.68 -17.17
C TRP B 245 26.09 -2.18 -15.74
N ASN B 246 26.40 -0.93 -15.45
CA ASN B 246 26.14 -0.40 -14.10
C ASN B 246 24.68 0.05 -13.87
N ILE B 247 23.94 0.26 -14.94
CA ILE B 247 22.54 0.66 -14.83
C ILE B 247 21.61 -0.54 -14.90
N ASN B 248 20.78 -0.72 -13.87
CA ASN B 248 19.87 -1.86 -13.85
C ASN B 248 18.62 -1.62 -14.70
N CYS B 249 18.02 -2.71 -15.18
CA CYS B 249 16.93 -2.63 -16.16
C CYS B 249 15.71 -1.79 -15.73
N PHE B 250 15.41 -1.77 -14.44
CA PHE B 250 14.27 -0.98 -13.96
C PHE B 250 14.53 0.52 -14.02
N ALA B 251 15.74 0.89 -13.61
CA ALA B 251 16.19 2.27 -13.69
C ALA B 251 16.27 2.74 -15.14
N GLU B 252 16.55 1.80 -16.05
CA GLU B 252 16.58 2.01 -17.50
C GLU B 252 15.17 2.21 -18.08
N MET B 253 14.26 1.28 -17.80
CA MET B 253 12.87 1.48 -18.24
C MET B 253 12.40 2.85 -17.77
N ALA B 254 12.73 3.20 -16.52
CA ALA B 254 12.27 4.45 -15.94
C ALA B 254 12.81 5.68 -16.65
N ALA B 255 14.11 5.68 -16.96
CA ALA B 255 14.70 6.84 -17.63
C ALA B 255 14.34 7.00 -19.13
N ILE B 256 14.05 5.90 -19.81
CA ILE B 256 13.59 6.01 -21.21
C ILE B 256 12.08 6.31 -21.31
N ASN B 257 11.35 6.07 -20.22
CA ASN B 257 9.89 6.19 -20.19
C ASN B 257 9.32 7.43 -19.45
N CYS B 258 9.95 7.76 -18.31
CA CYS B 258 9.39 8.74 -17.38
C CYS B 258 9.86 10.15 -17.63
N LEU B 259 11.13 10.31 -18.05
CA LEU B 259 11.68 11.64 -18.28
C LEU B 259 10.79 12.47 -19.19
N LYS B 260 9.98 11.79 -20.00
CA LYS B 260 9.04 12.47 -20.88
C LYS B 260 7.58 12.14 -20.55
N ASP B 261 7.30 12.03 -19.25
CA ASP B 261 5.94 11.86 -18.75
C ASP B 261 5.41 13.22 -18.32
N THR B 262 4.86 13.97 -19.28
CA THR B 262 4.47 15.36 -19.07
C THR B 262 3.29 15.53 -18.13
N ASN B 263 2.51 14.47 -17.90
CA ASN B 263 1.44 14.52 -16.94
C ASN B 263 2.03 14.74 -15.57
N TYR B 264 3.07 13.96 -15.28
CA TYR B 264 3.74 13.99 -14.00
C TYR B 264 4.50 15.29 -13.80
N ILE B 265 5.27 15.70 -14.81
CA ILE B 265 6.00 16.95 -14.68
C ILE B 265 5.08 18.13 -14.41
N GLU B 266 4.04 18.29 -15.21
CA GLU B 266 3.19 19.44 -15.05
C GLU B 266 2.44 19.38 -13.72
N GLU B 267 1.95 18.19 -13.39
CA GLU B 267 1.30 17.98 -12.10
C GLU B 267 2.23 18.35 -10.93
N SER B 268 3.49 17.95 -11.04
CA SER B 268 4.49 18.22 -10.00
C SER B 268 4.82 19.69 -9.89
N LEU B 269 4.98 20.34 -11.04
CA LEU B 269 5.16 21.79 -11.13
C LEU B 269 3.99 22.64 -10.58
N LEU B 270 2.77 22.20 -10.87
CA LEU B 270 1.58 22.79 -10.27
C LEU B 270 1.74 22.70 -8.74
N TRP B 271 1.86 21.48 -8.22
CA TRP B 271 2.08 21.29 -6.79
C TRP B 271 3.09 22.28 -6.19
N ILE B 272 4.37 22.21 -6.61
CA ILE B 272 5.41 23.00 -5.95
C ILE B 272 5.29 24.51 -6.12
N LYS B 273 4.83 24.97 -7.28
CA LYS B 273 4.70 26.41 -7.46
C LYS B 273 3.69 26.95 -6.43
N LYS B 274 2.51 26.39 -6.38
CA LYS B 274 1.60 26.78 -5.35
C LYS B 274 2.09 26.56 -3.91
N GLU B 275 2.21 25.32 -3.50
CA GLU B 275 2.50 25.05 -2.10
C GLU B 275 3.84 25.60 -1.62
N ARG B 276 4.74 25.94 -2.54
CA ARG B 276 5.99 26.57 -2.10
C ARG B 276 5.69 27.98 -1.60
N LYS B 277 4.59 28.55 -2.11
CA LYS B 277 4.18 29.88 -1.70
C LYS B 277 3.42 29.85 -0.38
N ARG B 278 2.45 28.95 -0.26
CA ARG B 278 1.59 28.84 0.91
C ARG B 278 2.36 28.49 2.19
N PHE B 279 3.48 27.80 2.01
CA PHE B 279 4.23 27.21 3.13
C PHE B 279 5.28 28.20 3.63
N ILE B 280 5.86 28.94 2.69
CA ILE B 280 6.81 30.00 3.01
C ILE B 280 6.09 31.17 3.68
N GLU B 281 4.87 31.43 3.22
CA GLU B 281 3.96 32.35 3.89
C GLU B 281 3.72 31.91 5.33
N GLU B 282 3.38 30.64 5.51
CA GLU B 282 3.00 30.12 6.83
C GLU B 282 4.14 30.01 7.82
N LEU B 283 5.37 29.86 7.31
CA LEU B 283 6.54 29.76 8.19
C LEU B 283 6.92 31.11 8.80
N ASN B 284 6.75 32.17 8.02
CA ASN B 284 7.07 33.48 8.52
C ASN B 284 6.10 33.91 9.63
N LYS B 285 4.98 33.19 9.74
CA LYS B 285 3.99 33.41 10.79
C LYS B 285 4.42 32.79 12.12
N ILE B 286 5.33 31.81 12.10
CA ILE B 286 5.78 31.20 13.36
C ILE B 286 6.86 32.06 14.05
N GLY B 287 6.82 32.07 15.38
CA GLY B 287 7.51 33.08 16.16
C GLY B 287 8.98 32.84 16.42
N PHE B 288 9.38 31.58 16.60
CA PHE B 288 10.80 31.26 16.79
C PHE B 288 11.57 31.08 15.48
N ILE B 289 10.93 31.35 14.36
CA ILE B 289 11.64 31.40 13.09
C ILE B 289 12.00 32.84 12.72
N LYS B 290 13.24 33.20 13.02
CA LYS B 290 13.78 34.54 12.77
C LYS B 290 13.87 34.89 11.29
N ARG B 291 14.18 33.90 10.46
CA ARG B 291 14.28 34.13 9.02
C ARG B 291 14.08 32.86 8.21
N VAL B 292 13.38 33.00 7.11
CA VAL B 292 13.23 31.92 6.13
C VAL B 292 13.96 32.39 4.88
N PHE B 293 14.78 31.51 4.31
CA PHE B 293 15.51 31.83 3.08
C PHE B 293 14.78 31.38 1.82
N SER B 294 14.85 32.20 0.78
CA SER B 294 14.12 31.99 -0.47
C SER B 294 14.64 30.80 -1.28
N PRO B 295 13.89 29.69 -1.28
CA PRO B 295 14.26 28.46 -1.97
C PRO B 295 13.57 28.33 -3.33
N HIS B 296 14.26 27.75 -4.29
CA HIS B 296 13.68 27.56 -5.61
C HIS B 296 13.35 26.10 -5.93
N ALA B 297 13.35 25.26 -4.89
CA ALA B 297 12.91 23.88 -5.02
C ALA B 297 11.98 23.47 -3.87
N ASN B 298 12.08 22.21 -3.45
CA ASN B 298 11.15 21.65 -2.46
C ASN B 298 11.77 21.48 -1.07
N PHE B 299 12.69 22.36 -0.67
CA PHE B 299 13.19 22.35 0.70
C PHE B 299 13.48 23.76 1.11
N VAL B 300 13.41 24.03 2.41
CA VAL B 300 13.62 25.38 2.90
C VAL B 300 14.56 25.46 4.09
N LEU B 301 15.45 26.45 4.06
CA LEU B 301 16.38 26.71 5.14
C LEU B 301 15.78 27.79 6.06
N CYS B 302 15.75 27.49 7.35
CA CYS B 302 15.18 28.41 8.33
C CYS B 302 16.19 28.75 9.43
N ARG B 303 16.22 30.02 9.80
CA ARG B 303 17.06 30.49 10.89
C ARG B 303 16.21 30.63 12.14
N LEU B 304 16.63 29.98 13.22
CA LEU B 304 15.82 29.94 14.43
C LEU B 304 16.16 31.04 15.39
N GLU B 305 15.19 31.34 16.27
CA GLU B 305 15.31 32.33 17.31
C GLU B 305 14.86 31.64 18.60
N ASN B 306 15.58 31.90 19.69
CA ASN B 306 15.15 31.44 21.00
C ASN B 306 14.81 29.96 21.06
N ILE B 307 15.45 29.18 20.19
CA ILE B 307 15.35 27.72 20.22
C ILE B 307 16.43 27.21 19.31
N SER B 308 17.12 26.16 19.76
CA SER B 308 18.16 25.57 18.95
C SER B 308 17.57 24.46 18.08
N GLY B 309 18.20 24.25 16.94
CA GLY B 309 17.81 23.17 16.05
C GLY B 309 17.86 21.84 16.79
N GLU B 310 18.82 21.71 17.71
CA GLU B 310 18.87 20.50 18.52
C GLU B 310 17.57 20.39 19.25
N LYS B 311 17.22 21.45 19.97
CA LYS B 311 15.99 21.48 20.75
C LYS B 311 14.78 21.25 19.85
N LEU B 312 14.68 22.07 18.81
CA LEU B 312 13.55 21.96 17.90
C LEU B 312 13.41 20.54 17.32
N TYR B 313 14.56 19.91 17.03
CA TYR B 313 14.57 18.53 16.56
C TYR B 313 14.03 17.59 17.66
N ASP B 314 14.52 17.79 18.88
CA ASP B 314 14.03 17.05 20.04
C ASP B 314 12.53 17.24 20.25
N SER B 315 12.07 18.48 20.18
CA SER B 315 10.66 18.78 20.43
C SER B 315 9.72 18.08 19.45
N LEU B 316 10.16 17.96 18.19
CA LEU B 316 9.30 17.45 17.11
C LEU B 316 9.38 15.94 16.99
N LEU B 317 10.52 15.39 17.34
CA LEU B 317 10.76 13.96 17.16
C LEU B 317 9.73 13.19 17.98
N LYS B 318 9.34 13.79 19.10
CA LYS B 318 8.30 13.23 19.95
C LYS B 318 6.95 13.25 19.23
N GLU B 319 6.81 14.16 18.26
CA GLU B 319 5.59 14.27 17.48
C GLU B 319 5.67 13.43 16.22
N ASP B 320 6.74 12.65 16.10
CA ASP B 320 6.97 11.85 14.91
C ASP B 320 7.16 12.78 13.71
N ILE B 321 8.11 13.70 13.86
CA ILE B 321 8.52 14.55 12.77
C ILE B 321 10.03 14.61 12.86
N VAL B 322 10.71 14.31 11.76
CA VAL B 322 12.16 14.35 11.70
C VAL B 322 12.59 15.51 10.83
N ILE B 323 13.36 16.45 11.38
CA ILE B 323 13.85 17.60 10.61
C ILE B 323 15.36 17.58 10.41
N ARG B 324 15.82 18.31 9.38
CA ARG B 324 17.26 18.40 9.09
C ARG B 324 17.91 19.50 9.92
N ARG B 325 18.67 19.10 10.94
CA ARG B 325 19.55 20.03 11.61
C ARG B 325 20.68 20.32 10.64
N CYS B 326 20.99 21.60 10.42
CA CYS B 326 22.08 21.98 9.53
C CYS B 326 23.33 22.44 10.27
N CYS B 327 23.34 22.27 11.57
CA CYS B 327 24.55 22.48 12.37
C CYS B 327 25.79 21.95 11.60
N ASN B 328 25.66 20.77 11.00
CA ASN B 328 26.79 20.07 10.35
C ASN B 328 27.21 20.51 8.93
N PHE B 329 26.45 21.38 8.29
CA PHE B 329 26.94 22.01 7.07
C PHE B 329 28.02 23.00 7.44
N ILE B 330 28.99 23.20 6.56
CA ILE B 330 30.08 24.14 6.86
C ILE B 330 29.59 25.57 6.67
N GLY B 331 29.93 26.42 7.62
CA GLY B 331 29.46 27.79 7.59
C GLY B 331 28.13 27.97 8.31
N LEU B 332 27.50 26.87 8.71
CA LEU B 332 26.25 26.94 9.48
C LEU B 332 26.45 26.46 10.91
N ASP B 333 25.53 26.83 11.80
CA ASP B 333 25.57 26.42 13.18
C ASP B 333 24.21 25.86 13.52
N ASP B 334 23.96 25.59 14.80
CA ASP B 334 22.71 24.94 15.18
C ASP B 334 21.51 25.88 15.13
N SER B 335 21.75 27.12 14.75
CA SER B 335 20.66 28.09 14.60
C SER B 335 19.99 27.97 13.24
N PHE B 336 20.37 26.93 12.49
CA PHE B 336 19.83 26.71 11.14
C PHE B 336 19.21 25.32 10.98
N VAL B 337 18.02 25.29 10.40
CA VAL B 337 17.36 24.03 10.10
C VAL B 337 16.79 24.02 8.67
N ARG B 338 16.70 22.83 8.08
CA ARG B 338 16.18 22.66 6.72
C ARG B 338 14.95 21.78 6.79
N PHE B 339 13.87 22.21 6.16
CA PHE B 339 12.64 21.42 6.17
C PHE B 339 12.27 21.12 4.73
N ALA B 340 11.63 19.99 4.49
CA ALA B 340 11.11 19.71 3.16
C ALA B 340 9.85 20.54 2.94
N ILE B 341 9.63 20.92 1.69
CA ILE B 341 8.35 21.44 1.26
C ILE B 341 7.57 20.25 0.72
N LYS B 342 6.60 19.76 1.48
CA LYS B 342 5.89 18.55 1.10
C LYS B 342 4.47 18.79 0.59
N ASP B 343 3.61 17.83 0.88
CA ASP B 343 2.20 17.84 0.47
C ASP B 343 1.47 19.04 1.08
N GLU B 344 0.26 19.32 0.59
CA GLU B 344 -0.58 20.33 1.21
C GLU B 344 -0.99 19.89 2.61
N LYS B 345 -1.53 18.68 2.73
CA LYS B 345 -1.94 18.14 4.03
C LYS B 345 -0.76 17.83 4.95
N LYS B 346 0.34 17.35 4.38
CA LYS B 346 1.55 17.12 5.15
C LYS B 346 2.10 18.42 5.72
N ASN B 347 2.26 19.44 4.88
CA ASN B 347 2.72 20.75 5.33
C ASN B 347 1.80 21.37 6.37
N THR B 348 0.50 21.17 6.21
CA THR B 348 -0.45 21.58 7.23
C THR B 348 -0.15 21.02 8.63
N LYS B 349 -0.15 19.70 8.76
CA LYS B 349 0.12 19.05 10.04
C LYS B 349 1.45 19.50 10.62
N PHE B 350 2.37 19.86 9.74
CA PHE B 350 3.72 20.21 10.14
C PHE B 350 3.81 21.62 10.72
N LEU B 351 3.12 22.57 10.10
CA LEU B 351 3.10 23.94 10.63
C LEU B 351 2.37 23.99 11.94
N ARG B 352 1.39 23.11 12.13
CA ARG B 352 0.64 23.03 13.37
C ARG B 352 1.43 22.39 14.46
N ALA B 353 2.32 21.54 14.07
CA ALA B 353 3.26 21.00 15.05
C ALA B 353 4.30 22.06 15.38
N LEU B 354 4.65 22.88 14.40
CA LEU B 354 5.48 24.07 14.64
C LEU B 354 4.74 25.00 15.57
N LYS B 355 3.55 25.42 15.16
CA LYS B 355 2.71 26.32 15.93
C LYS B 355 2.56 25.81 17.37
N GLY B 356 2.56 24.49 17.54
CA GLY B 356 2.51 23.88 18.85
C GLY B 356 3.76 24.23 19.64
N VAL B 357 4.91 24.24 18.96
CA VAL B 357 6.19 24.56 19.58
C VAL B 357 6.27 26.02 20.06
N GLU B 358 5.78 26.96 19.26
CA GLU B 358 5.84 28.37 19.62
C GLU B 358 5.07 28.61 20.92
N ASN B 359 3.90 27.96 21.05
CA ASN B 359 3.09 28.06 22.25
C ASN B 359 3.85 27.71 23.53
N ASN B 360 4.45 26.52 23.54
CA ASN B 360 5.09 25.99 24.74
C ASN B 360 6.53 26.48 24.88
N LEU B 361 6.94 27.39 24.01
CA LEU B 361 8.25 28.01 24.14
C LEU B 361 8.17 29.20 25.09
N LEU C 28 -34.42 -17.24 -13.87
CA LEU C 28 -33.09 -16.69 -13.55
C LEU C 28 -32.52 -17.20 -12.21
N LEU C 29 -32.27 -18.50 -12.12
CA LEU C 29 -31.70 -19.10 -10.91
C LEU C 29 -30.26 -18.66 -10.72
N ASP C 30 -29.86 -18.52 -9.46
CA ASP C 30 -28.54 -17.97 -9.13
C ASP C 30 -27.73 -18.92 -8.27
N TYR C 31 -26.81 -19.64 -8.92
CA TYR C 31 -26.01 -20.66 -8.26
C TYR C 31 -24.65 -20.11 -7.85
N SER C 32 -24.52 -18.80 -8.00
CA SER C 32 -23.47 -18.07 -7.28
C SER C 32 -23.96 -17.61 -5.89
N SER C 33 -25.24 -17.88 -5.61
CA SER C 33 -25.89 -17.41 -4.38
C SER C 33 -26.27 -18.53 -3.41
N ASN C 34 -25.77 -18.41 -2.17
CA ASN C 34 -25.91 -19.48 -1.20
C ASN C 34 -26.87 -19.19 -0.04
N ILE C 35 -28.07 -18.73 -0.38
CA ILE C 35 -29.05 -18.41 0.64
C ILE C 35 -30.00 -19.59 0.75
N ASN C 36 -30.54 -19.79 1.96
CA ASN C 36 -31.55 -20.82 2.17
C ASN C 36 -32.67 -20.65 1.15
N PRO C 37 -33.04 -21.75 0.47
CA PRO C 37 -34.08 -21.80 -0.56
C PRO C 37 -35.43 -21.88 0.10
N LEU C 38 -35.43 -22.33 1.35
CA LEU C 38 -36.65 -22.50 2.11
C LEU C 38 -37.26 -21.15 2.49
N GLY C 39 -36.49 -20.09 2.30
CA GLY C 39 -37.00 -18.74 2.46
C GLY C 39 -36.90 -18.11 3.83
N ILE C 40 -37.91 -17.29 4.13
CA ILE C 40 -38.00 -16.49 5.34
C ILE C 40 -38.76 -17.26 6.42
N PRO C 41 -38.15 -17.39 7.63
CA PRO C 41 -38.80 -18.06 8.76
C PRO C 41 -40.24 -17.56 8.94
N LYS C 42 -41.16 -18.46 9.25
CA LYS C 42 -42.55 -18.05 9.40
C LYS C 42 -42.72 -17.14 10.62
N SER C 43 -41.75 -17.16 11.52
CA SER C 43 -41.80 -16.32 12.72
C SER C 43 -41.47 -14.88 12.37
N PHE C 44 -40.81 -14.67 11.25
CA PHE C 44 -40.55 -13.29 10.87
C PHE C 44 -41.86 -12.55 10.53
N LEU C 45 -42.68 -13.14 9.68
CA LEU C 45 -43.98 -12.56 9.38
C LEU C 45 -44.81 -12.36 10.65
N ASN C 46 -44.93 -13.40 11.46
CA ASN C 46 -45.81 -13.37 12.62
C ASN C 46 -45.58 -12.18 13.53
N ASN C 47 -44.32 -11.81 13.73
CA ASN C 47 -43.98 -10.72 14.64
C ASN C 47 -43.59 -9.44 13.91
N ILE C 48 -44.13 -9.28 12.71
CA ILE C 48 -43.87 -8.12 11.87
C ILE C 48 -44.46 -6.84 12.46
N ASP C 49 -45.58 -6.97 13.18
CA ASP C 49 -46.13 -5.85 13.93
C ASP C 49 -45.05 -5.28 14.84
N GLU C 50 -44.35 -6.17 15.55
CA GLU C 50 -43.37 -5.76 16.54
C GLU C 50 -42.30 -4.87 15.91
N GLY C 51 -41.72 -5.32 14.81
CA GLY C 51 -40.71 -4.54 14.13
C GLY C 51 -41.24 -3.24 13.55
N ILE C 52 -42.55 -3.18 13.37
CA ILE C 52 -43.20 -1.98 12.81
C ILE C 52 -43.50 -0.89 13.86
N LYS C 53 -43.95 -1.32 15.04
CA LYS C 53 -44.16 -0.39 16.15
C LYS C 53 -42.83 0.18 16.60
N ASN C 54 -41.75 -0.50 16.22
CA ASN C 54 -40.43 -0.04 16.61
C ASN C 54 -39.79 0.89 15.57
N LEU C 55 -40.49 1.12 14.47
CA LEU C 55 -40.04 2.05 13.46
C LEU C 55 -39.86 3.42 14.08
N GLY C 56 -40.79 3.76 14.97
CA GLY C 56 -40.90 5.09 15.51
C GLY C 56 -39.93 5.47 16.61
N VAL C 57 -39.25 4.48 17.18
CA VAL C 57 -38.32 4.78 18.28
C VAL C 57 -36.94 4.20 18.07
N TYR C 58 -35.91 4.97 18.43
CA TYR C 58 -34.56 4.42 18.48
C TYR C 58 -34.59 3.13 19.29
N PRO C 59 -33.83 2.12 18.87
CA PRO C 59 -33.79 0.89 19.67
C PRO C 59 -33.05 1.12 20.99
N ASP C 60 -33.13 0.15 21.89
CA ASP C 60 -32.25 0.11 23.07
C ASP C 60 -30.84 0.38 22.56
N VAL C 61 -30.12 1.27 23.21
CA VAL C 61 -28.75 1.56 22.76
C VAL C 61 -27.78 0.39 23.04
N ASN C 62 -28.07 -0.37 24.10
CA ASN C 62 -27.25 -1.54 24.44
C ASN C 62 -27.89 -2.84 23.98
N TYR C 63 -28.94 -2.73 23.17
CA TYR C 63 -29.64 -3.88 22.61
C TYR C 63 -29.70 -5.05 23.57
N ARG C 64 -30.02 -4.79 24.85
CA ARG C 64 -30.01 -5.84 25.86
C ARG C 64 -30.85 -7.06 25.48
N ARG C 65 -32.04 -6.84 24.94
CA ARG C 65 -32.94 -7.95 24.62
C ARG C 65 -32.38 -8.74 23.44
N LEU C 66 -31.68 -8.06 22.54
CA LEU C 66 -31.08 -8.74 21.39
C LEU C 66 -29.94 -9.63 21.87
N ASN C 67 -29.12 -9.09 22.77
CA ASN C 67 -28.03 -9.85 23.37
C ASN C 67 -28.54 -11.05 24.17
N LYS C 68 -29.71 -10.88 24.78
CA LYS C 68 -30.42 -11.98 25.43
C LYS C 68 -30.71 -13.14 24.45
N SER C 69 -31.53 -12.87 23.44
CA SER C 69 -31.95 -13.91 22.48
C SER C 69 -30.78 -14.74 21.93
N ILE C 70 -29.69 -14.07 21.61
CA ILE C 70 -28.48 -14.70 21.10
C ILE C 70 -27.84 -15.58 22.15
N GLU C 71 -27.63 -15.02 23.36
CA GLU C 71 -27.09 -15.79 24.47
C GLU C 71 -27.87 -17.08 24.59
N ASN C 72 -29.18 -16.97 24.49
CA ASN C 72 -30.09 -18.13 24.54
C ASN C 72 -29.94 -19.10 23.37
N TYR C 73 -29.66 -18.56 22.18
CA TYR C 73 -29.49 -19.37 20.98
C TYR C 73 -28.19 -20.18 21.07
N LEU C 74 -27.17 -19.57 21.66
CA LEU C 74 -25.86 -20.22 21.77
C LEU C 74 -25.69 -20.95 23.10
N LYS C 75 -26.67 -20.81 24.00
CA LYS C 75 -26.56 -21.34 25.35
C LYS C 75 -25.24 -20.91 25.98
N LEU C 76 -25.03 -19.61 26.11
CA LEU C 76 -23.84 -19.05 26.76
C LEU C 76 -24.16 -17.80 27.56
N LYS C 77 -23.40 -17.57 28.62
CA LYS C 77 -23.57 -16.39 29.44
C LYS C 77 -22.22 -15.76 29.71
N ASP C 78 -22.24 -14.51 30.15
CA ASP C 78 -21.00 -13.80 30.49
C ASP C 78 -19.99 -13.85 29.32
N ILE C 79 -20.50 -13.60 28.10
CA ILE C 79 -19.65 -13.58 26.92
C ILE C 79 -19.66 -12.20 26.28
N GLY C 80 -18.58 -11.87 25.57
CA GLY C 80 -18.59 -10.67 24.76
C GLY C 80 -19.40 -10.90 23.51
N ILE C 81 -20.21 -9.90 23.14
CA ILE C 81 -21.00 -10.00 21.93
C ILE C 81 -20.96 -8.67 21.16
N VAL C 82 -20.71 -8.75 19.86
CA VAL C 82 -20.71 -7.58 19.00
C VAL C 82 -21.76 -7.73 17.89
N LEU C 83 -22.56 -6.68 17.72
CA LEU C 83 -23.62 -6.67 16.72
C LEU C 83 -23.14 -5.88 15.47
N GLY C 84 -23.55 -6.34 14.29
CA GLY C 84 -23.06 -5.75 13.06
C GLY C 84 -24.09 -5.71 11.94
N ASN C 85 -23.91 -4.76 11.04
CA ASN C 85 -24.75 -4.64 9.86
C ASN C 85 -24.34 -5.73 8.86
N GLY C 86 -24.69 -6.98 9.17
CA GLY C 86 -24.19 -8.14 8.46
C GLY C 86 -22.93 -8.69 9.11
N ALA C 87 -22.50 -9.89 8.72
CA ALA C 87 -21.24 -10.44 9.21
C ALA C 87 -20.06 -9.64 8.63
N SER C 88 -20.36 -8.81 7.64
CA SER C 88 -19.38 -7.96 6.98
C SER C 88 -18.67 -7.00 7.90
N GLU C 89 -19.46 -6.29 8.70
CA GLU C 89 -18.95 -5.29 9.62
C GLU C 89 -18.03 -5.94 10.65
N ILE C 90 -18.39 -7.15 11.06
CA ILE C 90 -17.65 -7.86 12.11
C ILE C 90 -16.35 -8.47 11.56
N ILE C 91 -16.41 -9.09 10.39
CA ILE C 91 -15.21 -9.60 9.76
C ILE C 91 -14.16 -8.50 9.58
N GLU C 92 -14.56 -7.35 9.07
CA GLU C 92 -13.61 -6.28 8.80
C GLU C 92 -13.05 -5.73 10.09
N LEU C 93 -13.93 -5.59 11.09
CA LEU C 93 -13.57 -4.90 12.33
C LEU C 93 -12.75 -5.78 13.26
N SER C 94 -12.88 -7.10 13.13
CA SER C 94 -12.03 -7.99 13.91
C SER C 94 -10.64 -8.09 13.27
N ILE C 95 -10.60 -8.04 11.94
CA ILE C 95 -9.34 -7.98 11.22
C ILE C 95 -8.66 -6.62 11.47
N SER C 96 -9.48 -5.58 11.60
CA SER C 96 -8.98 -4.22 11.83
C SER C 96 -8.16 -4.09 13.12
N LEU C 97 -8.17 -5.12 13.96
CA LEU C 97 -7.50 -5.08 15.27
C LEU C 97 -6.02 -5.50 15.26
N PHE C 98 -5.59 -6.21 14.23
CA PHE C 98 -4.21 -6.69 14.21
C PHE C 98 -3.36 -6.04 13.14
N GLU C 99 -2.06 -6.29 13.20
CA GLU C 99 -1.11 -5.73 12.25
C GLU C 99 -0.54 -6.84 11.36
N LYS C 100 -0.75 -8.10 11.77
CA LYS C 100 -0.28 -9.23 10.99
C LYS C 100 -1.24 -10.40 11.17
N ILE C 101 -1.70 -10.98 10.06
CA ILE C 101 -2.73 -12.02 10.10
C ILE C 101 -2.46 -13.18 9.13
N LEU C 102 -2.72 -14.40 9.59
CA LEU C 102 -2.62 -15.60 8.76
C LEU C 102 -3.98 -15.92 8.15
N ILE C 103 -4.10 -15.69 6.84
CA ILE C 103 -5.31 -16.05 6.12
C ILE C 103 -5.13 -17.42 5.44
N ILE C 104 -6.01 -18.36 5.75
CA ILE C 104 -6.06 -19.64 5.05
C ILE C 104 -6.73 -19.43 3.70
N VAL C 105 -6.22 -20.06 2.66
CA VAL C 105 -6.62 -19.70 1.30
C VAL C 105 -6.47 -20.90 0.35
N PRO C 106 -7.45 -21.11 -0.57
CA PRO C 106 -8.61 -20.26 -0.90
C PRO C 106 -9.61 -20.04 0.23
N SER C 107 -10.14 -18.82 0.28
CA SER C 107 -11.16 -18.47 1.24
C SER C 107 -11.94 -17.25 0.73
N TYR C 108 -12.93 -16.82 1.49
CA TYR C 108 -13.76 -15.66 1.19
C TYR C 108 -12.93 -14.40 0.98
N ALA C 109 -13.16 -13.73 -0.14
CA ALA C 109 -12.41 -12.54 -0.53
C ALA C 109 -12.28 -11.49 0.57
N GLU C 110 -13.38 -11.22 1.28
CA GLU C 110 -13.41 -10.23 2.36
C GLU C 110 -12.25 -10.28 3.38
N TYR C 111 -11.72 -11.45 3.69
CA TYR C 111 -10.63 -11.52 4.67
C TYR C 111 -9.48 -10.60 4.28
N GLU C 112 -8.99 -10.75 3.06
CA GLU C 112 -7.81 -10.04 2.59
C GLU C 112 -8.12 -8.63 2.08
N ILE C 113 -9.32 -8.45 1.56
CA ILE C 113 -9.77 -7.13 1.14
C ILE C 113 -9.72 -6.24 2.36
N ASN C 114 -10.21 -6.78 3.46
CA ASN C 114 -10.32 -6.03 4.70
C ASN C 114 -9.02 -5.94 5.46
N ALA C 115 -8.16 -6.92 5.27
CA ALA C 115 -6.82 -6.84 5.84
C ALA C 115 -6.13 -5.69 5.12
N LYS C 116 -6.20 -5.70 3.79
CA LYS C 116 -5.63 -4.60 3.02
C LYS C 116 -6.28 -3.24 3.33
N LYS C 117 -7.60 -3.25 3.52
CA LYS C 117 -8.35 -2.04 3.89
C LYS C 117 -7.86 -1.36 5.18
N HIS C 118 -7.04 -2.06 5.97
CA HIS C 118 -6.66 -1.57 7.29
C HIS C 118 -5.16 -1.62 7.55
N GLY C 119 -4.37 -1.91 6.52
CA GLY C 119 -2.92 -1.97 6.63
C GLY C 119 -2.39 -3.19 7.36
N VAL C 120 -3.17 -4.26 7.38
CA VAL C 120 -2.75 -5.47 8.06
C VAL C 120 -1.84 -6.31 7.17
N SER C 121 -0.84 -6.94 7.77
CA SER C 121 0.10 -7.74 7.01
C SER C 121 -0.45 -9.15 6.85
N VAL C 122 -0.54 -9.60 5.60
CA VAL C 122 -1.10 -10.92 5.32
C VAL C 122 -0.01 -11.98 5.20
N VAL C 123 -0.23 -13.10 5.89
CA VAL C 123 0.59 -14.29 5.70
C VAL C 123 -0.34 -15.42 5.25
N PHE C 124 0.08 -16.19 4.25
CA PHE C 124 -0.78 -17.22 3.68
C PHE C 124 -0.42 -18.64 4.11
N SER C 125 -1.46 -19.42 4.37
CA SER C 125 -1.35 -20.86 4.55
C SER C 125 -2.32 -21.49 3.55
N TYR C 126 -1.76 -22.17 2.56
CA TYR C 126 -2.57 -22.78 1.51
C TYR C 126 -3.18 -24.12 1.92
N LEU C 127 -4.41 -24.37 1.47
CA LEU C 127 -5.02 -25.69 1.59
C LEU C 127 -4.28 -26.58 0.61
N ASP C 128 -4.19 -27.87 0.89
CA ASP C 128 -3.49 -28.76 -0.03
C ASP C 128 -4.27 -28.98 -1.33
N GLU C 129 -3.91 -30.01 -2.08
CA GLU C 129 -4.58 -30.32 -3.35
C GLU C 129 -6.01 -30.82 -3.12
N ASN C 130 -6.21 -31.49 -1.99
CA ASN C 130 -7.52 -32.06 -1.66
C ASN C 130 -8.47 -31.12 -0.90
N MET C 131 -8.05 -29.85 -0.76
CA MET C 131 -8.78 -28.82 -0.03
C MET C 131 -8.89 -29.12 1.48
N CYS C 132 -7.77 -29.57 2.04
CA CYS C 132 -7.65 -29.83 3.47
C CYS C 132 -6.68 -28.82 4.07
N ILE C 133 -7.00 -28.39 5.30
CA ILE C 133 -6.18 -27.39 5.99
C ILE C 133 -4.80 -27.97 6.31
N ASP C 134 -3.74 -27.22 6.02
CA ASP C 134 -2.40 -27.64 6.39
C ASP C 134 -2.12 -27.27 7.85
N TYR C 135 -2.53 -28.13 8.79
CA TYR C 135 -2.45 -27.78 10.21
C TYR C 135 -1.03 -27.54 10.68
N GLU C 136 -0.10 -28.39 10.26
CA GLU C 136 1.30 -28.19 10.61
C GLU C 136 1.77 -26.80 10.20
N ASP C 137 1.52 -26.45 8.95
CA ASP C 137 1.93 -25.17 8.42
C ASP C 137 1.43 -24.00 9.29
N ILE C 138 0.14 -24.02 9.62
CA ILE C 138 -0.45 -23.01 10.49
C ILE C 138 0.43 -22.81 11.71
N ILE C 139 0.62 -23.87 12.49
CA ILE C 139 1.46 -23.83 13.67
C ILE C 139 2.81 -23.19 13.36
N SER C 140 3.46 -23.68 12.31
CA SER C 140 4.80 -23.23 11.97
C SER C 140 4.77 -21.81 11.41
N LYS C 141 3.63 -21.15 11.62
CA LYS C 141 3.45 -19.78 11.14
C LYS C 141 2.83 -18.91 12.21
N ILE C 142 2.56 -19.50 13.38
CA ILE C 142 1.76 -18.82 14.40
C ILE C 142 2.54 -17.83 15.28
N ASP C 143 3.85 -17.74 15.06
CA ASP C 143 4.67 -16.71 15.70
C ASP C 143 5.07 -15.65 14.68
N ASP C 144 4.40 -15.64 13.54
CA ASP C 144 4.66 -14.65 12.51
C ASP C 144 3.61 -13.54 12.61
N VAL C 145 2.40 -13.94 12.96
CA VAL C 145 1.26 -13.02 13.01
C VAL C 145 0.76 -12.94 14.45
N ASP C 146 -0.12 -11.97 14.73
CA ASP C 146 -0.77 -11.88 16.03
C ASP C 146 -2.15 -12.50 15.94
N SER C 147 -2.58 -12.79 14.71
CA SER C 147 -3.95 -13.23 14.45
C SER C 147 -4.05 -14.18 13.27
N VAL C 148 -5.18 -14.87 13.19
CA VAL C 148 -5.45 -15.83 12.12
C VAL C 148 -6.93 -15.77 11.79
N ILE C 149 -7.28 -15.79 10.52
CA ILE C 149 -8.70 -15.92 10.17
C ILE C 149 -8.96 -17.13 9.28
N ILE C 150 -9.98 -17.89 9.67
CA ILE C 150 -10.22 -19.17 9.04
C ILE C 150 -11.72 -19.45 8.94
N GLY C 151 -12.12 -20.17 7.90
CA GLY C 151 -13.52 -20.46 7.65
C GLY C 151 -13.98 -21.80 8.22
N ASN C 152 -15.20 -21.81 8.75
CA ASN C 152 -15.75 -23.04 9.30
C ASN C 152 -17.27 -23.10 9.19
N PRO C 153 -17.79 -23.70 8.10
CA PRO C 153 -17.02 -24.31 7.01
C PRO C 153 -16.51 -23.27 6.03
N ASN C 154 -15.39 -23.56 5.37
CA ASN C 154 -14.72 -22.61 4.49
C ASN C 154 -15.34 -22.48 3.10
N ASN C 155 -15.31 -21.25 2.59
CA ASN C 155 -15.75 -20.89 1.24
C ASN C 155 -14.49 -20.87 0.39
N PRO C 156 -14.48 -21.55 -0.76
CA PRO C 156 -15.60 -22.21 -1.45
C PRO C 156 -15.65 -23.74 -1.34
N ASN C 157 -14.69 -24.37 -0.68
CA ASN C 157 -14.68 -25.85 -0.67
C ASN C 157 -15.67 -26.46 0.32
N GLY C 158 -16.15 -25.65 1.27
CA GLY C 158 -17.12 -26.13 2.23
C GLY C 158 -16.53 -27.12 3.22
N GLY C 159 -15.26 -26.93 3.56
CA GLY C 159 -14.58 -27.79 4.51
C GLY C 159 -14.56 -27.32 5.96
N LEU C 160 -14.90 -28.23 6.88
CA LEU C 160 -14.88 -27.97 8.33
C LEU C 160 -13.47 -28.00 8.91
N ILE C 161 -13.30 -27.37 10.06
CA ILE C 161 -12.06 -27.44 10.82
C ILE C 161 -12.05 -28.65 11.74
N ASN C 162 -11.21 -29.63 11.45
CA ASN C 162 -11.02 -30.77 12.35
C ASN C 162 -10.74 -30.24 13.75
N LYS C 163 -11.62 -30.56 14.69
CA LYS C 163 -11.54 -30.03 16.04
C LYS C 163 -10.33 -30.62 16.75
N GLU C 164 -10.14 -31.93 16.59
CA GLU C 164 -9.03 -32.61 17.23
C GLU C 164 -7.68 -32.04 16.78
N LYS C 165 -7.46 -32.00 15.47
CA LYS C 165 -6.23 -31.47 14.88
C LYS C 165 -6.00 -30.01 15.22
N PHE C 166 -7.11 -29.28 15.40
CA PHE C 166 -7.05 -27.83 15.59
C PHE C 166 -6.92 -27.47 17.06
N ILE C 167 -7.17 -28.44 17.94
CA ILE C 167 -7.01 -28.20 19.39
C ILE C 167 -5.58 -27.74 19.70
N HIS C 168 -4.60 -28.28 18.99
CA HIS C 168 -3.22 -27.87 19.16
C HIS C 168 -3.06 -26.41 18.80
N VAL C 169 -3.76 -26.00 17.74
CA VAL C 169 -3.70 -24.63 17.28
C VAL C 169 -4.29 -23.68 18.31
N LEU C 170 -5.36 -24.10 18.97
CA LEU C 170 -6.00 -23.28 19.99
C LEU C 170 -5.17 -23.18 21.25
N LYS C 171 -4.55 -24.29 21.65
CA LYS C 171 -3.73 -24.28 22.85
C LYS C 171 -2.50 -23.39 22.68
N LEU C 172 -1.95 -23.34 21.46
CA LEU C 172 -0.85 -22.45 21.19
C LEU C 172 -1.29 -20.99 21.16
N ALA C 173 -2.37 -20.71 20.46
CA ALA C 173 -2.88 -19.34 20.43
C ALA C 173 -3.17 -18.86 21.86
N GLU C 174 -4.02 -19.58 22.57
CA GLU C 174 -4.30 -19.29 23.96
C GLU C 174 -3.01 -18.97 24.70
N GLU C 175 -2.05 -19.88 24.58
CA GLU C 175 -0.77 -19.76 25.26
C GLU C 175 0.00 -18.50 24.86
N LYS C 176 -0.10 -18.11 23.60
CA LYS C 176 0.72 -17.03 23.09
C LYS C 176 0.01 -15.67 23.02
N LYS C 178 -2.46 -14.96 21.17
CA LYS C 178 -2.82 -14.74 19.77
C LYS C 178 -4.35 -14.84 19.61
N THR C 179 -4.90 -14.22 18.57
CA THR C 179 -6.35 -14.22 18.36
C THR C 179 -6.73 -14.95 17.09
N ILE C 180 -7.42 -16.08 17.23
CA ILE C 180 -7.91 -16.78 16.06
C ILE C 180 -9.39 -16.41 15.81
N ILE C 181 -9.69 -16.07 14.57
CA ILE C 181 -11.04 -15.67 14.16
C ILE C 181 -11.64 -16.78 13.30
N ILE C 182 -12.75 -17.35 13.74
CA ILE C 182 -13.38 -18.40 12.96
C ILE C 182 -14.68 -17.93 12.34
N ASP C 183 -14.73 -17.94 11.00
CA ASP C 183 -15.91 -17.53 10.25
C ASP C 183 -16.92 -18.68 10.07
N GLU C 184 -17.93 -18.69 10.91
CA GLU C 184 -18.91 -19.77 10.87
C GLU C 184 -20.29 -19.37 10.30
N ALA C 185 -20.29 -18.51 9.28
CA ALA C 185 -21.54 -18.02 8.68
C ALA C 185 -22.44 -19.13 8.15
N PHE C 186 -21.85 -20.25 7.75
CA PHE C 186 -22.59 -21.34 7.15
C PHE C 186 -22.75 -22.50 8.12
N ILE C 187 -22.11 -22.40 9.28
CA ILE C 187 -21.99 -23.56 10.18
C ILE C 187 -23.32 -24.15 10.60
N GLU C 188 -24.41 -23.42 10.37
CA GLU C 188 -25.73 -23.93 10.74
C GLU C 188 -26.24 -25.00 9.78
N PHE C 189 -25.68 -25.03 8.59
CA PHE C 189 -26.07 -25.99 7.55
C PHE C 189 -25.52 -27.40 7.82
N THR C 190 -24.67 -27.54 8.84
CA THR C 190 -24.19 -28.86 9.21
C THR C 190 -25.19 -29.56 10.14
N GLY C 191 -25.70 -28.81 11.11
CA GLY C 191 -26.66 -29.33 12.06
C GLY C 191 -26.03 -29.82 13.35
N ASP C 192 -24.72 -30.07 13.29
CA ASP C 192 -23.96 -30.57 14.42
C ASP C 192 -23.24 -29.43 15.13
N PRO C 193 -23.62 -29.16 16.39
CA PRO C 193 -23.04 -28.11 17.24
C PRO C 193 -21.56 -28.34 17.57
N SER C 194 -21.10 -29.57 17.37
CA SER C 194 -19.69 -29.88 17.58
C SER C 194 -18.85 -29.44 16.38
N SER C 195 -19.53 -29.00 15.32
CA SER C 195 -18.88 -28.45 14.14
C SER C 195 -18.44 -27.01 14.36
N SER C 196 -19.24 -26.28 15.14
CA SER C 196 -18.85 -24.94 15.54
C SER C 196 -18.03 -24.98 16.82
N PHE C 197 -17.10 -24.05 16.92
CA PHE C 197 -16.25 -23.91 18.09
C PHE C 197 -16.94 -23.04 19.13
N VAL C 198 -18.23 -22.75 18.94
CA VAL C 198 -18.94 -21.96 19.93
C VAL C 198 -18.84 -22.61 21.32
N GLY C 199 -18.86 -23.95 21.35
CA GLY C 199 -18.80 -24.67 22.60
C GLY C 199 -17.41 -24.72 23.22
N GLU C 200 -16.43 -24.07 22.59
CA GLU C 200 -15.06 -24.04 23.11
C GLU C 200 -14.63 -22.62 23.45
N ILE C 201 -15.60 -21.70 23.43
CA ILE C 201 -15.35 -20.28 23.65
C ILE C 201 -14.92 -19.97 25.10
N LYS C 202 -15.47 -20.74 26.04
CA LYS C 202 -15.16 -20.55 27.45
C LYS C 202 -13.78 -21.12 27.82
N ASN C 203 -13.29 -22.06 27.02
CA ASN C 203 -11.98 -22.65 27.26
C ASN C 203 -10.86 -21.86 26.61
N TYR C 204 -11.21 -21.09 25.57
CA TYR C 204 -10.24 -20.27 24.84
C TYR C 204 -10.76 -18.87 24.55
N SER C 205 -10.15 -17.85 25.14
CA SER C 205 -10.44 -16.49 24.70
C SER C 205 -9.36 -15.97 23.73
N CYS C 206 -8.79 -16.90 22.96
CA CYS C 206 -8.09 -16.56 21.73
C CYS C 206 -9.14 -16.61 20.63
N LEU C 207 -10.19 -17.35 20.92
CA LEU C 207 -11.26 -17.61 19.97
C LEU C 207 -12.16 -16.41 19.73
N PHE C 208 -12.36 -16.11 18.46
CA PHE C 208 -13.36 -15.14 18.07
C PHE C 208 -14.17 -15.75 16.91
N ILE C 209 -15.47 -15.89 17.12
CA ILE C 209 -16.38 -16.53 16.17
C ILE C 209 -17.33 -15.52 15.50
N ILE C 210 -17.51 -15.66 14.19
CA ILE C 210 -18.46 -14.85 13.44
C ILE C 210 -19.64 -15.73 12.98
N ARG C 211 -20.85 -15.25 13.27
CA ARG C 211 -22.07 -15.93 12.87
C ARG C 211 -22.94 -14.93 12.11
N ALA C 212 -23.95 -15.43 11.40
CA ALA C 212 -24.81 -14.56 10.61
C ALA C 212 -26.17 -15.21 10.45
N MET C 213 -27.19 -14.39 10.30
CA MET C 213 -28.54 -14.87 10.08
C MET C 213 -28.77 -14.90 8.57
N THR C 214 -27.83 -14.31 7.85
CA THR C 214 -27.94 -14.06 6.42
C THR C 214 -28.14 -15.31 5.55
N LYS C 215 -27.25 -16.27 5.70
CA LYS C 215 -27.22 -17.43 4.83
C LYS C 215 -28.25 -18.47 5.23
N PHE C 216 -28.17 -18.90 6.48
CA PHE C 216 -29.05 -19.94 7.00
C PHE C 216 -30.51 -19.52 7.24
N PHE C 217 -30.70 -18.27 7.63
CA PHE C 217 -32.03 -17.78 7.95
C PHE C 217 -32.65 -16.98 6.81
N ALA C 218 -31.98 -17.00 5.65
CA ALA C 218 -32.46 -16.49 4.35
C ALA C 218 -32.79 -15.00 4.24
N MET C 219 -32.19 -14.19 5.11
CA MET C 219 -32.53 -12.78 5.14
C MET C 219 -31.30 -11.89 4.98
N PRO C 220 -30.72 -11.88 3.75
CA PRO C 220 -29.57 -11.00 3.47
C PRO C 220 -29.95 -9.52 3.41
N GLY C 221 -31.21 -9.23 3.13
CA GLY C 221 -31.67 -7.86 3.03
C GLY C 221 -31.79 -7.17 4.37
N ILE C 222 -31.72 -7.96 5.44
CA ILE C 222 -31.92 -7.42 6.79
C ILE C 222 -30.60 -6.92 7.44
N ARG C 223 -29.48 -7.42 6.94
CA ARG C 223 -28.16 -7.00 7.42
C ARG C 223 -27.94 -7.31 8.88
N PHE C 224 -27.77 -8.58 9.22
CA PHE C 224 -27.45 -8.94 10.60
C PHE C 224 -26.46 -10.08 10.81
N GLY C 225 -25.24 -9.72 11.20
CA GLY C 225 -24.26 -10.69 11.63
C GLY C 225 -23.81 -10.42 13.06
N TYR C 226 -23.20 -11.41 13.71
CA TYR C 226 -22.77 -11.24 15.11
C TYR C 226 -21.44 -11.93 15.43
N GLY C 227 -20.68 -11.34 16.35
CA GLY C 227 -19.43 -11.90 16.82
C GLY C 227 -19.56 -12.38 18.26
N ILE C 228 -18.93 -13.51 18.59
CA ILE C 228 -19.07 -14.17 19.89
C ILE C 228 -17.70 -14.48 20.47
N THR C 229 -17.42 -14.02 21.69
CA THR C 229 -16.11 -14.28 22.29
C THR C 229 -16.11 -14.19 23.82
N ASN C 230 -15.18 -14.89 24.45
CA ASN C 230 -15.05 -14.83 25.90
C ASN C 230 -14.16 -13.67 26.30
N ASN C 231 -13.43 -13.16 25.32
CA ASN C 231 -12.52 -12.04 25.54
C ASN C 231 -13.28 -10.70 25.55
N LYS C 232 -14.00 -10.42 26.64
CA LYS C 232 -14.76 -9.18 26.77
C LYS C 232 -14.04 -7.92 26.30
N GLU C 233 -12.71 -7.88 26.42
CA GLU C 233 -11.99 -6.67 26.05
C GLU C 233 -11.89 -6.46 24.54
N ILE C 234 -11.71 -7.53 23.79
CA ILE C 234 -11.68 -7.41 22.34
C ILE C 234 -13.03 -6.95 21.83
N ALA C 235 -14.10 -7.54 22.35
CA ALA C 235 -15.43 -7.09 21.94
C ALA C 235 -15.60 -5.60 22.27
N ALA C 236 -15.05 -5.19 23.41
CA ALA C 236 -15.06 -3.80 23.79
C ALA C 236 -14.32 -2.96 22.75
N LYS C 237 -13.14 -3.43 22.33
CA LYS C 237 -12.33 -2.72 21.34
C LYS C 237 -13.09 -2.49 20.03
N ILE C 238 -13.80 -3.52 19.60
CA ILE C 238 -14.55 -3.48 18.34
C ILE C 238 -15.75 -2.56 18.45
N LYS C 239 -16.37 -2.54 19.63
CA LYS C 239 -17.53 -1.68 19.89
C LYS C 239 -17.12 -0.21 19.92
N ALA C 240 -15.86 0.06 20.24
CA ALA C 240 -15.36 1.42 20.22
C ALA C 240 -15.22 1.93 18.79
N LYS C 241 -15.27 1.01 17.83
CA LYS C 241 -15.10 1.36 16.43
C LYS C 241 -16.45 1.59 15.74
N GLN C 242 -17.50 1.08 16.36
CA GLN C 242 -18.82 1.13 15.75
C GLN C 242 -19.60 2.37 16.14
N ASN C 243 -20.58 2.71 15.30
CA ASN C 243 -21.53 3.77 15.61
C ASN C 243 -22.74 3.20 16.36
N PRO C 244 -23.25 3.93 17.35
CA PRO C 244 -24.44 3.50 18.09
C PRO C 244 -25.64 3.30 17.19
N TRP C 245 -26.59 2.49 17.66
CA TRP C 245 -27.70 1.99 16.84
C TRP C 245 -27.28 1.62 15.42
N ASN C 246 -26.38 0.66 15.28
CA ASN C 246 -26.00 0.14 13.95
C ASN C 246 -26.96 -0.93 13.42
N ILE C 247 -27.96 -1.30 14.23
CA ILE C 247 -28.87 -2.39 13.91
C ILE C 247 -30.31 -1.93 13.85
N ASN C 248 -30.93 -2.06 12.67
CA ASN C 248 -32.31 -1.58 12.48
C ASN C 248 -33.28 -2.39 13.32
N CYS C 249 -34.55 -2.00 13.32
CA CYS C 249 -35.58 -2.62 14.15
C CYS C 249 -36.04 -3.97 13.62
N PHE C 250 -35.95 -4.17 12.31
CA PHE C 250 -36.32 -5.45 11.73
C PHE C 250 -35.23 -6.48 11.99
N ALA C 251 -33.99 -6.10 11.74
CA ALA C 251 -32.86 -6.93 12.11
C ALA C 251 -32.98 -7.28 13.57
N GLU C 252 -33.29 -6.28 14.39
CA GLU C 252 -33.52 -6.50 15.81
C GLU C 252 -34.65 -7.51 16.03
N MET C 253 -35.84 -7.20 15.49
CA MET C 253 -36.99 -8.08 15.69
C MET C 253 -36.71 -9.50 15.20
N ALA C 254 -35.82 -9.60 14.20
CA ALA C 254 -35.47 -10.90 13.65
C ALA C 254 -34.71 -11.75 14.68
N ALA C 255 -33.51 -11.31 15.04
CA ALA C 255 -32.66 -12.02 15.99
C ALA C 255 -33.47 -12.53 17.16
N ILE C 256 -34.38 -11.69 17.62
CA ILE C 256 -35.19 -11.93 18.81
C ILE C 256 -36.20 -13.06 18.65
N ASN C 257 -36.84 -13.17 17.48
CA ASN C 257 -37.93 -14.14 17.27
C ASN C 257 -37.60 -15.32 16.34
N CYS C 258 -36.50 -15.22 15.59
CA CYS C 258 -36.20 -16.15 14.50
C CYS C 258 -35.12 -17.14 14.86
N LEU C 259 -34.19 -16.73 15.72
CA LEU C 259 -33.20 -17.66 16.22
C LEU C 259 -33.90 -18.72 17.06
N LYS C 260 -35.05 -18.33 17.61
CA LYS C 260 -35.85 -19.20 18.45
C LYS C 260 -36.65 -20.17 17.60
N ASP C 261 -36.51 -20.05 16.29
CA ASP C 261 -37.42 -20.72 15.37
C ASP C 261 -37.01 -22.17 15.09
N THR C 262 -37.25 -23.03 16.09
CA THR C 262 -36.82 -24.44 16.03
C THR C 262 -37.32 -25.19 14.81
N ASN C 263 -38.58 -24.97 14.45
CA ASN C 263 -39.18 -25.69 13.32
C ASN C 263 -38.59 -25.26 11.98
N TYR C 264 -38.27 -23.98 11.88
CA TYR C 264 -37.58 -23.48 10.70
C TYR C 264 -36.21 -24.13 10.57
N ILE C 265 -35.54 -24.33 11.70
CA ILE C 265 -34.21 -24.92 11.70
C ILE C 265 -34.23 -26.42 11.48
N GLU C 266 -35.25 -27.12 11.98
CA GLU C 266 -35.34 -28.56 11.75
C GLU C 266 -35.63 -28.87 10.28
N GLU C 267 -36.51 -28.08 9.68
CA GLU C 267 -36.93 -28.29 8.30
C GLU C 267 -35.80 -27.97 7.31
N SER C 268 -35.01 -26.95 7.65
CA SER C 268 -33.85 -26.58 6.85
C SER C 268 -32.85 -27.70 6.83
N LEU C 269 -32.48 -28.20 8.00
CA LEU C 269 -31.63 -29.40 8.16
C LEU C 269 -32.13 -30.65 7.41
N LEU C 270 -33.43 -30.86 7.47
CA LEU C 270 -34.06 -31.95 6.75
C LEU C 270 -33.73 -31.85 5.25
N TRP C 271 -33.66 -30.62 4.73
CA TRP C 271 -33.39 -30.37 3.31
C TRP C 271 -31.96 -30.65 2.82
N ILE C 272 -30.94 -29.97 3.36
CA ILE C 272 -29.57 -30.22 2.89
C ILE C 272 -29.01 -31.60 3.23
N LYS C 273 -29.33 -32.15 4.40
CA LYS C 273 -28.87 -33.50 4.72
C LYS C 273 -29.17 -34.39 3.53
N LYS C 274 -30.40 -34.30 3.06
CA LYS C 274 -30.90 -35.06 1.91
C LYS C 274 -30.45 -34.57 0.53
N GLU C 275 -30.57 -33.27 0.28
CA GLU C 275 -30.27 -32.76 -1.06
C GLU C 275 -28.78 -32.63 -1.29
N ARG C 276 -28.06 -32.22 -0.25
CA ARG C 276 -26.60 -32.21 -0.39
C ARG C 276 -26.10 -33.53 -0.95
N LYS C 277 -26.29 -34.62 -0.20
CA LYS C 277 -25.84 -35.95 -0.66
C LYS C 277 -26.18 -36.29 -2.13
N ARG C 278 -27.46 -36.22 -2.47
CA ARG C 278 -27.95 -36.51 -3.82
C ARG C 278 -27.37 -35.56 -4.88
N PHE C 279 -27.61 -34.26 -4.74
CA PHE C 279 -27.05 -33.26 -5.65
C PHE C 279 -25.60 -33.60 -6.02
N ILE C 280 -24.82 -34.00 -5.02
CA ILE C 280 -23.41 -34.32 -5.27
C ILE C 280 -23.27 -35.58 -6.10
N GLU C 281 -24.09 -36.59 -5.84
CA GLU C 281 -24.06 -37.85 -6.60
C GLU C 281 -24.37 -37.61 -8.07
N GLU C 282 -25.35 -36.77 -8.33
CA GLU C 282 -25.65 -36.33 -9.69
C GLU C 282 -24.49 -35.59 -10.31
N LEU C 283 -23.89 -34.66 -9.56
CA LEU C 283 -22.75 -33.88 -10.06
C LEU C 283 -21.60 -34.78 -10.53
N ASN C 284 -21.39 -35.89 -9.84
CA ASN C 284 -20.33 -36.83 -10.17
C ASN C 284 -20.58 -37.56 -11.51
N LYS C 285 -21.85 -37.66 -11.89
CA LYS C 285 -22.25 -38.30 -13.15
C LYS C 285 -22.14 -37.37 -14.36
N ILE C 286 -21.65 -36.14 -14.14
CA ILE C 286 -21.52 -35.16 -15.24
C ILE C 286 -20.09 -35.12 -15.80
N GLY C 287 -19.97 -35.31 -17.10
CA GLY C 287 -18.69 -35.51 -17.76
C GLY C 287 -17.59 -34.50 -17.49
N PHE C 288 -17.91 -33.22 -17.62
CA PHE C 288 -16.94 -32.15 -17.41
C PHE C 288 -16.66 -31.91 -15.93
N ILE C 289 -17.46 -32.54 -15.06
CA ILE C 289 -17.20 -32.52 -13.63
C ILE C 289 -16.12 -33.56 -13.30
N LYS C 290 -14.87 -33.11 -13.31
CA LYS C 290 -13.72 -33.98 -13.06
C LYS C 290 -13.60 -34.39 -11.60
N ARG C 291 -13.90 -33.45 -10.69
CA ARG C 291 -13.93 -33.75 -9.27
C ARG C 291 -14.93 -32.89 -8.50
N VAL C 292 -15.49 -33.45 -7.44
CA VAL C 292 -16.35 -32.70 -6.53
C VAL C 292 -15.77 -32.75 -5.12
N PHE C 293 -15.41 -31.58 -4.59
CA PHE C 293 -14.91 -31.49 -3.23
C PHE C 293 -16.05 -31.55 -2.21
N SER C 294 -15.91 -32.45 -1.24
CA SER C 294 -16.93 -32.72 -0.22
C SER C 294 -17.28 -31.52 0.67
N PRO C 295 -18.53 -31.04 0.56
CA PRO C 295 -19.03 -29.82 1.22
C PRO C 295 -19.74 -30.12 2.53
N HIS C 296 -19.86 -29.16 3.42
CA HIS C 296 -20.68 -29.36 4.60
C HIS C 296 -21.71 -28.29 4.82
N ALA C 297 -21.81 -27.36 3.89
CA ALA C 297 -22.75 -26.29 3.99
C ALA C 297 -23.78 -26.36 2.89
N ASN C 298 -23.95 -25.28 2.12
CA ASN C 298 -24.95 -25.32 1.05
C ASN C 298 -24.40 -24.87 -0.32
N PHE C 299 -23.14 -25.22 -0.59
CA PHE C 299 -22.51 -24.94 -1.88
C PHE C 299 -21.48 -26.02 -2.07
N VAL C 300 -20.96 -26.14 -3.29
CA VAL C 300 -20.01 -27.19 -3.64
C VAL C 300 -18.97 -26.75 -4.68
N LEU C 301 -17.69 -27.04 -4.41
CA LEU C 301 -16.60 -26.69 -5.32
C LEU C 301 -16.16 -27.87 -6.22
N CYS C 302 -16.28 -27.66 -7.53
CA CYS C 302 -15.97 -28.68 -8.53
C CYS C 302 -14.76 -28.31 -9.40
N ARG C 303 -13.98 -29.32 -9.76
CA ARG C 303 -12.88 -29.15 -10.71
C ARG C 303 -13.33 -29.63 -12.09
N LEU C 304 -13.13 -28.81 -13.11
CA LEU C 304 -13.62 -29.10 -14.47
C LEU C 304 -12.54 -29.67 -15.38
N GLU C 305 -13.01 -30.29 -16.47
CA GLU C 305 -12.15 -30.91 -17.48
C GLU C 305 -12.78 -30.70 -18.85
N ASN C 306 -11.98 -30.28 -19.84
CA ASN C 306 -12.44 -30.15 -21.23
C ASN C 306 -13.43 -29.02 -21.47
N ILE C 307 -13.36 -27.99 -20.63
CA ILE C 307 -14.18 -26.79 -20.71
C ILE C 307 -13.69 -25.87 -19.61
N SER C 308 -13.75 -24.57 -19.83
CA SER C 308 -13.30 -23.62 -18.82
C SER C 308 -14.50 -23.15 -18.01
N GLY C 309 -14.24 -22.53 -16.87
CA GLY C 309 -15.30 -21.93 -16.07
C GLY C 309 -16.00 -20.84 -16.86
N GLU C 310 -15.21 -20.04 -17.57
CA GLU C 310 -15.78 -18.95 -18.36
C GLU C 310 -16.77 -19.49 -19.38
N LYS C 311 -16.36 -20.55 -20.08
CA LYS C 311 -17.14 -21.14 -21.17
C LYS C 311 -18.44 -21.77 -20.67
N LEU C 312 -18.32 -22.55 -19.59
CA LEU C 312 -19.49 -23.06 -18.88
C LEU C 312 -20.36 -21.91 -18.37
N TYR C 313 -19.73 -20.92 -17.71
CA TYR C 313 -20.45 -19.75 -17.21
C TYR C 313 -21.27 -19.07 -18.31
N ASP C 314 -20.59 -18.71 -19.40
CA ASP C 314 -21.25 -17.97 -20.49
C ASP C 314 -22.39 -18.82 -21.05
N SER C 315 -22.15 -20.13 -21.10
CA SER C 315 -23.14 -21.10 -21.54
C SER C 315 -24.40 -21.12 -20.69
N LEU C 316 -24.23 -21.31 -19.39
CA LEU C 316 -25.37 -21.41 -18.50
C LEU C 316 -26.12 -20.08 -18.48
N LEU C 317 -25.36 -18.99 -18.46
CA LEU C 317 -25.93 -17.64 -18.44
C LEU C 317 -27.03 -17.59 -19.49
N LYS C 318 -26.77 -18.22 -20.63
CA LYS C 318 -27.69 -18.25 -21.77
C LYS C 318 -29.02 -18.90 -21.41
N GLU C 319 -28.97 -19.82 -20.46
CA GLU C 319 -30.16 -20.50 -19.99
C GLU C 319 -30.67 -19.81 -18.72
N ASP C 320 -30.16 -18.61 -18.47
CA ASP C 320 -30.54 -17.83 -17.29
C ASP C 320 -30.09 -18.51 -16.01
N ILE C 321 -28.92 -19.12 -16.07
CA ILE C 321 -28.37 -19.79 -14.91
C ILE C 321 -27.00 -19.22 -14.62
N VAL C 322 -26.82 -18.74 -13.39
CA VAL C 322 -25.58 -18.14 -12.97
C VAL C 322 -24.80 -19.13 -12.10
N ILE C 323 -23.51 -19.26 -12.36
CA ILE C 323 -22.61 -19.97 -11.44
C ILE C 323 -21.57 -18.98 -10.96
N ARG C 324 -20.73 -19.39 -10.02
CA ARG C 324 -19.64 -18.55 -9.53
C ARG C 324 -18.30 -19.06 -10.09
N ARG C 325 -17.67 -18.24 -10.94
CA ARG C 325 -16.33 -18.53 -11.40
C ARG C 325 -15.36 -18.30 -10.25
N CYS C 326 -14.56 -19.33 -9.96
CA CYS C 326 -13.64 -19.30 -8.83
C CYS C 326 -12.29 -18.75 -9.26
N CYS C 327 -12.18 -18.45 -10.54
CA CYS C 327 -11.03 -17.80 -11.13
C CYS C 327 -10.28 -16.89 -10.14
N ASN C 328 -11.02 -16.05 -9.41
CA ASN C 328 -10.42 -15.03 -8.53
C ASN C 328 -10.25 -15.37 -7.04
N PHE C 329 -10.42 -16.63 -6.66
CA PHE C 329 -9.99 -17.08 -5.34
C PHE C 329 -8.48 -17.32 -5.41
N ILE C 330 -7.75 -16.96 -4.35
CA ILE C 330 -6.31 -17.17 -4.34
C ILE C 330 -6.00 -18.65 -4.12
N GLY C 331 -5.28 -19.26 -5.05
CA GLY C 331 -5.01 -20.68 -5.00
C GLY C 331 -5.79 -21.47 -6.04
N LEU C 332 -6.92 -20.91 -6.49
CA LEU C 332 -7.74 -21.55 -7.52
C LEU C 332 -7.59 -20.84 -8.86
N ASP C 333 -7.93 -21.53 -9.93
CA ASP C 333 -7.92 -20.96 -11.28
C ASP C 333 -9.28 -21.15 -11.95
N ASP C 334 -9.34 -21.10 -13.28
CA ASP C 334 -10.63 -21.19 -13.96
C ASP C 334 -11.08 -22.60 -14.35
N SER C 335 -10.41 -23.63 -13.83
CA SER C 335 -10.94 -24.98 -13.98
C SER C 335 -11.88 -25.28 -12.82
N PHE C 336 -11.82 -24.44 -11.79
CA PHE C 336 -12.69 -24.55 -10.63
C PHE C 336 -13.91 -23.66 -10.72
N VAL C 337 -15.04 -24.16 -10.23
CA VAL C 337 -16.26 -23.37 -10.12
C VAL C 337 -16.99 -23.79 -8.88
N ARG C 338 -17.87 -22.91 -8.38
CA ARG C 338 -18.67 -23.19 -7.19
C ARG C 338 -20.16 -23.11 -7.51
N PHE C 339 -20.93 -24.07 -7.02
CA PHE C 339 -22.37 -24.07 -7.25
C PHE C 339 -23.09 -24.04 -5.91
N ALA C 340 -24.21 -23.33 -5.85
CA ALA C 340 -25.07 -23.37 -4.66
C ALA C 340 -25.73 -24.74 -4.56
N ILE C 341 -26.39 -24.98 -3.44
CA ILE C 341 -27.24 -26.16 -3.29
C ILE C 341 -28.58 -25.69 -2.76
N LYS C 342 -29.62 -25.79 -3.58
CA LYS C 342 -30.93 -25.31 -3.20
C LYS C 342 -31.84 -26.51 -3.04
N ASP C 343 -33.14 -26.30 -3.23
CA ASP C 343 -34.13 -27.36 -3.06
C ASP C 343 -34.05 -28.35 -4.21
N GLU C 344 -34.63 -29.54 -4.06
CA GLU C 344 -34.52 -30.56 -5.10
C GLU C 344 -34.91 -30.08 -6.50
N LYS C 345 -36.05 -29.40 -6.58
CA LYS C 345 -36.61 -29.02 -7.88
C LYS C 345 -35.69 -28.12 -8.71
N LYS C 346 -35.23 -27.03 -8.10
CA LYS C 346 -34.32 -26.10 -8.74
C LYS C 346 -33.01 -26.77 -9.13
N ASN C 347 -32.53 -27.65 -8.25
CA ASN C 347 -31.27 -28.37 -8.47
C ASN C 347 -31.33 -29.23 -9.72
N THR C 348 -32.50 -29.81 -9.99
CA THR C 348 -32.69 -30.67 -11.16
C THR C 348 -32.81 -29.89 -12.48
N LYS C 349 -33.31 -28.67 -12.40
CA LYS C 349 -33.35 -27.78 -13.56
C LYS C 349 -31.91 -27.37 -13.83
N PHE C 350 -31.18 -27.11 -12.76
CA PHE C 350 -29.75 -26.82 -12.84
C PHE C 350 -28.99 -28.01 -13.46
N LEU C 351 -29.23 -29.21 -12.96
CA LEU C 351 -28.49 -30.38 -13.41
C LEU C 351 -28.84 -30.73 -14.85
N ARG C 352 -30.12 -30.63 -15.20
CA ARG C 352 -30.55 -30.91 -16.56
C ARG C 352 -29.93 -29.92 -17.55
N ALA C 353 -29.47 -28.78 -17.05
CA ALA C 353 -28.78 -27.84 -17.92
C ALA C 353 -27.33 -28.28 -18.10
N LEU C 354 -26.68 -28.62 -17.00
CA LEU C 354 -25.28 -29.09 -17.02
C LEU C 354 -25.12 -30.22 -18.01
N LYS C 355 -26.14 -31.09 -18.07
CA LYS C 355 -26.16 -32.22 -18.97
C LYS C 355 -26.27 -31.80 -20.45
N GLY C 356 -26.94 -30.66 -20.70
CA GLY C 356 -27.09 -30.13 -22.05
C GLY C 356 -25.82 -29.48 -22.58
N VAL C 357 -25.03 -28.95 -21.67
CA VAL C 357 -23.71 -28.44 -22.03
C VAL C 357 -22.81 -29.63 -22.38
N GLU C 358 -22.91 -30.67 -21.54
CA GLU C 358 -22.14 -31.91 -21.68
C GLU C 358 -22.42 -32.55 -23.02
N ASN C 359 -23.71 -32.55 -23.38
CA ASN C 359 -24.21 -33.06 -24.66
C ASN C 359 -23.62 -32.34 -25.86
N ASN C 360 -23.59 -31.02 -25.77
CA ASN C 360 -23.14 -30.20 -26.88
C ASN C 360 -21.62 -30.12 -26.91
N LEU C 361 -20.98 -30.80 -25.96
CA LEU C 361 -19.54 -30.85 -25.91
C LEU C 361 -19.04 -32.09 -26.67
N LEU D 28 -45.51 7.94 28.83
CA LEU D 28 -44.64 9.05 29.17
C LEU D 28 -44.74 10.14 28.10
N LEU D 29 -44.58 11.39 28.51
CA LEU D 29 -44.49 12.48 27.54
C LEU D 29 -43.02 12.87 27.36
N ASP D 30 -42.46 12.49 26.22
CA ASP D 30 -41.04 12.66 25.99
C ASP D 30 -40.73 13.89 25.14
N TYR D 31 -40.62 15.03 25.81
CA TYR D 31 -40.32 16.29 25.15
C TYR D 31 -38.83 16.53 25.11
N SER D 32 -38.07 15.43 25.25
CA SER D 32 -36.63 15.45 25.00
C SER D 32 -36.35 14.87 23.61
N SER D 33 -37.37 14.23 23.03
CA SER D 33 -37.24 13.57 21.73
C SER D 33 -38.05 14.28 20.65
N ASN D 34 -37.40 14.70 19.57
CA ASN D 34 -38.07 15.49 18.55
C ASN D 34 -38.35 14.73 17.27
N ILE D 35 -38.98 13.57 17.39
CA ILE D 35 -39.40 12.82 16.21
C ILE D 35 -40.77 13.29 15.74
N ASN D 36 -40.96 13.40 14.43
CA ASN D 36 -42.26 13.77 13.84
C ASN D 36 -43.38 12.93 14.48
N PRO D 37 -44.37 13.61 15.09
CA PRO D 37 -45.40 12.95 15.89
C PRO D 37 -46.49 12.26 15.07
N LEU D 38 -46.58 12.62 13.79
CA LEU D 38 -47.70 12.20 12.95
C LEU D 38 -47.72 10.70 12.57
N GLY D 39 -46.67 9.98 12.97
CA GLY D 39 -46.55 8.57 12.64
C GLY D 39 -45.85 8.25 11.32
N ILE D 40 -45.96 6.99 10.90
CA ILE D 40 -45.29 6.50 9.70
C ILE D 40 -45.90 7.05 8.40
N PRO D 41 -45.05 7.38 7.42
CA PRO D 41 -45.57 7.69 6.08
C PRO D 41 -46.39 6.51 5.59
N LYS D 42 -47.63 6.74 5.17
CA LYS D 42 -48.48 5.62 4.80
C LYS D 42 -47.86 4.86 3.63
N SER D 43 -47.07 5.56 2.82
CA SER D 43 -46.40 4.91 1.70
C SER D 43 -45.50 3.75 2.17
N PHE D 44 -45.01 3.83 3.40
CA PHE D 44 -44.23 2.72 3.92
C PHE D 44 -45.11 1.51 4.18
N LEU D 45 -46.07 1.64 5.08
CA LEU D 45 -46.99 0.56 5.38
C LEU D 45 -47.66 0.09 4.08
N ASN D 46 -47.75 0.99 3.12
CA ASN D 46 -48.41 0.72 1.84
C ASN D 46 -47.54 -0.05 0.86
N ASN D 47 -46.25 -0.05 1.11
CA ASN D 47 -45.30 -0.76 0.26
C ASN D 47 -44.54 -1.79 1.08
N ILE D 48 -45.20 -2.37 2.07
CA ILE D 48 -44.52 -3.30 2.96
C ILE D 48 -43.99 -4.54 2.23
N ASP D 49 -44.79 -5.08 1.30
CA ASP D 49 -44.46 -6.31 0.59
C ASP D 49 -43.17 -6.20 -0.20
N GLU D 50 -42.90 -5.01 -0.73
CA GLU D 50 -41.69 -4.78 -1.51
C GLU D 50 -40.43 -4.93 -0.64
N GLY D 51 -40.57 -4.71 0.66
CA GLY D 51 -39.44 -4.78 1.57
C GLY D 51 -39.20 -6.17 2.14
N ILE D 52 -40.24 -7.00 2.08
CA ILE D 52 -40.21 -8.37 2.61
C ILE D 52 -39.79 -9.35 1.51
N LYS D 53 -40.19 -9.03 0.29
CA LYS D 53 -39.68 -9.67 -0.91
C LYS D 53 -38.16 -9.55 -1.01
N ASN D 54 -37.65 -8.37 -0.67
CA ASN D 54 -36.22 -8.11 -0.82
C ASN D 54 -35.43 -8.62 0.38
N LEU D 55 -36.13 -9.17 1.35
CA LEU D 55 -35.48 -9.80 2.50
C LEU D 55 -34.46 -10.82 2.03
N GLY D 56 -34.87 -11.62 1.05
CA GLY D 56 -34.12 -12.78 0.63
C GLY D 56 -32.99 -12.52 -0.34
N VAL D 57 -32.76 -11.26 -0.67
CA VAL D 57 -31.65 -10.91 -1.57
C VAL D 57 -30.75 -9.79 -1.04
N TYR D 58 -29.50 -9.78 -1.50
CA TYR D 58 -28.64 -8.61 -1.31
C TYR D 58 -29.16 -7.48 -2.21
N PRO D 59 -29.29 -6.27 -1.66
CA PRO D 59 -29.77 -5.18 -2.51
C PRO D 59 -28.75 -4.88 -3.59
N ASP D 60 -29.19 -4.21 -4.65
CA ASP D 60 -28.28 -3.62 -5.63
C ASP D 60 -27.17 -2.94 -4.83
N VAL D 61 -25.96 -3.51 -4.87
CA VAL D 61 -24.84 -2.90 -4.16
C VAL D 61 -24.59 -1.47 -4.65
N ASN D 62 -25.21 -1.13 -5.78
CA ASN D 62 -25.13 0.21 -6.35
C ASN D 62 -26.31 1.05 -5.87
N TYR D 63 -27.22 0.41 -5.14
CA TYR D 63 -28.43 1.06 -4.65
C TYR D 63 -28.93 2.10 -5.66
N ARG D 64 -29.15 1.66 -6.89
CA ARG D 64 -29.48 2.54 -8.02
C ARG D 64 -30.86 3.20 -7.97
N ARG D 65 -31.90 2.41 -7.72
CA ARG D 65 -33.23 2.98 -7.50
C ARG D 65 -33.20 3.89 -6.27
N LEU D 66 -32.37 3.51 -5.30
CA LEU D 66 -32.26 4.28 -4.07
C LEU D 66 -31.70 5.66 -4.38
N ASN D 67 -30.60 5.69 -5.14
CA ASN D 67 -29.99 6.94 -5.59
C ASN D 67 -30.88 7.76 -6.53
N LYS D 68 -31.62 7.08 -7.39
CA LYS D 68 -32.54 7.77 -8.28
C LYS D 68 -33.51 8.50 -7.37
N SER D 69 -34.07 7.77 -6.42
CA SER D 69 -35.04 8.33 -5.49
C SER D 69 -34.56 9.66 -4.88
N ILE D 70 -33.32 9.70 -4.42
CA ILE D 70 -32.82 10.88 -3.72
C ILE D 70 -32.66 12.09 -4.66
N GLU D 71 -32.04 11.87 -5.82
CA GLU D 71 -31.86 12.94 -6.79
C GLU D 71 -33.21 13.55 -7.16
N ASN D 72 -34.17 12.69 -7.47
CA ASN D 72 -35.51 13.15 -7.81
C ASN D 72 -36.05 14.02 -6.68
N TYR D 73 -35.94 13.50 -5.46
CA TYR D 73 -36.43 14.17 -4.27
C TYR D 73 -35.83 15.56 -4.17
N LEU D 74 -34.51 15.61 -4.03
CA LEU D 74 -33.78 16.85 -3.96
C LEU D 74 -33.81 17.69 -5.23
N LYS D 75 -34.35 17.12 -6.31
CA LYS D 75 -34.36 17.76 -7.62
C LYS D 75 -32.95 17.96 -8.17
N LEU D 76 -32.04 17.03 -7.89
CA LEU D 76 -30.66 17.16 -8.34
C LEU D 76 -30.22 16.09 -9.33
N LYS D 77 -29.15 16.38 -10.07
CA LYS D 77 -28.51 15.40 -10.93
C LYS D 77 -26.98 15.53 -10.88
N ASP D 78 -26.29 14.39 -11.01
CA ASP D 78 -24.85 14.37 -11.25
C ASP D 78 -24.08 14.77 -9.99
N ILE D 79 -24.54 14.26 -8.86
CA ILE D 79 -23.92 14.57 -7.57
C ILE D 79 -23.27 13.36 -6.93
N GLY D 80 -22.57 13.59 -5.82
CA GLY D 80 -22.09 12.51 -4.99
C GLY D 80 -23.07 12.33 -3.84
N ILE D 81 -23.61 11.11 -3.71
CA ILE D 81 -24.52 10.76 -2.62
C ILE D 81 -23.90 9.70 -1.72
N VAL D 82 -23.85 9.95 -0.42
CA VAL D 82 -23.37 8.94 0.53
C VAL D 82 -24.55 8.44 1.35
N LEU D 83 -24.67 7.12 1.47
CA LEU D 83 -25.75 6.52 2.24
C LEU D 83 -25.27 5.95 3.57
N GLY D 84 -25.97 6.31 4.64
CA GLY D 84 -25.55 5.95 5.97
C GLY D 84 -26.61 5.19 6.71
N ASN D 85 -26.14 4.25 7.52
CA ASN D 85 -26.96 3.52 8.47
C ASN D 85 -27.28 4.51 9.58
N GLY D 86 -28.20 5.43 9.30
CA GLY D 86 -28.46 6.57 10.16
C GLY D 86 -27.45 7.66 9.87
N ALA D 87 -27.94 8.88 9.69
CA ALA D 87 -27.07 10.04 9.41
C ALA D 87 -25.95 10.19 10.45
N SER D 88 -26.13 9.57 11.60
CA SER D 88 -25.08 9.51 12.61
C SER D 88 -23.78 9.01 11.99
N GLU D 89 -23.92 8.04 11.07
CA GLU D 89 -22.78 7.41 10.42
C GLU D 89 -22.10 8.40 9.47
N ILE D 90 -22.92 9.18 8.78
CA ILE D 90 -22.43 10.12 7.79
C ILE D 90 -21.68 11.30 8.45
N ILE D 91 -22.13 11.68 9.65
CA ILE D 91 -21.44 12.69 10.46
C ILE D 91 -20.05 12.21 10.92
N GLU D 92 -19.97 10.96 11.34
CA GLU D 92 -18.70 10.38 11.79
C GLU D 92 -17.70 10.21 10.64
N LEU D 93 -18.19 9.73 9.49
CA LEU D 93 -17.36 9.56 8.31
C LEU D 93 -16.91 10.90 7.75
N SER D 94 -17.80 11.88 7.78
CA SER D 94 -17.48 13.19 7.25
C SER D 94 -16.45 13.90 8.14
N ILE D 95 -16.70 13.90 9.44
CA ILE D 95 -15.73 14.49 10.36
C ILE D 95 -14.35 13.85 10.14
N SER D 96 -14.32 12.51 10.14
CA SER D 96 -13.08 11.73 10.13
C SER D 96 -12.10 12.03 9.00
N LEU D 97 -12.66 12.34 7.83
CA LEU D 97 -11.88 12.79 6.69
C LEU D 97 -10.82 13.84 7.07
N PHE D 98 -10.93 14.43 8.26
CA PHE D 98 -10.18 15.65 8.56
C PHE D 98 -9.20 15.61 9.71
N GLU D 99 -8.38 16.66 9.76
CA GLU D 99 -7.33 16.84 10.76
C GLU D 99 -7.79 17.80 11.88
N LYS D 100 -8.40 18.91 11.49
CA LYS D 100 -8.80 19.96 12.41
C LYS D 100 -10.14 20.55 12.01
N ILE D 101 -11.14 20.45 12.88
CA ILE D 101 -12.47 20.89 12.51
C ILE D 101 -13.01 21.98 13.43
N LEU D 102 -13.65 22.98 12.82
CA LEU D 102 -14.32 24.05 13.53
C LEU D 102 -15.76 23.65 13.80
N ILE D 103 -16.15 23.60 15.07
CA ILE D 103 -17.49 23.21 15.42
C ILE D 103 -18.19 24.37 16.10
N ILE D 104 -19.26 24.83 15.47
CA ILE D 104 -20.12 25.85 16.05
C ILE D 104 -20.82 25.25 17.27
N VAL D 105 -20.98 26.06 18.31
CA VAL D 105 -21.39 25.56 19.62
C VAL D 105 -22.31 26.60 20.30
N PRO D 106 -23.39 26.13 20.98
CA PRO D 106 -23.75 24.74 21.24
C PRO D 106 -24.29 24.09 19.98
N SER D 107 -24.13 22.78 19.87
CA SER D 107 -24.70 22.04 18.76
C SER D 107 -24.78 20.58 19.17
N TYR D 108 -25.43 19.78 18.33
CA TYR D 108 -25.53 18.34 18.53
C TYR D 108 -24.26 17.77 19.16
N ALA D 109 -24.45 17.01 20.23
CA ALA D 109 -23.33 16.46 21.02
C ALA D 109 -22.44 15.55 20.21
N GLU D 110 -22.97 15.03 19.11
CA GLU D 110 -22.24 14.01 18.37
C GLU D 110 -21.07 14.58 17.54
N TYR D 111 -21.15 15.85 17.17
CA TYR D 111 -20.09 16.47 16.38
C TYR D 111 -18.75 16.34 17.10
N GLU D 112 -18.71 16.82 18.33
CA GLU D 112 -17.49 16.82 19.10
C GLU D 112 -17.11 15.38 19.46
N ILE D 113 -18.12 14.58 19.77
CA ILE D 113 -17.91 13.18 20.10
C ILE D 113 -17.12 12.49 18.99
N ASN D 114 -17.58 12.67 17.76
CA ASN D 114 -16.95 12.03 16.61
C ASN D 114 -15.60 12.65 16.28
N ALA D 115 -15.42 13.91 16.69
CA ALA D 115 -14.18 14.62 16.41
C ALA D 115 -13.05 14.12 17.29
N LYS D 116 -13.34 13.94 18.59
CA LYS D 116 -12.33 13.43 19.50
C LYS D 116 -12.34 11.91 19.59
N LYS D 117 -13.36 11.28 19.01
CA LYS D 117 -13.32 9.84 18.76
C LYS D 117 -12.33 9.51 17.65
N HIS D 118 -12.36 10.30 16.57
CA HIS D 118 -11.46 10.08 15.44
C HIS D 118 -10.18 10.91 15.53
N GLY D 119 -9.90 11.47 16.70
CA GLY D 119 -8.69 12.23 16.92
C GLY D 119 -8.57 13.55 16.16
N VAL D 120 -9.69 14.03 15.63
CA VAL D 120 -9.71 15.30 14.91
C VAL D 120 -9.68 16.46 15.92
N SER D 121 -8.68 17.33 15.80
CA SER D 121 -8.59 18.51 16.65
C SER D 121 -9.82 19.40 16.50
N VAL D 122 -10.30 19.94 17.61
CA VAL D 122 -11.50 20.76 17.56
C VAL D 122 -11.22 22.22 17.89
N VAL D 123 -11.84 23.09 17.10
CA VAL D 123 -11.88 24.52 17.33
C VAL D 123 -13.34 24.94 17.44
N PHE D 124 -13.66 25.66 18.51
CA PHE D 124 -15.04 26.10 18.76
C PHE D 124 -15.35 27.44 18.13
N SER D 125 -16.58 27.56 17.66
CA SER D 125 -17.12 28.84 17.22
C SER D 125 -18.44 29.01 17.98
N TYR D 126 -18.58 30.07 18.75
CA TYR D 126 -19.70 30.19 19.68
C TYR D 126 -20.86 30.99 19.14
N LEU D 127 -22.08 30.50 19.34
CA LEU D 127 -23.27 31.33 19.14
C LEU D 127 -23.30 32.46 20.17
N ASP D 128 -23.84 33.61 19.76
CA ASP D 128 -23.87 34.80 20.62
C ASP D 128 -25.02 34.81 21.63
N GLU D 129 -25.20 35.98 22.27
CA GLU D 129 -26.24 36.20 23.28
C GLU D 129 -27.62 35.78 22.81
N ASN D 130 -27.87 35.89 21.51
CA ASN D 130 -29.20 35.64 20.96
C ASN D 130 -29.30 34.30 20.24
N MET D 131 -28.23 33.52 20.32
CA MET D 131 -28.16 32.18 19.71
C MET D 131 -28.03 32.24 18.20
N CYS D 132 -27.63 33.40 17.70
CA CYS D 132 -27.28 33.56 16.29
C CYS D 132 -25.82 33.18 16.07
N ILE D 133 -25.51 32.88 14.82
CA ILE D 133 -24.17 32.46 14.41
C ILE D 133 -23.28 33.68 14.18
N ASP D 134 -22.08 33.66 14.75
CA ASP D 134 -21.11 34.73 14.53
C ASP D 134 -20.33 34.45 13.26
N TYR D 135 -20.89 34.91 12.14
CA TYR D 135 -20.30 34.63 10.82
C TYR D 135 -18.86 35.15 10.68
N GLU D 136 -18.61 36.36 11.19
CA GLU D 136 -17.27 36.94 11.19
C GLU D 136 -16.30 36.08 11.97
N ASP D 137 -16.80 35.49 13.05
CA ASP D 137 -15.97 34.65 13.89
C ASP D 137 -15.40 33.54 13.02
N ILE D 138 -16.31 32.82 12.37
CA ILE D 138 -15.98 31.78 11.39
C ILE D 138 -14.95 32.25 10.33
N ILE D 139 -15.21 33.40 9.70
CA ILE D 139 -14.31 33.91 8.67
C ILE D 139 -12.87 33.99 9.17
N SER D 140 -12.69 34.33 10.44
CA SER D 140 -11.36 34.51 11.02
C SER D 140 -10.65 33.18 11.29
N LYS D 141 -11.44 32.12 11.44
CA LYS D 141 -10.91 30.84 11.87
C LYS D 141 -10.70 29.86 10.71
N ILE D 142 -11.35 30.12 9.58
CA ILE D 142 -11.32 29.19 8.47
C ILE D 142 -9.90 28.77 8.09
N ASP D 143 -9.03 29.76 7.84
CA ASP D 143 -7.66 29.46 7.41
C ASP D 143 -7.01 28.37 8.25
N ASP D 144 -7.35 28.34 9.54
CA ASP D 144 -6.67 27.49 10.51
C ASP D 144 -7.36 26.14 10.75
N VAL D 145 -8.44 25.89 10.03
CA VAL D 145 -9.17 24.64 10.16
C VAL D 145 -9.34 24.01 8.78
N ASP D 146 -9.50 22.68 8.73
CA ASP D 146 -9.68 21.97 7.46
C ASP D 146 -11.12 21.83 7.04
N SER D 147 -12.03 21.97 8.00
CA SER D 147 -13.45 21.87 7.72
C SER D 147 -14.26 22.54 8.83
N VAL D 148 -15.58 22.47 8.70
CA VAL D 148 -16.49 23.20 9.56
C VAL D 148 -17.76 22.36 9.64
N ILE D 149 -18.32 22.19 10.82
CA ILE D 149 -19.62 21.51 10.95
C ILE D 149 -20.58 22.39 11.71
N ILE D 150 -21.80 22.49 11.18
CA ILE D 150 -22.78 23.46 11.62
C ILE D 150 -24.18 22.91 11.30
N GLY D 151 -25.16 23.25 12.14
CA GLY D 151 -26.52 22.74 12.01
C GLY D 151 -27.43 23.71 11.28
N ASN D 152 -28.46 23.17 10.64
CA ASN D 152 -29.34 23.97 9.80
C ASN D 152 -30.69 23.29 9.64
N PRO D 153 -31.63 23.51 10.59
CA PRO D 153 -31.49 24.32 11.79
C PRO D 153 -30.63 23.62 12.85
N ASN D 154 -30.07 24.39 13.78
CA ASN D 154 -29.19 23.85 14.80
C ASN D 154 -29.92 23.22 16.00
N ASN D 155 -29.30 22.21 16.61
CA ASN D 155 -29.70 21.70 17.91
C ASN D 155 -28.78 22.31 18.99
N PRO D 156 -29.36 22.96 20.01
CA PRO D 156 -30.77 22.92 20.39
C PRO D 156 -31.60 24.13 20.01
N ASN D 157 -31.00 25.18 19.46
CA ASN D 157 -31.70 26.46 19.33
C ASN D 157 -32.75 26.54 18.25
N GLY D 158 -32.64 25.71 17.21
CA GLY D 158 -33.61 25.75 16.12
C GLY D 158 -33.39 26.83 15.04
N GLY D 159 -32.33 27.63 15.20
CA GLY D 159 -32.06 28.68 14.24
C GLY D 159 -31.45 28.16 12.95
N LEU D 160 -31.93 28.68 11.81
CA LEU D 160 -31.37 28.33 10.51
C LEU D 160 -30.10 29.14 10.27
N ILE D 161 -29.30 28.75 9.29
CA ILE D 161 -28.17 29.57 8.85
C ILE D 161 -28.70 30.62 7.86
N ASN D 162 -28.35 31.88 8.06
CA ASN D 162 -28.73 32.93 7.11
C ASN D 162 -27.89 32.84 5.84
N LYS D 163 -28.49 32.32 4.78
CA LYS D 163 -27.79 32.06 3.54
C LYS D 163 -27.09 33.29 2.97
N GLU D 164 -27.69 34.46 3.15
CA GLU D 164 -27.07 35.69 2.67
C GLU D 164 -25.75 35.97 3.40
N LYS D 165 -25.73 35.71 4.71
CA LYS D 165 -24.54 35.98 5.51
C LYS D 165 -23.49 34.88 5.32
N PHE D 166 -23.96 33.69 4.98
CA PHE D 166 -23.11 32.52 4.95
C PHE D 166 -22.46 32.28 3.59
N ILE D 167 -22.96 32.94 2.54
CA ILE D 167 -22.36 32.84 1.21
C ILE D 167 -20.89 33.26 1.28
N HIS D 168 -20.65 34.29 2.07
CA HIS D 168 -19.29 34.79 2.29
C HIS D 168 -18.38 33.69 2.80
N VAL D 169 -18.91 32.81 3.63
CA VAL D 169 -18.09 31.73 4.17
C VAL D 169 -17.85 30.65 3.10
N LEU D 170 -18.90 30.25 2.39
CA LEU D 170 -18.76 29.28 1.31
C LEU D 170 -17.76 29.78 0.25
N LYS D 171 -17.87 31.06 -0.12
CA LYS D 171 -16.91 31.68 -1.04
C LYS D 171 -15.45 31.42 -0.62
N LEU D 172 -15.12 31.78 0.61
CA LEU D 172 -13.75 31.68 1.10
C LEU D 172 -13.32 30.23 1.35
N ALA D 173 -14.27 29.39 1.79
CA ALA D 173 -13.96 27.97 2.00
C ALA D 173 -13.75 27.26 0.66
N GLU D 174 -14.50 27.69 -0.35
CA GLU D 174 -14.34 27.19 -1.71
C GLU D 174 -12.95 27.53 -2.26
N GLU D 175 -12.58 28.80 -2.16
CA GLU D 175 -11.26 29.24 -2.63
C GLU D 175 -10.11 28.52 -1.92
N LYS D 176 -10.21 28.37 -0.60
CA LYS D 176 -9.13 27.77 0.18
C LYS D 176 -9.28 26.25 0.33
N LYS D 177 -10.31 25.68 -0.28
CA LYS D 177 -10.53 24.25 -0.45
C LYS D 177 -10.68 23.55 0.89
N LYS D 178 -11.41 24.15 1.78
CA LYS D 178 -11.86 23.54 3.01
C LYS D 178 -13.27 22.98 2.77
N THR D 179 -13.70 22.06 3.61
CA THR D 179 -15.03 21.47 3.45
C THR D 179 -15.95 21.99 4.55
N ILE D 180 -17.13 22.49 4.17
CA ILE D 180 -18.07 22.91 5.16
C ILE D 180 -19.25 21.96 5.15
N ILE D 181 -19.35 21.18 6.22
CA ILE D 181 -20.38 20.17 6.41
C ILE D 181 -21.63 20.79 7.00
N ILE D 182 -22.73 20.74 6.27
CA ILE D 182 -23.99 21.22 6.81
C ILE D 182 -24.88 20.08 7.28
N ASP D 183 -25.20 20.08 8.58
CA ASP D 183 -26.10 19.08 9.15
C ASP D 183 -27.55 19.51 9.00
N GLU D 184 -28.27 18.89 8.08
CA GLU D 184 -29.63 19.32 7.77
C GLU D 184 -30.69 18.33 8.23
N ALA D 185 -30.45 17.76 9.40
CA ALA D 185 -31.31 16.72 9.98
C ALA D 185 -32.72 17.23 10.28
N PHE D 186 -32.87 18.53 10.48
CA PHE D 186 -34.17 19.14 10.80
C PHE D 186 -34.64 20.14 9.76
N ILE D 187 -34.16 19.99 8.52
CA ILE D 187 -34.41 21.00 7.51
C ILE D 187 -35.80 20.86 6.89
N GLU D 188 -36.34 19.65 6.82
CA GLU D 188 -37.62 19.48 6.12
C GLU D 188 -38.82 19.92 6.95
N PHE D 189 -38.57 20.25 8.22
CA PHE D 189 -39.60 20.82 9.09
C PHE D 189 -39.94 22.27 8.69
N THR D 190 -38.95 23.02 8.21
CA THR D 190 -39.22 24.35 7.69
C THR D 190 -39.96 24.24 6.35
N GLY D 191 -39.85 23.06 5.73
CA GLY D 191 -40.54 22.72 4.49
C GLY D 191 -40.55 23.84 3.48
N ASP D 192 -39.38 24.44 3.24
CA ASP D 192 -39.16 25.66 2.45
C ASP D 192 -37.70 25.78 2.02
N PRO D 193 -37.45 25.56 0.75
CA PRO D 193 -36.18 25.10 0.24
C PRO D 193 -35.07 26.11 0.09
N SER D 194 -35.41 27.36 0.12
CA SER D 194 -34.42 28.35 0.10
C SER D 194 -33.55 28.16 1.35
N SER D 195 -34.16 27.61 2.35
CA SER D 195 -33.51 27.38 3.63
C SER D 195 -32.43 26.36 3.65
N SER D 196 -32.51 25.32 2.82
CA SER D 196 -31.46 24.34 2.70
C SER D 196 -30.40 24.78 1.74
N PHE D 197 -29.17 24.43 2.05
CA PHE D 197 -28.04 24.70 1.21
C PHE D 197 -27.86 23.64 0.14
N VAL D 198 -28.90 22.84 -0.12
CA VAL D 198 -28.81 21.90 -1.21
C VAL D 198 -28.80 22.70 -2.51
N GLY D 199 -29.39 23.89 -2.46
CA GLY D 199 -29.50 24.76 -3.62
C GLY D 199 -28.20 25.36 -4.13
N GLU D 200 -27.18 25.38 -3.28
CA GLU D 200 -25.87 25.92 -3.67
C GLU D 200 -24.81 24.83 -3.84
N ILE D 201 -25.23 23.57 -3.75
CA ILE D 201 -24.39 22.41 -4.01
C ILE D 201 -23.73 22.54 -5.39
N LYS D 202 -24.55 22.90 -6.38
CA LYS D 202 -24.06 23.14 -7.74
C LYS D 202 -23.11 24.32 -7.82
N ASN D 203 -23.30 25.29 -6.93
CA ASN D 203 -22.45 26.48 -6.86
C ASN D 203 -21.15 26.27 -6.09
N TYR D 204 -21.22 25.57 -4.97
CA TYR D 204 -20.09 25.42 -4.06
C TYR D 204 -19.72 23.95 -3.88
N SER D 205 -18.44 23.62 -4.11
CA SER D 205 -17.98 22.25 -4.00
C SER D 205 -17.56 21.89 -2.57
N CYS D 206 -17.23 22.91 -1.77
CA CYS D 206 -16.88 22.72 -0.36
C CYS D 206 -18.06 22.14 0.44
N LEU D 207 -19.26 22.25 -0.11
CA LEU D 207 -20.46 21.88 0.64
C LEU D 207 -20.76 20.38 0.73
N PHE D 208 -20.81 19.86 1.96
CA PHE D 208 -21.28 18.50 2.21
C PHE D 208 -22.59 18.52 3.03
N ILE D 209 -23.72 18.26 2.38
CA ILE D 209 -25.05 18.32 3.05
C ILE D 209 -25.48 16.94 3.58
N ILE D 210 -25.91 16.88 4.84
CA ILE D 210 -26.42 15.65 5.43
C ILE D 210 -27.93 15.74 5.70
N ARG D 211 -28.68 14.74 5.23
CA ARG D 211 -30.09 14.61 5.54
C ARG D 211 -30.34 13.30 6.24
N ALA D 212 -31.52 13.15 6.85
CA ALA D 212 -31.90 11.89 7.45
C ALA D 212 -33.38 11.67 7.18
N MET D 213 -33.86 10.47 7.52
CA MET D 213 -35.28 10.14 7.41
C MET D 213 -35.88 10.00 8.80
N THR D 214 -35.00 10.04 9.79
CA THR D 214 -35.35 9.82 11.19
C THR D 214 -36.36 10.81 11.76
N LYS D 215 -35.94 12.06 11.89
CA LYS D 215 -36.70 13.08 12.54
C LYS D 215 -38.01 13.35 11.81
N PHE D 216 -37.91 13.85 10.57
CA PHE D 216 -39.10 14.25 9.79
C PHE D 216 -40.00 13.11 9.28
N PHE D 217 -39.42 11.99 8.89
CA PHE D 217 -40.23 10.88 8.36
C PHE D 217 -40.59 9.86 9.45
N ALA D 218 -40.21 10.18 10.69
CA ALA D 218 -40.67 9.43 11.87
C ALA D 218 -40.27 7.96 11.86
N MET D 219 -39.03 7.69 11.46
CA MET D 219 -38.54 6.31 11.36
C MET D 219 -37.10 6.15 11.79
N PRO D 220 -36.79 6.43 13.07
CA PRO D 220 -35.42 6.24 13.58
C PRO D 220 -35.06 4.75 13.70
N GLY D 221 -36.07 3.89 13.78
CA GLY D 221 -35.83 2.45 13.81
C GLY D 221 -35.19 1.92 12.52
N ILE D 222 -35.43 2.59 11.40
CA ILE D 222 -34.95 2.11 10.11
C ILE D 222 -33.48 2.45 9.81
N ARG D 223 -32.94 3.43 10.55
CA ARG D 223 -31.51 3.74 10.50
C ARG D 223 -31.07 4.24 9.13
N PHE D 224 -31.73 5.27 8.61
CA PHE D 224 -31.37 5.78 7.28
C PHE D 224 -31.04 7.28 7.19
N GLY D 225 -29.83 7.58 6.67
CA GLY D 225 -29.43 8.94 6.36
C GLY D 225 -28.61 9.05 5.06
N TYR D 226 -28.32 10.28 4.63
CA TYR D 226 -27.57 10.50 3.38
C TYR D 226 -26.87 11.85 3.25
N GLY D 227 -25.67 11.83 2.66
CA GLY D 227 -24.92 13.05 2.40
C GLY D 227 -24.77 13.38 0.92
N ILE D 228 -24.85 14.66 0.57
CA ILE D 228 -24.78 15.13 -0.81
C ILE D 228 -23.65 16.13 -1.03
N THR D 229 -22.90 15.97 -2.13
CA THR D 229 -21.85 16.91 -2.52
C THR D 229 -21.84 16.99 -4.03
N ASN D 230 -21.42 18.12 -4.58
CA ASN D 230 -21.06 18.12 -5.98
C ASN D 230 -19.61 17.64 -6.12
N ASN D 231 -18.92 17.56 -4.99
CA ASN D 231 -17.53 17.12 -4.95
C ASN D 231 -17.43 15.60 -4.86
N LYS D 232 -17.00 14.98 -5.94
CA LYS D 232 -17.03 13.53 -6.03
C LYS D 232 -15.86 12.88 -5.30
N GLU D 233 -14.73 13.58 -5.26
CA GLU D 233 -13.58 13.06 -4.54
C GLU D 233 -13.89 12.86 -3.05
N ILE D 234 -14.68 13.76 -2.49
CA ILE D 234 -15.17 13.65 -1.12
C ILE D 234 -16.02 12.40 -0.93
N ALA D 235 -17.15 12.33 -1.65
CA ALA D 235 -18.03 11.16 -1.59
C ALA D 235 -17.30 9.82 -1.78
N ALA D 236 -16.41 9.78 -2.78
CA ALA D 236 -15.59 8.60 -3.03
C ALA D 236 -14.82 8.20 -1.78
N LYS D 237 -14.04 9.13 -1.26
CA LYS D 237 -13.28 8.90 -0.05
C LYS D 237 -14.15 8.33 1.07
N ILE D 238 -15.33 8.91 1.26
CA ILE D 238 -16.21 8.50 2.34
C ILE D 238 -16.77 7.09 2.12
N LYS D 239 -17.11 6.79 0.87
CA LYS D 239 -17.65 5.47 0.55
C LYS D 239 -16.59 4.40 0.71
N ALA D 240 -15.33 4.81 0.59
CA ALA D 240 -14.19 3.91 0.82
C ALA D 240 -14.19 3.37 2.26
N LYS D 241 -14.49 4.23 3.22
CA LYS D 241 -14.53 3.85 4.62
C LYS D 241 -15.75 3.01 4.98
N GLN D 242 -16.64 2.81 4.00
CA GLN D 242 -17.88 2.07 4.22
C GLN D 242 -17.86 0.61 3.72
N ASN D 243 -18.74 -0.20 4.30
CA ASN D 243 -18.97 -1.57 3.83
C ASN D 243 -20.04 -1.65 2.75
N PRO D 244 -19.83 -2.53 1.77
CA PRO D 244 -20.81 -2.81 0.72
C PRO D 244 -22.09 -3.33 1.36
N TRP D 245 -23.23 -3.04 0.76
CA TRP D 245 -24.53 -3.39 1.34
C TRP D 245 -24.74 -2.84 2.76
N ASN D 246 -24.67 -1.52 2.95
CA ASN D 246 -24.83 -0.95 4.29
C ASN D 246 -26.27 -0.52 4.63
N ILE D 247 -27.12 -0.50 3.62
CA ILE D 247 -28.51 -0.08 3.77
C ILE D 247 -29.38 -1.30 3.71
N ASN D 248 -30.21 -1.48 4.73
CA ASN D 248 -31.07 -2.66 4.75
C ASN D 248 -32.24 -2.48 3.77
N CYS D 249 -32.94 -3.56 3.47
CA CYS D 249 -33.97 -3.54 2.43
C CYS D 249 -35.21 -2.72 2.79
N PHE D 250 -35.44 -2.53 4.08
CA PHE D 250 -36.54 -1.73 4.58
C PHE D 250 -36.24 -0.24 4.51
N ALA D 251 -35.02 0.14 4.87
CA ALA D 251 -34.57 1.52 4.73
C ALA D 251 -34.60 1.91 3.27
N GLU D 252 -34.06 1.03 2.43
CA GLU D 252 -34.09 1.22 0.98
C GLU D 252 -35.50 1.45 0.47
N MET D 253 -36.40 0.50 0.72
CA MET D 253 -37.78 0.68 0.27
C MET D 253 -38.34 2.04 0.76
N ALA D 254 -37.98 2.40 1.99
CA ALA D 254 -38.42 3.65 2.60
C ALA D 254 -37.98 4.85 1.80
N ALA D 255 -36.67 4.96 1.58
CA ALA D 255 -36.12 6.04 0.76
C ALA D 255 -36.78 6.18 -0.62
N ILE D 256 -36.97 5.06 -1.31
CA ILE D 256 -37.49 5.09 -2.68
C ILE D 256 -38.98 5.40 -2.75
N ASN D 257 -39.70 5.07 -1.68
CA ASN D 257 -41.16 5.15 -1.67
C ASN D 257 -41.74 6.32 -0.89
N CYS D 258 -40.98 6.84 0.05
CA CYS D 258 -41.53 7.81 0.98
C CYS D 258 -41.02 9.24 0.81
N LEU D 259 -39.80 9.42 0.33
CA LEU D 259 -39.27 10.77 0.12
C LEU D 259 -40.23 11.58 -0.76
N LYS D 260 -41.08 10.88 -1.51
CA LYS D 260 -42.07 11.54 -2.36
C LYS D 260 -43.52 11.16 -2.02
N ASP D 261 -43.76 10.92 -0.74
CA ASP D 261 -45.13 10.91 -0.23
C ASP D 261 -45.50 12.34 0.12
N THR D 262 -46.05 13.05 -0.85
CA THR D 262 -46.35 14.46 -0.66
C THR D 262 -47.52 14.65 0.26
N ASN D 263 -48.42 13.66 0.31
CA ASN D 263 -49.50 13.68 1.29
C ASN D 263 -48.91 13.85 2.70
N TYR D 264 -47.92 13.01 3.00
CA TYR D 264 -47.25 13.05 4.30
C TYR D 264 -46.52 14.38 4.54
N ILE D 265 -45.77 14.84 3.55
CA ILE D 265 -45.06 16.13 3.68
C ILE D 265 -46.01 17.31 3.91
N GLU D 266 -46.98 17.49 3.02
CA GLU D 266 -47.92 18.59 3.14
C GLU D 266 -48.66 18.50 4.47
N GLU D 267 -49.12 17.31 4.80
CA GLU D 267 -49.77 17.04 6.07
C GLU D 267 -48.88 17.46 7.25
N SER D 268 -47.61 17.09 7.21
CA SER D 268 -46.71 17.40 8.31
C SER D 268 -46.37 18.89 8.38
N LEU D 269 -46.30 19.56 7.22
CA LEU D 269 -46.02 21.00 7.20
C LEU D 269 -47.22 21.84 7.67
N LEU D 270 -48.42 21.34 7.40
CA LEU D 270 -49.64 21.86 8.00
C LEU D 270 -49.45 21.79 9.52
N TRP D 271 -49.05 20.62 9.99
CA TRP D 271 -48.94 20.41 11.42
C TRP D 271 -48.02 21.43 12.13
N ILE D 272 -46.73 21.44 11.80
CA ILE D 272 -45.81 22.27 12.59
C ILE D 272 -45.97 23.77 12.44
N LYS D 273 -46.34 24.24 11.26
CA LYS D 273 -46.48 25.68 11.05
C LYS D 273 -47.56 26.24 11.97
N LYS D 274 -48.69 25.54 12.07
CA LYS D 274 -49.75 25.89 13.01
C LYS D 274 -49.26 25.78 14.44
N GLU D 275 -48.93 24.55 14.81
CA GLU D 275 -48.63 24.22 16.18
C GLU D 275 -47.33 24.84 16.68
N ARG D 276 -46.38 25.12 15.77
CA ARG D 276 -45.20 25.84 16.22
C ARG D 276 -45.63 27.19 16.77
N LYS D 277 -46.49 27.89 16.04
CA LYS D 277 -46.95 29.22 16.45
C LYS D 277 -47.78 29.22 17.74
N ARG D 278 -48.60 28.19 17.91
CA ARG D 278 -49.52 28.08 19.03
C ARG D 278 -48.75 27.78 20.30
N PHE D 279 -48.01 26.69 20.29
CA PHE D 279 -47.09 26.34 21.35
C PHE D 279 -46.26 27.55 21.82
N ILE D 280 -45.71 28.27 20.86
CA ILE D 280 -44.78 29.33 21.16
C ILE D 280 -45.50 30.47 21.86
N GLU D 281 -46.69 30.79 21.39
CA GLU D 281 -47.52 31.81 22.02
C GLU D 281 -47.73 31.46 23.47
N GLU D 282 -47.92 30.17 23.73
CA GLU D 282 -48.22 29.69 25.08
C GLU D 282 -47.03 29.70 26.05
N LEU D 283 -45.86 29.25 25.61
CA LEU D 283 -44.67 29.24 26.45
C LEU D 283 -44.30 30.66 26.82
N ASN D 284 -44.75 31.59 26.01
CA ASN D 284 -44.42 32.99 26.25
C ASN D 284 -45.35 33.57 27.31
N LYS D 285 -46.19 32.69 27.87
CA LYS D 285 -47.14 33.04 28.90
C LYS D 285 -46.74 32.46 30.26
N ILE D 286 -45.80 31.51 30.27
CA ILE D 286 -45.37 30.89 31.53
C ILE D 286 -44.35 31.81 32.21
N GLY D 287 -44.59 32.12 33.48
CA GLY D 287 -43.83 33.14 34.18
C GLY D 287 -42.35 32.90 34.36
N PHE D 288 -41.99 31.63 34.59
CA PHE D 288 -40.61 31.26 34.87
C PHE D 288 -39.82 30.98 33.59
N ILE D 289 -40.39 31.40 32.47
CA ILE D 289 -39.64 31.37 31.22
C ILE D 289 -39.31 32.79 30.78
N LYS D 290 -38.03 33.12 30.94
CA LYS D 290 -37.53 34.43 30.65
C LYS D 290 -37.47 34.63 29.15
N ARG D 291 -37.13 33.57 28.43
CA ARG D 291 -36.97 33.67 26.98
C ARG D 291 -37.28 32.39 26.22
N VAL D 292 -37.97 32.60 25.12
CA VAL D 292 -38.20 31.57 24.14
C VAL D 292 -37.50 31.99 22.83
N PHE D 293 -36.44 31.27 22.47
CA PHE D 293 -35.72 31.52 21.21
C PHE D 293 -36.52 31.00 20.00
N SER D 294 -36.48 31.75 18.90
CA SER D 294 -37.17 31.40 17.66
C SER D 294 -36.63 30.10 17.02
N PRO D 295 -37.50 29.07 16.90
CA PRO D 295 -37.17 27.73 16.39
C PRO D 295 -37.57 27.61 14.95
N HIS D 296 -36.87 26.82 14.16
CA HIS D 296 -37.32 26.62 12.79
C HIS D 296 -37.83 25.21 12.55
N ALA D 297 -37.71 24.37 13.56
CA ALA D 297 -38.17 22.99 13.46
C ALA D 297 -39.17 22.63 14.56
N ASN D 298 -39.07 21.40 15.06
CA ASN D 298 -40.06 20.85 15.99
C ASN D 298 -39.51 20.67 17.40
N PHE D 299 -38.58 21.54 17.77
CA PHE D 299 -38.10 21.61 19.13
C PHE D 299 -37.87 23.08 19.48
N VAL D 300 -37.98 23.40 20.76
CA VAL D 300 -37.88 24.80 21.19
C VAL D 300 -36.92 24.94 22.38
N LEU D 301 -36.01 25.91 22.28
CA LEU D 301 -35.07 26.17 23.36
C LEU D 301 -35.61 27.32 24.23
N CYS D 302 -35.56 27.17 25.55
CA CYS D 302 -35.97 28.24 26.46
C CYS D 302 -34.92 28.62 27.50
N ARG D 303 -34.96 29.87 27.92
CA ARG D 303 -34.18 30.37 29.06
C ARG D 303 -35.08 30.46 30.28
N LEU D 304 -34.76 29.72 31.33
CA LEU D 304 -35.57 29.73 32.55
C LEU D 304 -35.22 30.90 33.46
N GLU D 305 -36.20 31.31 34.28
CA GLU D 305 -36.02 32.35 35.29
C GLU D 305 -36.45 31.86 36.68
N ASN D 306 -35.60 32.05 37.69
CA ASN D 306 -35.98 31.70 39.06
C ASN D 306 -36.28 30.22 39.26
N ILE D 307 -36.03 29.42 38.24
CA ILE D 307 -35.98 27.97 38.39
C ILE D 307 -34.84 27.47 37.51
N SER D 308 -34.23 26.38 37.92
CA SER D 308 -33.17 25.79 37.13
C SER D 308 -33.72 24.60 36.34
N GLY D 309 -33.12 24.33 35.18
CA GLY D 309 -33.48 23.19 34.34
C GLY D 309 -33.47 21.89 35.12
N GLU D 310 -32.51 21.76 36.04
CA GLU D 310 -32.47 20.61 36.91
C GLU D 310 -33.75 20.57 37.72
N LYS D 311 -34.01 21.65 38.45
CA LYS D 311 -35.26 21.80 39.19
C LYS D 311 -36.46 21.45 38.30
N LEU D 312 -36.62 22.23 37.23
CA LEU D 312 -37.73 22.04 36.31
C LEU D 312 -37.83 20.60 35.77
N TYR D 313 -36.70 19.90 35.70
CA TYR D 313 -36.68 18.52 35.20
C TYR D 313 -37.31 17.53 36.18
N ASP D 314 -36.89 17.61 37.44
CA ASP D 314 -37.42 16.73 38.48
C ASP D 314 -38.92 16.92 38.66
N SER D 315 -39.34 18.18 38.64
CA SER D 315 -40.74 18.53 38.85
C SER D 315 -41.64 17.95 37.77
N LEU D 316 -41.20 18.06 36.52
CA LEU D 316 -41.94 17.48 35.40
C LEU D 316 -41.78 15.95 35.40
N LEU D 317 -40.65 15.46 35.90
CA LEU D 317 -40.37 14.03 35.79
C LEU D 317 -41.32 13.22 36.67
N LYS D 318 -41.92 13.88 37.66
CA LYS D 318 -42.96 13.25 38.47
C LYS D 318 -44.29 13.26 37.73
N GLU D 319 -44.47 14.27 36.87
CA GLU D 319 -45.66 14.36 36.01
C GLU D 319 -45.52 13.46 34.81
N ASP D 320 -44.53 12.57 34.85
CA ASP D 320 -44.25 11.71 33.72
C ASP D 320 -44.06 12.58 32.49
N ILE D 321 -43.12 13.51 32.59
CA ILE D 321 -42.74 14.35 31.46
C ILE D 321 -41.22 14.50 31.42
N VAL D 322 -40.62 14.15 30.29
CA VAL D 322 -39.18 14.27 30.12
C VAL D 322 -38.87 15.54 29.35
N ILE D 323 -37.87 16.30 29.79
CA ILE D 323 -37.46 17.47 29.02
C ILE D 323 -35.94 17.48 28.85
N ARG D 324 -35.45 18.03 27.75
CA ARG D 324 -34.01 18.05 27.51
C ARG D 324 -33.33 19.17 28.29
N ARG D 325 -32.56 18.81 29.32
CA ARG D 325 -31.66 19.78 29.96
C ARG D 325 -30.56 20.14 28.97
N CYS D 326 -30.26 21.44 28.85
CA CYS D 326 -29.21 21.87 27.94
C CYS D 326 -27.99 22.34 28.71
N CYS D 327 -27.93 21.90 29.96
CA CYS D 327 -26.79 22.14 30.81
C CYS D 327 -25.47 21.71 30.14
N ASN D 328 -25.48 20.55 29.47
CA ASN D 328 -24.26 19.97 28.89
C ASN D 328 -23.92 20.37 27.45
N PHE D 329 -24.79 21.14 26.80
CA PHE D 329 -24.42 21.76 25.54
C PHE D 329 -23.32 22.75 25.87
N ILE D 330 -22.21 22.69 25.14
CA ILE D 330 -21.15 23.67 25.30
C ILE D 330 -21.68 25.04 24.93
N GLY D 331 -21.40 26.03 25.78
CA GLY D 331 -21.87 27.39 25.55
C GLY D 331 -23.15 27.73 26.32
N LEU D 332 -23.70 26.73 27.00
CA LEU D 332 -24.96 26.88 27.71
C LEU D 332 -24.80 26.42 29.15
N ASP D 333 -25.83 26.65 29.96
CA ASP D 333 -25.82 26.26 31.36
C ASP D 333 -27.20 25.83 31.79
N ASP D 334 -27.37 25.54 33.09
CA ASP D 334 -28.63 24.96 33.58
C ASP D 334 -29.86 25.85 33.43
N SER D 335 -29.65 27.11 33.04
CA SER D 335 -30.75 28.03 32.79
C SER D 335 -31.32 27.91 31.39
N PHE D 336 -30.97 26.83 30.68
CA PHE D 336 -31.42 26.54 29.30
C PHE D 336 -32.02 25.15 29.21
N VAL D 337 -33.21 25.04 28.64
CA VAL D 337 -33.81 23.73 28.40
C VAL D 337 -34.48 23.65 27.01
N ARG D 338 -34.58 22.44 26.47
CA ARG D 338 -35.18 22.22 25.14
C ARG D 338 -36.40 21.28 25.21
N PHE D 339 -37.50 21.70 24.59
CA PHE D 339 -38.74 20.94 24.61
C PHE D 339 -39.11 20.57 23.20
N ALA D 340 -39.57 19.33 23.01
CA ALA D 340 -40.13 18.97 21.73
C ALA D 340 -41.32 19.86 21.39
N ILE D 341 -41.52 20.10 20.10
CA ILE D 341 -42.79 20.62 19.62
C ILE D 341 -43.58 19.42 19.11
N LYS D 342 -44.63 19.04 19.82
CA LYS D 342 -45.42 17.87 19.42
C LYS D 342 -46.83 18.22 18.97
N ASP D 343 -47.70 17.22 18.99
CA ASP D 343 -49.09 17.35 18.57
C ASP D 343 -49.84 18.40 19.39
N GLU D 344 -50.85 19.00 18.77
CA GLU D 344 -51.82 19.85 19.43
C GLU D 344 -52.20 19.27 20.79
N LYS D 345 -52.73 18.06 20.78
CA LYS D 345 -53.29 17.42 21.96
C LYS D 345 -52.24 17.18 23.05
N LYS D 346 -51.02 16.85 22.64
CA LYS D 346 -49.93 16.60 23.58
C LYS D 346 -49.41 17.89 24.21
N ASN D 347 -49.14 18.90 23.38
CA ASN D 347 -48.65 20.19 23.84
C ASN D 347 -49.58 20.80 24.88
N THR D 348 -50.85 20.44 24.79
CA THR D 348 -51.84 20.91 25.73
C THR D 348 -51.55 20.39 27.14
N LYS D 349 -51.45 19.08 27.29
CA LYS D 349 -51.13 18.46 28.56
C LYS D 349 -49.76 18.94 29.09
N PHE D 350 -48.85 19.23 28.18
CA PHE D 350 -47.50 19.73 28.52
C PHE D 350 -47.52 21.20 28.99
N LEU D 351 -48.21 22.05 28.25
CA LEU D 351 -48.31 23.46 28.63
C LEU D 351 -49.01 23.60 29.98
N ARG D 352 -49.82 22.61 30.33
CA ARG D 352 -50.50 22.58 31.63
C ARG D 352 -49.57 22.12 32.75
N ALA D 353 -48.73 21.14 32.46
CA ALA D 353 -47.70 20.74 33.41
C ALA D 353 -46.88 21.98 33.78
N LEU D 354 -46.56 22.75 32.74
CA LEU D 354 -45.85 24.02 32.87
C LEU D 354 -46.56 25.02 33.75
N LYS D 355 -47.82 25.29 33.44
CA LYS D 355 -48.61 26.21 34.25
C LYS D 355 -48.67 25.73 35.71
N GLY D 356 -48.50 24.43 35.92
CA GLY D 356 -48.50 23.86 37.26
C GLY D 356 -47.25 24.27 37.99
N VAL D 357 -46.10 24.08 37.35
CA VAL D 357 -44.82 24.44 37.92
C VAL D 357 -44.77 25.96 38.16
N GLU D 358 -45.47 26.72 37.34
CA GLU D 358 -45.50 28.17 37.50
C GLU D 358 -46.25 28.53 38.79
N ASN D 359 -47.30 27.78 39.08
CA ASN D 359 -48.09 27.97 40.29
C ASN D 359 -47.30 27.73 41.57
N ASN D 360 -46.67 26.56 41.63
CA ASN D 360 -46.02 26.15 42.87
C ASN D 360 -44.60 26.66 43.01
N LEU D 361 -44.19 27.53 42.12
CA LEU D 361 -42.87 28.16 42.22
C LEU D 361 -42.94 29.45 43.04
#